data_2KOB
#
_entry.id   2KOB
#
_entity_poly.entity_id   1
_entity_poly.type   'polypeptide(L)'
_entity_poly.pdbx_seq_one_letter_code
;RDSFGDWAEKFLKSKEADGVSVSQLNSYKNYCRNHLSPLYMKSLSEILPADIQSIINETKLAKNTLKAIRNTASQIFRLA
IENRAIDFNPADYVRIPKIALEHHHHHH
;
_entity_poly.pdbx_strand_id   A
#
# COMPACT_ATOMS: atom_id res chain seq x y z
N ARG A 1 -8.49 6.43 16.11
CA ARG A 1 -7.30 7.15 16.60
C ARG A 1 -6.01 6.58 16.01
N ASP A 2 -6.13 5.85 14.91
CA ASP A 2 -4.97 5.19 14.33
C ASP A 2 -4.68 5.71 12.93
N SER A 3 -3.63 6.51 12.81
CA SER A 3 -3.27 7.10 11.53
C SER A 3 -2.48 6.10 10.70
N PHE A 4 -2.68 6.13 9.39
CA PHE A 4 -1.96 5.25 8.49
C PHE A 4 -0.46 5.52 8.57
N GLY A 5 -0.12 6.79 8.75
CA GLY A 5 1.27 7.18 8.91
C GLY A 5 1.91 6.54 10.13
N ASP A 6 1.13 6.42 11.19
CA ASP A 6 1.59 5.79 12.42
C ASP A 6 1.99 4.35 12.17
N TRP A 7 1.07 3.58 11.59
CA TRP A 7 1.30 2.17 11.34
C TRP A 7 2.30 1.93 10.21
N ALA A 8 2.32 2.83 9.24
CA ALA A 8 3.29 2.74 8.17
C ALA A 8 4.71 2.90 8.71
N GLU A 9 4.89 3.87 9.58
CA GLU A 9 6.18 4.13 10.20
C GLU A 9 6.61 2.92 11.04
N LYS A 10 5.65 2.31 11.72
CA LYS A 10 5.91 1.11 12.50
C LYS A 10 6.26 -0.07 11.61
N PHE A 11 5.58 -0.17 10.47
CA PHE A 11 5.87 -1.21 9.50
C PHE A 11 7.29 -1.04 8.94
N LEU A 12 7.62 0.19 8.61
CA LEU A 12 8.96 0.54 8.15
C LEU A 12 10.01 0.11 9.18
N LYS A 13 9.80 0.52 10.43
CA LYS A 13 10.71 0.17 11.52
C LYS A 13 10.73 -1.35 11.73
N SER A 14 9.58 -1.98 11.58
CA SER A 14 9.47 -3.43 11.72
C SER A 14 10.38 -4.13 10.72
N LYS A 15 10.28 -3.76 9.46
CA LYS A 15 11.08 -4.41 8.42
C LYS A 15 12.55 -4.04 8.54
N GLU A 16 12.81 -2.85 9.05
CA GLU A 16 14.16 -2.40 9.33
C GLU A 16 14.80 -3.27 10.41
N ALA A 17 14.00 -3.64 11.40
CA ALA A 17 14.43 -4.53 12.47
C ALA A 17 14.38 -5.99 12.01
N ASP A 18 13.55 -6.28 11.01
CA ASP A 18 13.45 -7.62 10.45
C ASP A 18 14.73 -7.99 9.72
N GLY A 19 15.36 -7.00 9.12
CA GLY A 19 16.63 -7.23 8.47
C GLY A 19 16.53 -7.25 6.96
N VAL A 20 15.74 -6.34 6.41
CA VAL A 20 15.66 -6.20 4.96
C VAL A 20 16.75 -5.25 4.48
N SER A 21 17.10 -5.34 3.21
CA SER A 21 18.10 -4.46 2.63
C SER A 21 17.63 -3.01 2.70
N VAL A 22 18.57 -2.09 2.88
CA VAL A 22 18.26 -0.68 3.01
C VAL A 22 17.49 -0.17 1.78
N SER A 23 17.93 -0.59 0.61
CA SER A 23 17.24 -0.23 -0.63
C SER A 23 15.80 -0.74 -0.61
N GLN A 24 15.61 -1.94 -0.07
CA GLN A 24 14.29 -2.54 0.04
C GLN A 24 13.45 -1.78 1.06
N LEU A 25 14.06 -1.45 2.19
CA LEU A 25 13.38 -0.71 3.25
C LEU A 25 12.99 0.68 2.74
N ASN A 26 13.91 1.32 2.02
CA ASN A 26 13.65 2.63 1.42
C ASN A 26 12.54 2.55 0.37
N SER A 27 12.40 1.37 -0.24
CA SER A 27 11.33 1.15 -1.21
C SER A 27 9.97 1.26 -0.52
N TYR A 28 9.84 0.58 0.63
CA TYR A 28 8.62 0.64 1.42
C TYR A 28 8.31 2.08 1.82
N LYS A 29 9.34 2.78 2.29
CA LYS A 29 9.22 4.16 2.71
C LYS A 29 8.72 5.02 1.56
N ASN A 30 9.28 4.81 0.38
CA ASN A 30 8.91 5.57 -0.80
C ASN A 30 7.45 5.32 -1.18
N TYR A 31 7.02 4.06 -1.05
CA TYR A 31 5.65 3.71 -1.37
C TYR A 31 4.65 4.46 -0.50
N CYS A 32 4.89 4.47 0.81
CA CYS A 32 3.97 5.10 1.74
C CYS A 32 4.10 6.63 1.72
N ARG A 33 5.28 7.12 1.37
CA ARG A 33 5.56 8.55 1.39
C ARG A 33 5.04 9.26 0.14
N ASN A 34 5.25 8.63 -1.00
CA ASN A 34 4.93 9.26 -2.29
C ASN A 34 3.56 8.85 -2.79
N HIS A 35 3.35 7.55 -2.95
CA HIS A 35 2.11 7.05 -3.54
C HIS A 35 0.97 7.06 -2.53
N LEU A 36 1.23 6.52 -1.35
CA LEU A 36 0.21 6.46 -0.31
C LEU A 36 0.25 7.73 0.54
N SER A 37 0.80 8.80 -0.04
CA SER A 37 0.93 10.07 0.64
C SER A 37 -0.42 10.58 1.16
N PRO A 38 -1.49 10.58 0.33
CA PRO A 38 -2.83 10.97 0.79
C PRO A 38 -3.33 10.10 1.93
N LEU A 39 -2.94 8.83 1.93
CA LEU A 39 -3.36 7.89 2.96
C LEU A 39 -2.56 8.08 4.25
N TYR A 40 -1.29 8.46 4.09
CA TYR A 40 -0.37 8.61 5.21
C TYR A 40 -0.88 9.65 6.21
N MET A 41 -1.65 10.61 5.71
CA MET A 41 -2.19 11.67 6.56
C MET A 41 -3.60 11.34 7.04
N LYS A 42 -4.12 10.19 6.63
CA LYS A 42 -5.46 9.77 7.00
C LYS A 42 -5.41 8.75 8.11
N SER A 43 -6.54 8.57 8.78
CA SER A 43 -6.68 7.52 9.76
C SER A 43 -7.22 6.27 9.08
N LEU A 44 -7.01 5.11 9.68
CA LEU A 44 -7.44 3.85 9.10
C LEU A 44 -8.94 3.84 8.83
N SER A 45 -9.70 4.50 9.69
CA SER A 45 -11.14 4.55 9.55
C SER A 45 -11.55 5.56 8.47
N GLU A 46 -10.62 6.43 8.10
CA GLU A 46 -10.89 7.45 7.09
C GLU A 46 -10.39 7.00 5.72
N ILE A 47 -9.88 5.79 5.64
CA ILE A 47 -9.38 5.25 4.39
C ILE A 47 -10.44 4.39 3.72
N LEU A 48 -10.69 4.67 2.45
CA LEU A 48 -11.71 3.97 1.69
C LEU A 48 -11.06 2.97 0.75
N PRO A 49 -11.70 1.81 0.55
CA PRO A 49 -11.21 0.80 -0.38
C PRO A 49 -11.07 1.32 -1.81
N ALA A 50 -12.05 2.12 -2.24
CA ALA A 50 -12.02 2.70 -3.56
C ALA A 50 -11.04 3.87 -3.64
N ASP A 51 -10.69 4.41 -2.47
CA ASP A 51 -9.74 5.51 -2.38
C ASP A 51 -8.34 5.00 -2.70
N ILE A 52 -8.02 3.81 -2.18
CA ILE A 52 -6.77 3.14 -2.49
C ILE A 52 -6.73 2.76 -3.97
N GLN A 53 -7.87 2.31 -4.46
CA GLN A 53 -8.03 1.97 -5.88
C GLN A 53 -7.77 3.20 -6.75
N SER A 54 -8.10 4.37 -6.20
CA SER A 54 -7.88 5.64 -6.90
C SER A 54 -6.38 5.91 -7.03
N ILE A 55 -5.63 5.61 -5.97
CA ILE A 55 -4.17 5.77 -6.00
C ILE A 55 -3.56 4.92 -7.10
N ILE A 56 -4.10 3.71 -7.27
CA ILE A 56 -3.64 2.80 -8.30
C ILE A 56 -3.96 3.35 -9.69
N ASN A 57 -5.06 4.10 -9.79
CA ASN A 57 -5.46 4.72 -11.05
C ASN A 57 -4.50 5.85 -11.41
N GLU A 58 -4.07 6.60 -10.41
CA GLU A 58 -3.20 7.73 -10.63
C GLU A 58 -1.76 7.29 -10.83
N THR A 59 -1.38 6.19 -10.20
CA THR A 59 -0.05 5.65 -10.39
C THR A 59 0.01 4.87 -11.71
N LYS A 60 0.74 5.41 -12.66
CA LYS A 60 0.82 4.80 -13.98
C LYS A 60 2.22 4.25 -14.21
N LEU A 61 2.48 3.11 -13.59
CA LEU A 61 3.78 2.47 -13.68
C LEU A 61 3.61 1.01 -14.07
N ALA A 62 4.70 0.26 -14.09
CA ALA A 62 4.68 -1.15 -14.47
C ALA A 62 3.82 -1.98 -13.51
N LYS A 63 3.37 -3.14 -13.99
CA LYS A 63 2.50 -4.03 -13.23
C LYS A 63 3.12 -4.38 -11.88
N ASN A 64 4.38 -4.80 -11.91
CA ASN A 64 5.11 -5.19 -10.71
C ASN A 64 5.10 -4.08 -9.66
N THR A 65 5.26 -2.84 -10.12
CA THR A 65 5.29 -1.70 -9.22
C THR A 65 3.92 -1.46 -8.61
N LEU A 66 2.88 -1.52 -9.44
CA LEU A 66 1.51 -1.29 -8.98
C LEU A 66 1.12 -2.30 -7.90
N LYS A 67 1.44 -3.56 -8.13
CA LYS A 67 1.13 -4.61 -7.18
C LYS A 67 1.97 -4.46 -5.92
N ALA A 68 3.21 -4.04 -6.09
CA ALA A 68 4.12 -3.84 -4.96
C ALA A 68 3.56 -2.79 -4.00
N ILE A 69 3.01 -1.73 -4.56
CA ILE A 69 2.39 -0.67 -3.77
C ILE A 69 1.24 -1.24 -2.93
N ARG A 70 0.36 -1.99 -3.59
CA ARG A 70 -0.79 -2.57 -2.94
C ARG A 70 -0.34 -3.58 -1.89
N ASN A 71 0.60 -4.45 -2.25
CA ASN A 71 1.12 -5.47 -1.35
C ASN A 71 1.71 -4.84 -0.09
N THR A 72 2.42 -3.72 -0.27
CA THR A 72 2.98 -2.99 0.85
C THR A 72 1.87 -2.49 1.79
N ALA A 73 0.83 -1.90 1.19
CA ALA A 73 -0.30 -1.40 1.95
C ALA A 73 -0.99 -2.54 2.69
N SER A 74 -1.18 -3.66 2.01
CA SER A 74 -1.80 -4.84 2.61
C SER A 74 -1.06 -5.25 3.88
N GLN A 75 0.26 -5.30 3.82
CA GLN A 75 1.05 -5.71 4.97
C GLN A 75 0.90 -4.72 6.12
N ILE A 76 0.84 -3.43 5.79
CA ILE A 76 0.65 -2.39 6.80
C ILE A 76 -0.70 -2.53 7.48
N PHE A 77 -1.75 -2.73 6.68
CA PHE A 77 -3.09 -2.92 7.21
C PHE A 77 -3.16 -4.19 8.06
N ARG A 78 -2.45 -5.23 7.63
CA ARG A 78 -2.41 -6.48 8.38
C ARG A 78 -1.84 -6.27 9.78
N LEU A 79 -0.78 -5.47 9.85
CA LEU A 79 -0.18 -5.10 11.13
C LEU A 79 -1.22 -4.39 12.00
N ALA A 80 -1.96 -3.48 11.38
CA ALA A 80 -3.03 -2.77 12.07
C ALA A 80 -4.09 -3.74 12.56
N ILE A 81 -4.47 -4.69 11.71
CA ILE A 81 -5.42 -5.74 12.08
C ILE A 81 -4.89 -6.59 13.23
N GLU A 82 -3.58 -6.81 13.27
CA GLU A 82 -2.96 -7.56 14.36
C GLU A 82 -3.22 -6.90 15.71
N ASN A 83 -3.13 -5.58 15.74
CA ASN A 83 -3.43 -4.82 16.95
C ASN A 83 -4.91 -4.47 16.99
N ARG A 84 -5.62 -4.87 15.94
CA ARG A 84 -7.06 -4.68 15.83
C ARG A 84 -7.43 -3.19 15.75
N ALA A 85 -6.50 -2.40 15.23
CA ALA A 85 -6.74 -0.98 14.99
C ALA A 85 -7.79 -0.83 13.89
N ILE A 86 -7.64 -1.62 12.84
CA ILE A 86 -8.65 -1.70 11.80
C ILE A 86 -9.13 -3.15 11.70
N ASP A 87 -10.37 -3.33 11.27
CA ASP A 87 -11.02 -4.63 11.35
C ASP A 87 -10.92 -5.41 10.03
N PHE A 88 -10.39 -4.77 9.01
CA PHE A 88 -10.37 -5.39 7.68
C PHE A 88 -9.23 -4.82 6.84
N ASN A 89 -9.00 -5.42 5.69
CA ASN A 89 -7.92 -4.98 4.81
C ASN A 89 -8.48 -4.52 3.47
N PRO A 90 -8.70 -3.21 3.33
CA PRO A 90 -9.26 -2.62 2.11
C PRO A 90 -8.33 -2.75 0.91
N ALA A 91 -7.04 -2.93 1.19
CA ALA A 91 -6.04 -3.06 0.15
C ALA A 91 -6.18 -4.39 -0.57
N ASP A 92 -6.68 -5.40 0.14
CA ASP A 92 -6.87 -6.71 -0.44
C ASP A 92 -8.16 -6.75 -1.26
N TYR A 93 -8.96 -5.71 -1.12
CA TYR A 93 -10.16 -5.54 -1.91
C TYR A 93 -9.81 -4.79 -3.20
N VAL A 94 -8.65 -4.14 -3.19
CA VAL A 94 -8.16 -3.43 -4.36
C VAL A 94 -7.68 -4.42 -5.41
N ARG A 95 -8.13 -4.24 -6.63
CA ARG A 95 -7.73 -5.09 -7.73
C ARG A 95 -6.84 -4.31 -8.68
N ILE A 96 -5.84 -4.97 -9.23
CA ILE A 96 -4.92 -4.33 -10.16
C ILE A 96 -5.47 -4.44 -11.57
N PRO A 97 -5.79 -3.30 -12.20
CA PRO A 97 -6.40 -3.28 -13.53
C PRO A 97 -5.48 -3.87 -14.58
N LYS A 98 -6.01 -4.78 -15.39
CA LYS A 98 -5.24 -5.40 -16.44
C LYS A 98 -5.71 -4.91 -17.80
N ILE A 99 -5.47 -3.64 -18.07
CA ILE A 99 -5.80 -3.07 -19.36
C ILE A 99 -4.72 -3.47 -20.36
N ALA A 100 -4.95 -4.56 -21.05
CA ALA A 100 -3.94 -5.14 -21.91
C ALA A 100 -4.51 -5.57 -23.24
N LEU A 101 -4.06 -4.92 -24.30
CA LEU A 101 -4.43 -5.30 -25.63
C LEU A 101 -3.25 -5.98 -26.32
N GLU A 102 -3.54 -7.04 -27.05
CA GLU A 102 -2.51 -7.81 -27.74
C GLU A 102 -1.94 -6.99 -28.90
N HIS A 103 -2.75 -6.07 -29.42
CA HIS A 103 -2.28 -5.17 -30.45
C HIS A 103 -1.59 -3.97 -29.81
N HIS A 104 -0.50 -3.54 -30.41
CA HIS A 104 0.33 -2.48 -29.84
C HIS A 104 -0.35 -1.13 -30.03
N HIS A 105 -0.08 -0.19 -29.12
CA HIS A 105 -0.77 1.08 -29.09
C HIS A 105 -0.01 2.13 -29.90
N HIS A 106 0.78 2.95 -29.21
CA HIS A 106 1.60 3.96 -29.86
C HIS A 106 3.06 3.57 -29.73
N HIS A 107 3.43 3.18 -28.51
CA HIS A 107 4.74 2.60 -28.27
C HIS A 107 4.76 1.19 -28.83
N HIS A 108 5.59 0.97 -29.85
CA HIS A 108 5.69 -0.35 -30.45
C HIS A 108 6.36 -1.31 -29.46
N ARG A 1 -4.23 6.11 19.41
CA ARG A 1 -4.86 6.24 18.09
C ARG A 1 -3.81 6.15 16.99
N ASP A 2 -3.86 5.08 16.22
CA ASP A 2 -2.89 4.88 15.15
C ASP A 2 -3.46 5.29 13.81
N SER A 3 -2.78 6.21 13.15
CA SER A 3 -3.19 6.66 11.83
C SER A 3 -2.50 5.78 10.80
N PHE A 4 -2.77 6.03 9.52
CA PHE A 4 -2.11 5.26 8.47
C PHE A 4 -0.62 5.59 8.47
N GLY A 5 -0.30 6.82 8.83
CA GLY A 5 1.09 7.23 8.97
C GLY A 5 1.81 6.40 10.02
N ASP A 6 1.10 6.11 11.12
CA ASP A 6 1.66 5.30 12.20
C ASP A 6 1.98 3.90 11.70
N TRP A 7 1.06 3.32 10.95
CA TRP A 7 1.22 1.95 10.47
C TRP A 7 2.17 1.87 9.27
N ALA A 8 2.19 2.92 8.46
CA ALA A 8 3.13 3.00 7.36
C ALA A 8 4.55 3.03 7.90
N GLU A 9 4.75 3.84 8.94
CA GLU A 9 6.03 3.90 9.63
C GLU A 9 6.27 2.58 10.38
N LYS A 10 5.20 2.03 10.94
CA LYS A 10 5.28 0.76 11.67
C LYS A 10 5.83 -0.34 10.78
N PHE A 11 5.30 -0.39 9.56
CA PHE A 11 5.73 -1.40 8.58
C PHE A 11 7.20 -1.22 8.24
N LEU A 12 7.61 0.04 8.02
CA LEU A 12 9.01 0.35 7.75
C LEU A 12 9.89 -0.07 8.91
N LYS A 13 9.49 0.30 10.13
CA LYS A 13 10.23 -0.07 11.32
C LYS A 13 10.31 -1.60 11.46
N SER A 14 9.23 -2.28 11.12
CA SER A 14 9.18 -3.73 11.20
C SER A 14 10.22 -4.36 10.28
N LYS A 15 10.30 -3.85 9.05
CA LYS A 15 11.29 -4.36 8.09
C LYS A 15 12.70 -3.94 8.48
N GLU A 16 12.85 -2.69 8.89
CA GLU A 16 14.12 -2.15 9.31
C GLU A 16 14.71 -2.97 10.46
N ALA A 17 13.87 -3.28 11.44
CA ALA A 17 14.29 -4.04 12.60
C ALA A 17 14.38 -5.53 12.30
N ASP A 18 13.66 -5.97 11.28
CA ASP A 18 13.65 -7.37 10.88
C ASP A 18 15.02 -7.76 10.32
N GLY A 19 15.45 -7.02 9.32
CA GLY A 19 16.73 -7.29 8.69
C GLY A 19 16.67 -7.18 7.19
N VAL A 20 16.41 -5.98 6.70
CA VAL A 20 16.41 -5.74 5.26
C VAL A 20 17.46 -4.70 4.91
N SER A 21 17.87 -4.67 3.65
CA SER A 21 18.87 -3.71 3.20
C SER A 21 18.27 -2.31 3.15
N VAL A 22 19.14 -1.29 3.17
CA VAL A 22 18.70 0.10 3.17
C VAL A 22 17.86 0.40 1.93
N SER A 23 18.36 -0.04 0.78
CA SER A 23 17.67 0.15 -0.48
C SER A 23 16.28 -0.46 -0.42
N GLN A 24 16.19 -1.64 0.20
CA GLN A 24 14.93 -2.36 0.33
C GLN A 24 13.96 -1.58 1.21
N LEU A 25 14.46 -1.09 2.33
CA LEU A 25 13.65 -0.30 3.25
C LEU A 25 13.22 0.99 2.57
N ASN A 26 14.14 1.62 1.84
CA ASN A 26 13.84 2.85 1.11
C ASN A 26 12.85 2.59 -0.02
N SER A 27 12.77 1.34 -0.47
CA SER A 27 11.78 0.96 -1.47
C SER A 27 10.39 1.07 -0.87
N TYR A 28 10.21 0.49 0.32
CA TYR A 28 8.95 0.58 1.04
C TYR A 28 8.69 2.02 1.46
N LYS A 29 9.77 2.72 1.80
CA LYS A 29 9.71 4.12 2.17
C LYS A 29 9.15 4.96 1.02
N ASN A 30 9.62 4.67 -0.18
CA ASN A 30 9.15 5.34 -1.39
C ASN A 30 7.66 5.07 -1.62
N TYR A 31 7.22 3.87 -1.26
CA TYR A 31 5.82 3.52 -1.39
C TYR A 31 4.98 4.30 -0.39
N CYS A 32 5.28 4.12 0.89
CA CYS A 32 4.48 4.69 1.97
C CYS A 32 4.53 6.21 2.01
N ARG A 33 5.72 6.78 1.94
CA ARG A 33 5.87 8.22 2.11
C ARG A 33 5.46 8.99 0.86
N ASN A 34 5.96 8.56 -0.29
CA ASN A 34 5.78 9.32 -1.52
C ASN A 34 4.45 8.98 -2.20
N HIS A 35 4.18 7.69 -2.37
CA HIS A 35 3.03 7.24 -3.14
C HIS A 35 1.77 7.15 -2.28
N LEU A 36 1.91 6.67 -1.07
CA LEU A 36 0.78 6.53 -0.16
C LEU A 36 0.58 7.81 0.66
N SER A 37 1.12 8.91 0.14
CA SER A 37 1.04 10.20 0.82
C SER A 37 -0.41 10.65 1.12
N PRO A 38 -1.39 10.46 0.19
CA PRO A 38 -2.78 10.82 0.46
C PRO A 38 -3.34 10.07 1.68
N LEU A 39 -2.91 8.83 1.85
CA LEU A 39 -3.41 7.99 2.92
C LEU A 39 -2.64 8.25 4.21
N TYR A 40 -1.38 8.63 4.06
CA TYR A 40 -0.48 8.85 5.20
C TYR A 40 -1.03 9.91 6.15
N MET A 41 -1.84 10.81 5.61
CA MET A 41 -2.42 11.90 6.41
C MET A 41 -3.83 11.57 6.88
N LYS A 42 -4.31 10.38 6.55
CA LYS A 42 -5.66 9.97 6.90
C LYS A 42 -5.62 8.89 7.98
N SER A 43 -6.65 8.87 8.82
CA SER A 43 -6.74 7.88 9.88
C SER A 43 -7.03 6.51 9.28
N LEU A 44 -6.49 5.48 9.94
CA LEU A 44 -6.61 4.10 9.47
C LEU A 44 -8.08 3.70 9.27
N SER A 45 -8.95 4.24 10.10
CA SER A 45 -10.35 3.85 10.11
C SER A 45 -11.17 4.54 9.01
N GLU A 46 -10.64 5.62 8.44
CA GLU A 46 -11.42 6.43 7.52
C GLU A 46 -10.95 6.27 6.08
N ILE A 47 -10.07 5.31 5.84
CA ILE A 47 -9.55 5.07 4.50
C ILE A 47 -10.45 4.11 3.74
N LEU A 48 -11.27 4.66 2.85
CA LEU A 48 -12.14 3.85 2.00
C LEU A 48 -11.32 3.18 0.89
N PRO A 49 -11.69 1.93 0.53
CA PRO A 49 -10.97 1.15 -0.48
C PRO A 49 -10.91 1.87 -1.82
N ALA A 50 -11.93 2.66 -2.10
CA ALA A 50 -12.02 3.39 -3.36
C ALA A 50 -10.88 4.37 -3.52
N ASP A 51 -10.45 4.96 -2.40
CA ASP A 51 -9.41 5.99 -2.44
C ASP A 51 -8.06 5.36 -2.73
N ILE A 52 -7.84 4.18 -2.17
CA ILE A 52 -6.62 3.42 -2.45
C ILE A 52 -6.62 2.98 -3.92
N GLN A 53 -7.80 2.61 -4.40
CA GLN A 53 -7.97 2.22 -5.79
C GLN A 53 -7.64 3.41 -6.70
N SER A 54 -8.01 4.61 -6.27
CA SER A 54 -7.70 5.83 -7.01
C SER A 54 -6.19 6.00 -7.17
N ILE A 55 -5.45 5.68 -6.11
CA ILE A 55 -3.99 5.79 -6.15
C ILE A 55 -3.43 4.84 -7.20
N ILE A 56 -3.88 3.60 -7.19
CA ILE A 56 -3.41 2.58 -8.13
C ILE A 56 -3.93 2.88 -9.54
N ASN A 57 -4.96 3.71 -9.62
CA ASN A 57 -5.54 4.10 -10.90
C ASN A 57 -4.68 5.15 -11.59
N GLU A 58 -4.35 6.22 -10.87
CA GLU A 58 -3.61 7.32 -11.45
C GLU A 58 -2.11 7.06 -11.48
N THR A 59 -1.61 6.29 -10.52
CA THR A 59 -0.20 5.93 -10.51
C THR A 59 0.08 4.97 -11.64
N LYS A 60 0.84 5.42 -12.63
CA LYS A 60 1.12 4.62 -13.80
C LYS A 60 2.59 4.22 -13.84
N LEU A 61 2.91 3.24 -13.04
CA LEU A 61 4.23 2.62 -13.05
C LEU A 61 4.09 1.23 -13.64
N ALA A 62 5.18 0.47 -13.63
CA ALA A 62 5.12 -0.93 -14.02
C ALA A 62 4.10 -1.65 -13.17
N LYS A 63 3.26 -2.46 -13.82
CA LYS A 63 2.20 -3.20 -13.12
C LYS A 63 2.76 -4.02 -11.97
N ASN A 64 3.96 -4.57 -12.17
CA ASN A 64 4.65 -5.31 -11.12
C ASN A 64 4.83 -4.44 -9.88
N THR A 65 5.23 -3.19 -10.09
CA THR A 65 5.42 -2.24 -9.01
C THR A 65 4.08 -1.80 -8.42
N LEU A 66 3.08 -1.68 -9.28
CA LEU A 66 1.73 -1.32 -8.83
C LEU A 66 1.19 -2.36 -7.87
N LYS A 67 1.43 -3.63 -8.19
CA LYS A 67 1.07 -4.73 -7.31
C LYS A 67 1.79 -4.58 -5.98
N ALA A 68 3.09 -4.30 -6.06
CA ALA A 68 3.92 -4.14 -4.87
C ALA A 68 3.38 -3.05 -3.95
N ILE A 69 3.02 -1.90 -4.53
CA ILE A 69 2.46 -0.81 -3.76
C ILE A 69 1.18 -1.25 -3.05
N ARG A 70 0.30 -1.90 -3.80
CA ARG A 70 -0.98 -2.36 -3.28
C ARG A 70 -0.75 -3.40 -2.17
N ASN A 71 0.09 -4.39 -2.46
CA ASN A 71 0.35 -5.47 -1.52
C ASN A 71 0.97 -4.95 -0.24
N THR A 72 1.87 -3.99 -0.35
CA THR A 72 2.49 -3.38 0.81
C THR A 72 1.42 -2.73 1.70
N ALA A 73 0.46 -2.07 1.06
CA ALA A 73 -0.63 -1.41 1.79
C ALA A 73 -1.51 -2.44 2.49
N SER A 74 -1.84 -3.52 1.80
CA SER A 74 -2.69 -4.57 2.38
C SER A 74 -1.98 -5.24 3.55
N GLN A 75 -0.66 -5.30 3.49
CA GLN A 75 0.14 -5.85 4.59
C GLN A 75 0.12 -4.89 5.77
N ILE A 76 0.11 -3.60 5.49
CA ILE A 76 0.02 -2.58 6.52
C ILE A 76 -1.31 -2.70 7.27
N PHE A 77 -2.40 -2.83 6.51
CA PHE A 77 -3.72 -2.94 7.10
C PHE A 77 -3.87 -4.24 7.90
N ARG A 78 -3.29 -5.33 7.42
CA ARG A 78 -3.40 -6.60 8.13
C ARG A 78 -2.51 -6.60 9.37
N LEU A 79 -1.46 -5.78 9.34
CA LEU A 79 -0.61 -5.57 10.50
C LEU A 79 -1.40 -4.84 11.58
N ALA A 80 -2.30 -3.98 11.14
CA ALA A 80 -3.19 -3.29 12.05
C ALA A 80 -4.24 -4.24 12.60
N ILE A 81 -4.72 -5.15 11.75
CA ILE A 81 -5.69 -6.16 12.16
C ILE A 81 -5.16 -7.01 13.32
N GLU A 82 -3.92 -7.47 13.21
CA GLU A 82 -3.33 -8.34 14.23
C GLU A 82 -3.04 -7.57 15.52
N ASN A 83 -3.21 -6.26 15.49
CA ASN A 83 -3.08 -5.44 16.69
C ASN A 83 -4.43 -4.89 17.11
N ARG A 84 -5.48 -5.40 16.46
CA ARG A 84 -6.86 -5.04 16.77
C ARG A 84 -7.12 -3.55 16.53
N ALA A 85 -6.30 -2.94 15.68
CA ALA A 85 -6.45 -1.52 15.36
C ALA A 85 -7.60 -1.33 14.38
N ILE A 86 -7.75 -2.28 13.47
CA ILE A 86 -8.83 -2.24 12.51
C ILE A 86 -9.32 -3.67 12.24
N ASP A 87 -10.58 -3.81 11.87
CA ASP A 87 -11.17 -5.12 11.67
C ASP A 87 -11.51 -5.34 10.19
N PHE A 88 -10.95 -4.49 9.35
CA PHE A 88 -11.26 -4.51 7.93
C PHE A 88 -10.00 -4.15 7.13
N ASN A 89 -9.84 -4.76 5.97
CA ASN A 89 -8.68 -4.47 5.12
C ASN A 89 -9.13 -3.93 3.78
N PRO A 90 -9.30 -2.60 3.68
CA PRO A 90 -9.76 -1.95 2.45
C PRO A 90 -8.82 -2.21 1.28
N ALA A 91 -7.55 -2.40 1.59
CA ALA A 91 -6.51 -2.51 0.58
C ALA A 91 -6.62 -3.81 -0.20
N ASP A 92 -7.16 -4.86 0.41
CA ASP A 92 -7.20 -6.14 -0.29
C ASP A 92 -8.36 -6.15 -1.27
N TYR A 93 -9.26 -5.18 -1.14
CA TYR A 93 -10.37 -5.03 -2.06
C TYR A 93 -9.98 -4.16 -3.24
N VAL A 94 -8.74 -3.67 -3.21
CA VAL A 94 -8.19 -2.90 -4.32
C VAL A 94 -7.61 -3.83 -5.37
N ARG A 95 -8.06 -3.67 -6.61
CA ARG A 95 -7.69 -4.59 -7.68
C ARG A 95 -6.63 -3.97 -8.59
N ILE A 96 -5.69 -4.80 -9.02
CA ILE A 96 -4.63 -4.38 -9.94
C ILE A 96 -5.08 -4.55 -11.37
N PRO A 97 -4.73 -3.60 -12.24
CA PRO A 97 -4.98 -3.73 -13.68
C PRO A 97 -4.35 -4.99 -14.25
N LYS A 98 -5.17 -5.77 -14.96
CA LYS A 98 -4.75 -6.97 -15.67
C LYS A 98 -4.33 -8.11 -14.74
N ILE A 99 -3.50 -7.82 -13.76
CA ILE A 99 -2.86 -8.87 -12.97
C ILE A 99 -3.72 -9.26 -11.78
N ALA A 100 -3.99 -10.55 -11.66
CA ALA A 100 -4.74 -11.10 -10.54
C ALA A 100 -4.05 -12.35 -10.04
N LEU A 101 -4.76 -13.14 -9.24
CA LEU A 101 -4.22 -14.39 -8.73
C LEU A 101 -4.69 -15.55 -9.59
N GLU A 102 -4.27 -16.76 -9.21
CA GLU A 102 -4.63 -17.99 -9.93
C GLU A 102 -4.02 -18.02 -11.32
N HIS A 103 -4.42 -19.00 -12.12
CA HIS A 103 -3.96 -19.09 -13.48
C HIS A 103 -5.08 -18.70 -14.44
N HIS A 104 -4.86 -17.63 -15.19
CA HIS A 104 -5.82 -17.16 -16.17
C HIS A 104 -5.13 -16.86 -17.50
N HIS A 105 -3.80 -16.80 -17.47
CA HIS A 105 -3.03 -16.45 -18.65
C HIS A 105 -1.89 -17.44 -18.89
N HIS A 106 -1.67 -18.33 -17.92
CA HIS A 106 -0.55 -19.29 -17.98
C HIS A 106 0.78 -18.55 -17.87
N HIS A 107 0.88 -17.67 -16.89
CA HIS A 107 2.09 -16.91 -16.65
C HIS A 107 2.14 -16.47 -15.19
N HIS A 108 3.19 -16.85 -14.49
CA HIS A 108 3.38 -16.44 -13.10
C HIS A 108 4.50 -15.42 -12.97
N ARG A 1 -6.53 6.96 17.87
CA ARG A 1 -6.33 7.72 16.60
C ARG A 1 -6.05 6.77 15.44
N ASP A 2 -5.02 5.93 15.61
CA ASP A 2 -4.64 4.93 14.60
C ASP A 2 -4.57 5.52 13.20
N SER A 3 -3.47 6.19 12.92
CA SER A 3 -3.26 6.78 11.60
C SER A 3 -2.52 5.82 10.70
N PHE A 4 -2.85 5.83 9.42
CA PHE A 4 -2.24 4.92 8.46
C PHE A 4 -0.73 5.15 8.39
N GLY A 5 -0.31 6.40 8.34
CA GLY A 5 1.10 6.72 8.29
C GLY A 5 1.82 6.39 9.57
N ASP A 6 1.08 6.35 10.67
CA ASP A 6 1.64 5.98 11.94
C ASP A 6 1.88 4.48 11.98
N TRP A 7 0.88 3.71 11.56
CA TRP A 7 1.01 2.26 11.45
C TRP A 7 2.04 1.89 10.37
N ALA A 8 2.13 2.73 9.35
CA ALA A 8 3.14 2.55 8.32
C ALA A 8 4.53 2.66 8.92
N GLU A 9 4.71 3.62 9.82
CA GLU A 9 5.98 3.79 10.52
C GLU A 9 6.27 2.55 11.37
N LYS A 10 5.23 2.05 12.03
CA LYS A 10 5.32 0.81 12.81
C LYS A 10 5.83 -0.32 11.91
N PHE A 11 5.22 -0.41 10.72
CA PHE A 11 5.59 -1.43 9.75
C PHE A 11 7.02 -1.23 9.26
N LEU A 12 7.39 0.01 8.96
CA LEU A 12 8.73 0.32 8.46
C LEU A 12 9.79 -0.08 9.47
N LYS A 13 9.60 0.32 10.73
CA LYS A 13 10.55 0.00 11.79
C LYS A 13 10.57 -1.52 12.03
N SER A 14 9.40 -2.14 11.94
CA SER A 14 9.28 -3.58 12.10
C SER A 14 10.00 -4.31 10.97
N LYS A 15 9.84 -3.79 9.75
CA LYS A 15 10.42 -4.41 8.57
C LYS A 15 11.93 -4.19 8.54
N GLU A 16 12.38 -3.08 9.12
CA GLU A 16 13.80 -2.84 9.32
C GLU A 16 14.38 -3.95 10.19
N ALA A 17 13.73 -4.21 11.32
CA ALA A 17 14.15 -5.26 12.24
C ALA A 17 13.92 -6.64 11.62
N ASP A 18 12.94 -6.71 10.73
CA ASP A 18 12.65 -7.93 9.97
C ASP A 18 13.87 -8.36 9.17
N GLY A 19 14.65 -7.37 8.74
CA GLY A 19 15.93 -7.66 8.11
C GLY A 19 15.91 -7.46 6.61
N VAL A 20 15.48 -6.28 6.17
CA VAL A 20 15.45 -5.97 4.75
C VAL A 20 16.65 -5.14 4.35
N SER A 21 16.94 -5.12 3.06
CA SER A 21 18.03 -4.34 2.51
C SER A 21 17.76 -2.84 2.68
N VAL A 22 18.81 -2.04 2.73
CA VAL A 22 18.68 -0.60 2.93
C VAL A 22 17.83 0.04 1.81
N SER A 23 18.04 -0.40 0.57
CA SER A 23 17.28 0.11 -0.55
C SER A 23 15.86 -0.43 -0.53
N GLN A 24 15.66 -1.57 0.14
CA GLN A 24 14.34 -2.17 0.26
C GLN A 24 13.49 -1.33 1.21
N LEU A 25 14.08 -0.94 2.33
CA LEU A 25 13.40 -0.06 3.27
C LEU A 25 13.12 1.28 2.59
N ASN A 26 14.06 1.71 1.75
CA ASN A 26 13.91 2.96 1.00
C ASN A 26 12.78 2.87 -0.02
N SER A 27 12.61 1.71 -0.66
CA SER A 27 11.52 1.56 -1.62
C SER A 27 10.17 1.61 -0.92
N TYR A 28 10.12 1.18 0.33
CA TYR A 28 8.90 1.29 1.11
C TYR A 28 8.57 2.76 1.36
N LYS A 29 9.62 3.57 1.54
CA LYS A 29 9.46 5.01 1.67
C LYS A 29 8.93 5.59 0.35
N ASN A 30 9.40 5.05 -0.77
CA ASN A 30 8.93 5.46 -2.10
C ASN A 30 7.43 5.27 -2.23
N TYR A 31 6.93 4.22 -1.62
CA TYR A 31 5.51 3.94 -1.68
C TYR A 31 4.74 4.72 -0.63
N CYS A 32 5.21 4.66 0.60
CA CYS A 32 4.50 5.27 1.73
C CYS A 32 4.54 6.80 1.67
N ARG A 33 5.72 7.37 1.47
CA ARG A 33 5.89 8.82 1.56
C ARG A 33 5.43 9.51 0.28
N ASN A 34 5.47 8.80 -0.84
CA ASN A 34 5.09 9.40 -2.11
C ASN A 34 3.67 9.02 -2.51
N HIS A 35 3.44 7.73 -2.69
CA HIS A 35 2.18 7.25 -3.25
C HIS A 35 1.10 7.07 -2.19
N LEU A 36 1.49 7.07 -0.93
CA LEU A 36 0.53 6.91 0.16
C LEU A 36 0.55 8.13 1.07
N SER A 37 1.10 9.23 0.56
CA SER A 37 1.24 10.45 1.36
C SER A 37 -0.10 11.03 1.82
N PRO A 38 -1.17 11.08 0.97
CA PRO A 38 -2.47 11.59 1.40
C PRO A 38 -3.11 10.72 2.48
N LEU A 39 -2.74 9.44 2.48
CA LEU A 39 -3.29 8.49 3.43
C LEU A 39 -2.46 8.44 4.70
N TYR A 40 -1.20 8.87 4.58
CA TYR A 40 -0.26 8.88 5.70
C TYR A 40 -0.83 9.64 6.89
N MET A 41 -1.43 10.78 6.60
CA MET A 41 -1.95 11.65 7.65
C MET A 41 -3.43 11.39 7.93
N LYS A 42 -3.94 10.27 7.43
CA LYS A 42 -5.33 9.89 7.67
C LYS A 42 -5.42 8.70 8.61
N SER A 43 -6.61 8.46 9.11
CA SER A 43 -6.89 7.27 9.90
C SER A 43 -7.09 6.09 8.95
N LEU A 44 -6.62 4.92 9.33
CA LEU A 44 -6.65 3.76 8.43
C LEU A 44 -8.09 3.29 8.18
N SER A 45 -9.01 3.68 9.05
CA SER A 45 -10.41 3.28 8.93
C SER A 45 -11.20 4.25 8.04
N GLU A 46 -10.70 5.48 7.90
CA GLU A 46 -11.41 6.50 7.12
C GLU A 46 -10.97 6.45 5.66
N ILE A 47 -9.95 5.65 5.39
CA ILE A 47 -9.43 5.50 4.04
C ILE A 47 -10.43 4.74 3.16
N LEU A 48 -10.63 5.25 1.95
CA LEU A 48 -11.61 4.67 1.04
C LEU A 48 -10.94 3.73 0.05
N PRO A 49 -11.47 2.50 -0.09
CA PRO A 49 -10.96 1.52 -1.05
C PRO A 49 -10.97 2.06 -2.48
N ALA A 50 -12.01 2.81 -2.83
CA ALA A 50 -12.12 3.42 -4.15
C ALA A 50 -11.12 4.54 -4.32
N ASP A 51 -10.82 5.23 -3.22
CA ASP A 51 -9.85 6.32 -3.24
C ASP A 51 -8.46 5.78 -3.57
N ILE A 52 -8.10 4.68 -2.92
CA ILE A 52 -6.83 4.01 -3.18
C ILE A 52 -6.80 3.46 -4.60
N GLN A 53 -7.94 2.94 -5.05
CA GLN A 53 -8.07 2.41 -6.41
C GLN A 53 -7.77 3.49 -7.44
N SER A 54 -8.30 4.69 -7.22
CA SER A 54 -8.04 5.81 -8.12
C SER A 54 -6.56 6.16 -8.13
N ILE A 55 -5.91 6.05 -6.97
CA ILE A 55 -4.48 6.31 -6.87
C ILE A 55 -3.69 5.30 -7.69
N ILE A 56 -4.00 4.02 -7.52
CA ILE A 56 -3.35 2.95 -8.27
C ILE A 56 -3.62 3.12 -9.76
N ASN A 57 -4.86 3.43 -10.10
CA ASN A 57 -5.28 3.63 -11.49
C ASN A 57 -4.49 4.76 -12.14
N GLU A 58 -4.20 5.80 -11.38
CA GLU A 58 -3.50 6.95 -11.91
C GLU A 58 -1.99 6.84 -11.68
N THR A 59 -1.57 5.74 -11.06
CA THR A 59 -0.16 5.43 -11.00
C THR A 59 0.20 4.63 -12.25
N LYS A 60 0.95 5.24 -13.14
CA LYS A 60 1.22 4.64 -14.43
C LYS A 60 2.66 4.14 -14.50
N LEU A 61 2.95 3.17 -13.67
CA LEU A 61 4.28 2.58 -13.58
C LEU A 61 4.19 1.10 -13.91
N ALA A 62 5.31 0.40 -13.77
CA ALA A 62 5.37 -1.03 -14.06
C ALA A 62 4.41 -1.82 -13.17
N LYS A 63 3.91 -2.92 -13.71
CA LYS A 63 3.01 -3.81 -12.98
C LYS A 63 3.63 -4.29 -11.67
N ASN A 64 4.95 -4.45 -11.68
CA ASN A 64 5.69 -4.86 -10.48
C ASN A 64 5.54 -3.82 -9.38
N THR A 65 5.58 -2.55 -9.77
CA THR A 65 5.46 -1.44 -8.84
C THR A 65 4.05 -1.40 -8.26
N LEU A 66 3.06 -1.61 -9.13
CA LEU A 66 1.66 -1.60 -8.71
C LEU A 66 1.40 -2.67 -7.64
N LYS A 67 1.91 -3.87 -7.89
CA LYS A 67 1.77 -4.96 -6.94
C LYS A 67 2.53 -4.68 -5.66
N ALA A 68 3.67 -4.02 -5.78
CA ALA A 68 4.51 -3.70 -4.64
C ALA A 68 3.81 -2.72 -3.70
N ILE A 69 3.18 -1.69 -4.28
CA ILE A 69 2.42 -0.72 -3.50
C ILE A 69 1.28 -1.43 -2.77
N ARG A 70 0.62 -2.35 -3.47
CA ARG A 70 -0.47 -3.12 -2.89
C ARG A 70 0.03 -4.00 -1.75
N ASN A 71 1.12 -4.72 -2.00
CA ASN A 71 1.70 -5.61 -1.00
C ASN A 71 2.07 -4.84 0.26
N THR A 72 2.83 -3.77 0.09
CA THR A 72 3.27 -2.95 1.20
C THR A 72 2.08 -2.48 2.04
N ALA A 73 1.11 -1.84 1.37
CA ALA A 73 -0.05 -1.29 2.06
C ALA A 73 -0.88 -2.38 2.74
N SER A 74 -1.03 -3.52 2.09
CA SER A 74 -1.87 -4.60 2.63
C SER A 74 -1.28 -5.15 3.93
N GLN A 75 0.04 -5.16 4.04
CA GLN A 75 0.68 -5.67 5.23
C GLN A 75 0.66 -4.64 6.35
N ILE A 76 0.59 -3.36 5.98
CA ILE A 76 0.42 -2.30 6.96
C ILE A 76 -0.95 -2.43 7.64
N PHE A 77 -1.98 -2.64 6.83
CA PHE A 77 -3.32 -2.84 7.36
C PHE A 77 -3.41 -4.13 8.18
N ARG A 78 -2.76 -5.19 7.70
CA ARG A 78 -2.81 -6.48 8.39
C ARG A 78 -2.08 -6.40 9.73
N LEU A 79 -1.13 -5.48 9.84
CA LEU A 79 -0.41 -5.25 11.08
C LEU A 79 -1.36 -4.66 12.12
N ALA A 80 -2.30 -3.84 11.65
CA ALA A 80 -3.32 -3.28 12.51
C ALA A 80 -4.36 -4.35 12.85
N ILE A 81 -4.60 -5.25 11.90
CA ILE A 81 -5.52 -6.37 12.10
C ILE A 81 -5.02 -7.29 13.20
N GLU A 82 -3.74 -7.66 13.15
CA GLU A 82 -3.16 -8.55 14.15
C GLU A 82 -3.05 -7.84 15.50
N ASN A 83 -3.14 -6.52 15.50
CA ASN A 83 -3.15 -5.75 16.72
C ASN A 83 -4.57 -5.39 17.13
N ARG A 84 -5.53 -5.88 16.35
CA ARG A 84 -6.95 -5.71 16.64
C ARG A 84 -7.38 -4.24 16.61
N ALA A 85 -6.59 -3.41 15.95
CA ALA A 85 -6.92 -2.00 15.78
C ALA A 85 -8.02 -1.87 14.74
N ILE A 86 -7.93 -2.71 13.71
CA ILE A 86 -8.96 -2.77 12.69
C ILE A 86 -9.07 -4.21 12.19
N ASP A 87 -10.28 -4.70 11.99
CA ASP A 87 -10.49 -6.07 11.54
C ASP A 87 -10.91 -6.08 10.07
N PHE A 88 -10.62 -4.97 9.39
CA PHE A 88 -11.06 -4.78 8.02
C PHE A 88 -9.88 -4.30 7.18
N ASN A 89 -9.57 -5.02 6.12
CA ASN A 89 -8.47 -4.66 5.24
C ASN A 89 -9.00 -4.12 3.92
N PRO A 90 -9.07 -2.79 3.77
CA PRO A 90 -9.64 -2.16 2.58
C PRO A 90 -8.74 -2.32 1.35
N ALA A 91 -7.51 -2.74 1.57
CA ALA A 91 -6.56 -2.93 0.49
C ALA A 91 -6.92 -4.14 -0.36
N ASP A 92 -7.73 -5.04 0.22
CA ASP A 92 -8.16 -6.25 -0.47
C ASP A 92 -9.17 -5.91 -1.57
N TYR A 93 -9.82 -4.77 -1.44
CA TYR A 93 -10.83 -4.36 -2.39
C TYR A 93 -10.24 -3.50 -3.50
N VAL A 94 -8.92 -3.32 -3.44
CA VAL A 94 -8.23 -2.59 -4.49
C VAL A 94 -7.82 -3.56 -5.58
N ARG A 95 -8.52 -3.49 -6.71
CA ARG A 95 -8.25 -4.37 -7.83
C ARG A 95 -7.00 -3.90 -8.56
N ILE A 96 -6.01 -4.77 -8.66
CA ILE A 96 -4.77 -4.45 -9.34
C ILE A 96 -4.86 -4.82 -10.82
N PRO A 97 -4.71 -3.84 -11.72
CA PRO A 97 -4.75 -4.08 -13.15
C PRO A 97 -3.51 -4.84 -13.63
N LYS A 98 -3.73 -5.80 -14.51
CA LYS A 98 -2.64 -6.59 -15.05
C LYS A 98 -2.27 -6.15 -16.46
N ILE A 99 -2.92 -5.07 -16.90
CA ILE A 99 -2.60 -4.37 -18.14
C ILE A 99 -3.02 -5.16 -19.37
N ALA A 100 -2.47 -6.35 -19.53
CA ALA A 100 -2.64 -7.10 -20.76
C ALA A 100 -3.06 -8.53 -20.49
N LEU A 101 -3.34 -9.27 -21.56
CA LEU A 101 -3.81 -10.65 -21.47
C LEU A 101 -5.14 -10.71 -20.72
N GLU A 102 -5.96 -9.69 -20.93
CA GLU A 102 -7.28 -9.62 -20.30
C GLU A 102 -8.19 -10.71 -20.84
N HIS A 103 -9.32 -10.92 -20.19
CA HIS A 103 -10.22 -11.99 -20.60
C HIS A 103 -11.57 -11.43 -21.00
N HIS A 104 -11.53 -10.43 -21.90
CA HIS A 104 -12.72 -9.77 -22.45
C HIS A 104 -12.30 -8.49 -23.17
N HIS A 105 -11.47 -8.60 -24.20
CA HIS A 105 -10.94 -7.41 -24.86
C HIS A 105 -12.02 -6.74 -25.72
N HIS A 106 -12.75 -7.54 -26.49
CA HIS A 106 -13.90 -7.01 -27.22
C HIS A 106 -15.13 -7.02 -26.32
N HIS A 107 -15.63 -5.84 -26.00
CA HIS A 107 -16.71 -5.72 -25.03
C HIS A 107 -17.52 -4.44 -25.25
N HIS A 108 -18.75 -4.46 -24.76
CA HIS A 108 -19.56 -3.25 -24.72
C HIS A 108 -19.39 -2.57 -23.37
N ARG A 1 -9.37 6.22 16.61
CA ARG A 1 -8.37 5.16 16.32
C ARG A 1 -7.11 5.76 15.67
N ASP A 2 -6.22 4.89 15.22
CA ASP A 2 -4.89 5.30 14.76
C ASP A 2 -4.92 5.87 13.34
N SER A 3 -3.73 6.18 12.85
CA SER A 3 -3.55 6.71 11.51
C SER A 3 -2.72 5.74 10.67
N PHE A 4 -2.97 5.74 9.37
CA PHE A 4 -2.25 4.86 8.45
C PHE A 4 -0.74 5.14 8.52
N GLY A 5 -0.40 6.42 8.65
CA GLY A 5 1.01 6.80 8.73
C GLY A 5 1.69 6.28 9.98
N ASP A 6 0.93 6.18 11.07
CA ASP A 6 1.47 5.69 12.33
C ASP A 6 1.83 4.21 12.22
N TRP A 7 0.96 3.45 11.57
CA TRP A 7 1.21 2.03 11.37
C TRP A 7 2.26 1.82 10.28
N ALA A 8 2.31 2.72 9.30
CA ALA A 8 3.35 2.69 8.28
C ALA A 8 4.71 2.88 8.93
N GLU A 9 4.77 3.80 9.89
CA GLU A 9 5.98 4.02 10.68
C GLU A 9 6.45 2.73 11.32
N LYS A 10 5.52 2.04 11.99
CA LYS A 10 5.85 0.82 12.70
C LYS A 10 6.10 -0.35 11.76
N PHE A 11 5.51 -0.28 10.56
CA PHE A 11 5.76 -1.30 9.55
C PHE A 11 7.19 -1.17 9.01
N LEU A 12 7.56 0.05 8.64
CA LEU A 12 8.92 0.30 8.18
C LEU A 12 9.92 0.07 9.30
N LYS A 13 9.50 0.40 10.51
CA LYS A 13 10.33 0.21 11.69
C LYS A 13 10.61 -1.27 11.92
N SER A 14 9.56 -2.09 11.82
CA SER A 14 9.69 -3.52 12.04
C SER A 14 10.47 -4.18 10.89
N LYS A 15 10.41 -3.58 9.69
CA LYS A 15 11.20 -4.05 8.57
C LYS A 15 12.67 -3.65 8.73
N GLU A 16 12.89 -2.49 9.33
CA GLU A 16 14.23 -2.05 9.66
C GLU A 16 14.85 -3.00 10.68
N ALA A 17 14.04 -3.42 11.64
CA ALA A 17 14.47 -4.38 12.65
C ALA A 17 14.39 -5.80 12.11
N ASP A 18 13.76 -5.94 10.94
CA ASP A 18 13.63 -7.24 10.30
C ASP A 18 14.94 -7.63 9.62
N GLY A 19 15.49 -6.71 8.85
CA GLY A 19 16.76 -6.95 8.21
C GLY A 19 16.70 -6.84 6.70
N VAL A 20 15.74 -6.09 6.19
CA VAL A 20 15.64 -5.86 4.74
C VAL A 20 16.82 -5.04 4.24
N SER A 21 17.10 -5.17 2.95
CA SER A 21 18.14 -4.36 2.32
C SER A 21 17.80 -2.89 2.47
N VAL A 22 18.81 -2.07 2.77
CA VAL A 22 18.59 -0.65 2.95
C VAL A 22 17.98 -0.01 1.70
N SER A 23 18.36 -0.53 0.53
CA SER A 23 17.81 -0.05 -0.73
C SER A 23 16.34 -0.46 -0.84
N GLN A 24 16.04 -1.70 -0.46
CA GLN A 24 14.69 -2.21 -0.47
C GLN A 24 13.83 -1.45 0.54
N LEU A 25 14.44 -1.12 1.67
CA LEU A 25 13.77 -0.35 2.71
C LEU A 25 13.45 1.07 2.21
N ASN A 26 14.42 1.69 1.53
CA ASN A 26 14.22 3.01 0.93
C ASN A 26 13.07 2.97 -0.06
N SER A 27 12.98 1.88 -0.81
CA SER A 27 11.89 1.69 -1.76
C SER A 27 10.54 1.69 -1.03
N TYR A 28 10.46 0.91 0.05
CA TYR A 28 9.23 0.86 0.85
C TYR A 28 8.90 2.22 1.42
N LYS A 29 9.91 2.89 1.97
CA LYS A 29 9.74 4.21 2.55
C LYS A 29 9.26 5.21 1.50
N ASN A 30 9.80 5.10 0.29
CA ASN A 30 9.43 6.01 -0.79
C ASN A 30 7.97 5.82 -1.17
N TYR A 31 7.53 4.57 -1.24
CA TYR A 31 6.15 4.27 -1.59
C TYR A 31 5.18 4.79 -0.54
N CYS A 32 5.52 4.61 0.72
CA CYS A 32 4.63 5.00 1.82
C CYS A 32 4.64 6.51 2.05
N ARG A 33 5.82 7.11 2.01
CA ARG A 33 5.97 8.53 2.34
C ARG A 33 5.55 9.41 1.17
N ASN A 34 5.86 8.98 -0.05
CA ASN A 34 5.61 9.81 -1.23
C ASN A 34 4.33 9.40 -1.96
N HIS A 35 4.19 8.11 -2.25
CA HIS A 35 3.07 7.64 -3.06
C HIS A 35 1.82 7.46 -2.22
N LEU A 36 2.00 7.10 -0.96
CA LEU A 36 0.88 6.91 -0.04
C LEU A 36 0.69 8.14 0.83
N SER A 37 1.17 9.27 0.36
CA SER A 37 1.10 10.53 1.11
C SER A 37 -0.34 10.88 1.56
N PRO A 38 -1.37 10.76 0.69
CA PRO A 38 -2.75 11.06 1.10
C PRO A 38 -3.22 10.16 2.24
N LEU A 39 -2.90 8.87 2.12
CA LEU A 39 -3.35 7.88 3.09
C LEU A 39 -2.53 7.98 4.38
N TYR A 40 -1.26 8.35 4.21
CA TYR A 40 -0.33 8.47 5.33
C TYR A 40 -0.85 9.48 6.35
N MET A 41 -1.56 10.50 5.87
CA MET A 41 -2.08 11.54 6.75
C MET A 41 -3.57 11.33 7.00
N LYS A 42 -4.07 10.16 6.66
CA LYS A 42 -5.47 9.84 6.88
C LYS A 42 -5.67 9.03 8.14
N SER A 43 -6.90 8.98 8.60
CA SER A 43 -7.28 8.15 9.72
C SER A 43 -7.47 6.71 9.23
N LEU A 44 -6.95 5.76 10.00
CA LEU A 44 -6.89 4.36 9.58
C LEU A 44 -8.26 3.81 9.17
N SER A 45 -9.29 4.11 9.95
CA SER A 45 -10.58 3.48 9.77
C SER A 45 -11.43 4.18 8.70
N GLU A 46 -10.99 5.34 8.23
CA GLU A 46 -11.76 6.11 7.26
C GLU A 46 -11.44 5.65 5.84
N ILE A 47 -10.27 5.04 5.69
CA ILE A 47 -9.76 4.65 4.39
C ILE A 47 -10.70 3.64 3.71
N LEU A 48 -11.09 3.98 2.49
CA LEU A 48 -11.98 3.14 1.71
C LEU A 48 -11.25 2.55 0.51
N PRO A 49 -11.66 1.33 0.08
CA PRO A 49 -11.03 0.66 -1.08
C PRO A 49 -11.05 1.52 -2.34
N ALA A 50 -12.15 2.24 -2.58
CA ALA A 50 -12.29 3.06 -3.78
C ALA A 50 -11.19 4.12 -3.87
N ASP A 51 -10.82 4.69 -2.73
CA ASP A 51 -9.80 5.75 -2.69
C ASP A 51 -8.44 5.18 -3.09
N ILE A 52 -8.11 4.03 -2.53
CA ILE A 52 -6.87 3.33 -2.85
C ILE A 52 -6.88 2.86 -4.30
N GLN A 53 -8.06 2.40 -4.73
CA GLN A 53 -8.24 1.91 -6.10
C GLN A 53 -7.98 3.02 -7.10
N SER A 54 -8.45 4.22 -6.77
CA SER A 54 -8.23 5.39 -7.62
C SER A 54 -6.73 5.65 -7.77
N ILE A 55 -5.99 5.55 -6.67
CA ILE A 55 -4.54 5.74 -6.70
C ILE A 55 -3.90 4.80 -7.72
N ILE A 56 -4.39 3.57 -7.78
CA ILE A 56 -3.88 2.59 -8.75
C ILE A 56 -4.28 2.96 -10.17
N ASN A 57 -5.51 3.42 -10.34
CA ASN A 57 -6.02 3.78 -11.66
C ASN A 57 -5.27 5.00 -12.21
N GLU A 58 -4.87 5.88 -11.31
CA GLU A 58 -4.16 7.11 -11.68
C GLU A 58 -2.66 6.85 -11.86
N THR A 59 -2.12 5.90 -11.12
CA THR A 59 -0.69 5.61 -11.17
C THR A 59 -0.36 4.68 -12.33
N LYS A 60 0.50 5.15 -13.23
CA LYS A 60 0.94 4.31 -14.33
C LYS A 60 2.40 3.91 -14.14
N LEU A 61 2.59 2.83 -13.42
CA LEU A 61 3.90 2.23 -13.24
C LEU A 61 3.87 0.81 -13.76
N ALA A 62 4.97 0.08 -13.58
CA ALA A 62 4.98 -1.33 -13.93
C ALA A 62 3.90 -2.06 -13.14
N LYS A 63 3.22 -2.99 -13.79
CA LYS A 63 2.07 -3.67 -13.19
C LYS A 63 2.51 -4.46 -11.96
N ASN A 64 3.73 -4.97 -12.01
CA ASN A 64 4.32 -5.67 -10.87
C ASN A 64 4.54 -4.69 -9.71
N THR A 65 4.96 -3.48 -10.04
CA THR A 65 5.19 -2.45 -9.05
C THR A 65 3.87 -1.98 -8.44
N LEU A 66 2.84 -1.90 -9.27
CA LEU A 66 1.51 -1.47 -8.81
C LEU A 66 1.01 -2.36 -7.68
N LYS A 67 1.04 -3.67 -7.90
CA LYS A 67 0.60 -4.61 -6.88
C LYS A 67 1.58 -4.67 -5.71
N ALA A 68 2.83 -4.26 -5.95
CA ALA A 68 3.82 -4.18 -4.88
C ALA A 68 3.46 -3.06 -3.90
N ILE A 69 3.06 -1.92 -4.43
CA ILE A 69 2.64 -0.78 -3.60
C ILE A 69 1.37 -1.13 -2.84
N ARG A 70 0.56 -2.01 -3.42
CA ARG A 70 -0.65 -2.48 -2.74
C ARG A 70 -0.29 -3.51 -1.68
N ASN A 71 0.60 -4.43 -2.02
CA ASN A 71 1.07 -5.45 -1.07
C ASN A 71 1.62 -4.78 0.19
N THR A 72 2.53 -3.84 -0.03
CA THR A 72 3.14 -3.08 1.07
C THR A 72 2.07 -2.42 1.94
N ALA A 73 1.12 -1.74 1.30
CA ALA A 73 0.03 -1.08 2.00
C ALA A 73 -0.83 -2.08 2.75
N SER A 74 -1.07 -3.23 2.14
CA SER A 74 -1.89 -4.27 2.75
C SER A 74 -1.22 -4.80 4.01
N GLN A 75 0.10 -4.93 3.97
CA GLN A 75 0.86 -5.37 5.14
C GLN A 75 0.68 -4.40 6.29
N ILE A 76 0.63 -3.11 5.96
CA ILE A 76 0.40 -2.07 6.95
C ILE A 76 -0.98 -2.21 7.58
N PHE A 77 -2.00 -2.40 6.75
CA PHE A 77 -3.36 -2.63 7.24
C PHE A 77 -3.41 -3.89 8.10
N ARG A 78 -2.73 -4.94 7.64
CA ARG A 78 -2.65 -6.19 8.37
C ARG A 78 -2.06 -5.98 9.76
N LEU A 79 -0.97 -5.24 9.83
CA LEU A 79 -0.32 -4.93 11.10
C LEU A 79 -1.29 -4.25 12.06
N ALA A 80 -2.14 -3.40 11.50
CA ALA A 80 -3.17 -2.72 12.27
C ALA A 80 -4.23 -3.73 12.74
N ILE A 81 -4.63 -4.62 11.84
CA ILE A 81 -5.59 -5.67 12.16
C ILE A 81 -5.06 -6.57 13.27
N GLU A 82 -3.75 -6.87 13.23
CA GLU A 82 -3.12 -7.72 14.24
C GLU A 82 -3.23 -7.10 15.63
N ASN A 83 -3.22 -5.77 15.68
CA ASN A 83 -3.35 -5.06 16.95
C ASN A 83 -4.79 -4.66 17.19
N ARG A 84 -5.67 -5.13 16.30
CA ARG A 84 -7.12 -4.86 16.39
C ARG A 84 -7.40 -3.36 16.32
N ALA A 85 -6.55 -2.64 15.60
CA ALA A 85 -6.73 -1.20 15.41
C ALA A 85 -7.65 -0.95 14.23
N ILE A 86 -7.95 -2.01 13.49
CA ILE A 86 -8.90 -1.95 12.39
C ILE A 86 -9.39 -3.36 12.08
N ASP A 87 -10.62 -3.48 11.59
CA ASP A 87 -11.22 -4.78 11.30
C ASP A 87 -11.50 -4.88 9.81
N PHE A 88 -10.82 -4.05 9.04
CA PHE A 88 -11.10 -3.91 7.62
C PHE A 88 -9.80 -3.73 6.85
N ASN A 89 -9.66 -4.45 5.75
CA ASN A 89 -8.48 -4.30 4.90
C ASN A 89 -8.91 -3.79 3.52
N PRO A 90 -8.84 -2.48 3.31
CA PRO A 90 -9.27 -1.86 2.05
C PRO A 90 -8.43 -2.33 0.86
N ALA A 91 -7.16 -2.62 1.11
CA ALA A 91 -6.23 -3.01 0.06
C ALA A 91 -6.53 -4.43 -0.44
N ASP A 92 -7.25 -5.19 0.38
CA ASP A 92 -7.60 -6.57 0.02
C ASP A 92 -8.60 -6.59 -1.12
N TYR A 93 -9.36 -5.51 -1.25
CA TYR A 93 -10.41 -5.43 -2.26
C TYR A 93 -9.89 -4.78 -3.54
N VAL A 94 -8.67 -4.26 -3.50
CA VAL A 94 -8.12 -3.52 -4.63
C VAL A 94 -7.67 -4.47 -5.74
N ARG A 95 -8.31 -4.33 -6.90
CA ARG A 95 -7.97 -5.13 -8.06
C ARG A 95 -6.73 -4.54 -8.75
N ILE A 96 -5.90 -5.42 -9.28
CA ILE A 96 -4.67 -5.00 -9.95
C ILE A 96 -4.72 -5.37 -11.43
N PRO A 97 -4.38 -4.42 -12.31
CA PRO A 97 -4.27 -4.69 -13.75
C PRO A 97 -3.03 -5.53 -14.05
N LYS A 98 -3.23 -6.59 -14.81
CA LYS A 98 -2.16 -7.50 -15.15
C LYS A 98 -2.41 -8.14 -16.50
N ILE A 99 -3.19 -7.43 -17.32
CA ILE A 99 -3.57 -7.91 -18.64
C ILE A 99 -2.47 -7.58 -19.64
N ALA A 100 -1.95 -8.60 -20.29
CA ALA A 100 -0.89 -8.42 -21.25
C ALA A 100 -1.18 -9.16 -22.54
N LEU A 101 -0.72 -8.63 -23.65
CA LEU A 101 -0.91 -9.27 -24.95
C LEU A 101 0.38 -9.96 -25.35
N GLU A 102 1.32 -9.99 -24.43
CA GLU A 102 2.60 -10.64 -24.63
C GLU A 102 2.54 -12.07 -24.12
N HIS A 103 3.64 -12.79 -24.24
CA HIS A 103 3.76 -14.13 -23.69
C HIS A 103 3.72 -14.11 -22.17
N HIS A 104 2.53 -14.28 -21.61
CA HIS A 104 2.34 -14.21 -20.16
C HIS A 104 2.29 -15.62 -19.57
N HIS A 105 2.41 -16.62 -20.44
CA HIS A 105 2.49 -18.00 -20.00
C HIS A 105 3.94 -18.34 -19.70
N HIS A 106 4.16 -19.39 -18.92
CA HIS A 106 5.52 -19.81 -18.59
C HIS A 106 5.61 -21.33 -18.61
N HIS A 107 6.83 -21.84 -18.52
CA HIS A 107 7.06 -23.27 -18.60
C HIS A 107 6.73 -23.96 -17.28
N HIS A 108 6.31 -25.20 -17.39
CA HIS A 108 6.06 -26.04 -16.23
C HIS A 108 6.90 -27.30 -16.35
N ARG A 1 -8.01 4.66 16.54
CA ARG A 1 -7.12 5.35 17.51
C ARG A 1 -5.97 6.05 16.78
N ASP A 2 -5.11 5.27 16.15
CA ASP A 2 -3.93 5.79 15.47
C ASP A 2 -4.23 6.09 14.00
N SER A 3 -3.27 6.70 13.31
CA SER A 3 -3.44 7.02 11.91
C SER A 3 -2.61 6.06 11.04
N PHE A 4 -2.84 6.10 9.74
CA PHE A 4 -2.10 5.26 8.82
C PHE A 4 -0.62 5.66 8.84
N GLY A 5 -0.37 6.94 9.11
CA GLY A 5 0.99 7.42 9.23
C GLY A 5 1.74 6.74 10.36
N ASP A 6 1.05 6.52 11.48
CA ASP A 6 1.64 5.85 12.63
C ASP A 6 2.03 4.42 12.26
N TRP A 7 1.09 3.70 11.68
CA TRP A 7 1.31 2.31 11.31
C TRP A 7 2.30 2.17 10.16
N ALA A 8 2.36 3.18 9.30
CA ALA A 8 3.32 3.20 8.21
C ALA A 8 4.74 3.20 8.78
N GLU A 9 4.98 4.08 9.74
CA GLU A 9 6.25 4.15 10.43
C GLU A 9 6.57 2.83 11.13
N LYS A 10 5.56 2.28 11.80
CA LYS A 10 5.72 1.02 12.52
C LYS A 10 5.98 -0.13 11.55
N PHE A 11 5.38 -0.06 10.36
CA PHE A 11 5.60 -1.06 9.33
C PHE A 11 7.03 -0.99 8.82
N LEU A 12 7.48 0.21 8.49
CA LEU A 12 8.83 0.41 7.96
C LEU A 12 9.87 -0.07 8.98
N LYS A 13 9.63 0.22 10.25
CA LYS A 13 10.60 -0.09 11.29
C LYS A 13 10.55 -1.57 11.66
N SER A 14 9.40 -2.21 11.49
CA SER A 14 9.30 -3.63 11.75
C SER A 14 9.95 -4.42 10.62
N LYS A 15 9.99 -3.83 9.42
CA LYS A 15 10.64 -4.47 8.28
C LYS A 15 12.16 -4.34 8.38
N GLU A 16 12.64 -3.15 8.75
CA GLU A 16 14.08 -2.95 8.94
C GLU A 16 14.59 -3.85 10.06
N ALA A 17 13.76 -4.06 11.07
CA ALA A 17 14.11 -4.95 12.17
C ALA A 17 14.01 -6.41 11.74
N ASP A 18 13.08 -6.69 10.84
CA ASP A 18 12.90 -8.04 10.31
C ASP A 18 14.15 -8.51 9.58
N GLY A 19 14.60 -7.72 8.62
CA GLY A 19 15.83 -8.06 7.91
C GLY A 19 15.80 -7.66 6.46
N VAL A 20 15.44 -6.41 6.18
CA VAL A 20 15.45 -5.91 4.82
C VAL A 20 16.62 -4.96 4.61
N SER A 21 17.04 -4.82 3.37
CA SER A 21 18.08 -3.87 3.01
C SER A 21 17.53 -2.46 3.11
N VAL A 22 18.40 -1.50 3.42
CA VAL A 22 17.97 -0.10 3.52
C VAL A 22 17.41 0.39 2.19
N SER A 23 17.98 -0.08 1.09
CA SER A 23 17.51 0.26 -0.24
C SER A 23 16.10 -0.30 -0.47
N GLN A 24 15.86 -1.50 0.05
CA GLN A 24 14.55 -2.12 -0.03
C GLN A 24 13.55 -1.34 0.83
N LEU A 25 14.01 -0.91 2.00
CA LEU A 25 13.21 -0.11 2.91
C LEU A 25 12.91 1.24 2.25
N ASN A 26 13.89 1.77 1.52
CA ASN A 26 13.71 3.00 0.75
C ASN A 26 12.55 2.87 -0.22
N SER A 27 12.44 1.69 -0.85
CA SER A 27 11.36 1.43 -1.78
C SER A 27 10.01 1.43 -1.07
N TYR A 28 9.95 0.76 0.09
CA TYR A 28 8.73 0.77 0.91
C TYR A 28 8.38 2.20 1.29
N LYS A 29 9.37 2.94 1.73
CA LYS A 29 9.18 4.32 2.16
C LYS A 29 8.78 5.20 0.98
N ASN A 30 9.34 4.91 -0.20
CA ASN A 30 9.01 5.66 -1.40
C ASN A 30 7.53 5.51 -1.74
N TYR A 31 7.05 4.27 -1.72
CA TYR A 31 5.65 4.00 -1.95
C TYR A 31 4.80 4.66 -0.89
N CYS A 32 5.14 4.43 0.37
CA CYS A 32 4.35 4.91 1.49
C CYS A 32 4.32 6.44 1.55
N ARG A 33 5.48 7.07 1.45
CA ARG A 33 5.60 8.51 1.65
C ARG A 33 4.97 9.29 0.50
N ASN A 34 5.14 8.80 -0.72
CA ASN A 34 4.73 9.55 -1.90
C ASN A 34 3.42 9.01 -2.47
N HIS A 35 3.40 7.74 -2.83
CA HIS A 35 2.24 7.16 -3.50
C HIS A 35 1.09 6.95 -2.52
N LEU A 36 1.40 6.46 -1.33
CA LEU A 36 0.40 6.22 -0.31
C LEU A 36 0.28 7.43 0.62
N SER A 37 0.81 8.55 0.16
CA SER A 37 0.75 9.80 0.91
C SER A 37 -0.70 10.15 1.30
N PRO A 38 -1.68 10.09 0.36
CA PRO A 38 -3.09 10.31 0.67
C PRO A 38 -3.59 9.43 1.82
N LEU A 39 -3.04 8.23 1.93
CA LEU A 39 -3.41 7.31 3.00
C LEU A 39 -2.67 7.65 4.29
N TYR A 40 -1.40 8.00 4.14
CA TYR A 40 -0.54 8.39 5.27
C TYR A 40 -1.20 9.50 6.08
N MET A 41 -1.93 10.37 5.38
CA MET A 41 -2.56 11.51 6.01
C MET A 41 -3.99 11.20 6.46
N LYS A 42 -4.37 9.93 6.35
CA LYS A 42 -5.69 9.50 6.78
C LYS A 42 -5.62 8.65 8.04
N SER A 43 -6.78 8.45 8.65
CA SER A 43 -6.91 7.57 9.80
C SER A 43 -7.39 6.19 9.33
N LEU A 44 -7.18 5.17 10.15
CA LEU A 44 -7.42 3.77 9.76
C LEU A 44 -8.80 3.54 9.14
N SER A 45 -9.86 3.83 9.88
CA SER A 45 -11.21 3.53 9.43
C SER A 45 -11.71 4.60 8.45
N GLU A 46 -10.88 5.59 8.19
CA GLU A 46 -11.26 6.71 7.35
C GLU A 46 -10.71 6.53 5.93
N ILE A 47 -9.98 5.44 5.72
CA ILE A 47 -9.41 5.13 4.42
C ILE A 47 -10.40 4.36 3.56
N LEU A 48 -10.60 4.83 2.35
CA LEU A 48 -11.50 4.17 1.41
C LEU A 48 -10.71 3.28 0.46
N PRO A 49 -11.19 2.06 0.19
CA PRO A 49 -10.55 1.14 -0.75
C PRO A 49 -10.45 1.74 -2.16
N ALA A 50 -11.44 2.55 -2.50
CA ALA A 50 -11.47 3.22 -3.79
C ALA A 50 -10.35 4.25 -3.90
N ASP A 51 -9.97 4.84 -2.77
CA ASP A 51 -8.91 5.83 -2.74
C ASP A 51 -7.59 5.18 -3.11
N ILE A 52 -7.40 3.97 -2.62
CA ILE A 52 -6.20 3.18 -2.92
C ILE A 52 -6.21 2.77 -4.39
N GLN A 53 -7.38 2.38 -4.88
CA GLN A 53 -7.54 1.94 -6.26
C GLN A 53 -7.22 3.10 -7.21
N SER A 54 -7.66 4.29 -6.86
CA SER A 54 -7.36 5.47 -7.64
C SER A 54 -5.85 5.70 -7.73
N ILE A 55 -5.16 5.50 -6.63
CA ILE A 55 -3.70 5.62 -6.61
C ILE A 55 -3.08 4.65 -7.61
N ILE A 56 -3.49 3.39 -7.55
CA ILE A 56 -2.99 2.37 -8.46
C ILE A 56 -3.31 2.71 -9.92
N ASN A 57 -4.52 3.18 -10.15
CA ASN A 57 -4.99 3.50 -11.49
C ASN A 57 -4.24 4.71 -12.07
N GLU A 58 -3.92 5.68 -11.22
CA GLU A 58 -3.24 6.89 -11.66
C GLU A 58 -1.73 6.71 -11.75
N THR A 59 -1.21 5.70 -11.06
CA THR A 59 0.21 5.39 -11.14
C THR A 59 0.53 4.80 -12.51
N LYS A 60 1.51 5.38 -13.20
CA LYS A 60 1.82 4.97 -14.57
C LYS A 60 3.06 4.10 -14.62
N LEU A 61 3.23 3.27 -13.60
CA LEU A 61 4.35 2.33 -13.56
C LEU A 61 3.87 0.93 -13.97
N ALA A 62 4.77 -0.05 -13.89
CA ALA A 62 4.45 -1.41 -14.31
C ALA A 62 3.46 -2.07 -13.35
N LYS A 63 2.85 -3.15 -13.83
CA LYS A 63 1.86 -3.88 -13.04
C LYS A 63 2.49 -4.47 -11.78
N ASN A 64 3.75 -4.88 -11.89
CA ASN A 64 4.48 -5.40 -10.74
C ASN A 64 4.64 -4.31 -9.69
N THR A 65 4.91 -3.09 -10.17
CA THR A 65 5.06 -1.95 -9.29
C THR A 65 3.74 -1.62 -8.60
N LEU A 66 2.65 -1.76 -9.35
CA LEU A 66 1.30 -1.54 -8.81
C LEU A 66 1.00 -2.54 -7.70
N LYS A 67 1.38 -3.81 -7.93
CA LYS A 67 1.20 -4.85 -6.94
C LYS A 67 1.96 -4.51 -5.67
N ALA A 68 3.18 -4.00 -5.84
CA ALA A 68 4.04 -3.65 -4.71
C ALA A 68 3.38 -2.58 -3.83
N ILE A 69 2.65 -1.67 -4.46
CA ILE A 69 1.95 -0.62 -3.73
C ILE A 69 0.86 -1.22 -2.85
N ARG A 70 0.02 -2.06 -3.44
CA ARG A 70 -1.02 -2.77 -2.69
C ARG A 70 -0.39 -3.65 -1.62
N ASN A 71 0.68 -4.33 -1.97
CA ASN A 71 1.39 -5.22 -1.07
C ASN A 71 1.83 -4.47 0.18
N THR A 72 2.50 -3.35 -0.03
CA THR A 72 2.96 -2.51 1.07
C THR A 72 1.79 -2.07 1.94
N ALA A 73 0.74 -1.57 1.30
CA ALA A 73 -0.43 -1.06 2.02
C ALA A 73 -1.13 -2.16 2.80
N SER A 74 -1.35 -3.31 2.16
CA SER A 74 -2.05 -4.42 2.78
C SER A 74 -1.27 -4.94 3.99
N GLN A 75 0.06 -4.97 3.86
CA GLN A 75 0.93 -5.38 4.96
C GLN A 75 0.78 -4.43 6.15
N ILE A 76 0.66 -3.13 5.86
CA ILE A 76 0.49 -2.12 6.91
C ILE A 76 -0.86 -2.30 7.60
N PHE A 77 -1.92 -2.45 6.80
CA PHE A 77 -3.26 -2.66 7.35
C PHE A 77 -3.29 -3.91 8.22
N ARG A 78 -2.67 -4.98 7.73
CA ARG A 78 -2.60 -6.24 8.47
C ARG A 78 -1.92 -6.04 9.82
N LEU A 79 -0.83 -5.28 9.83
CA LEU A 79 -0.11 -4.99 11.06
C LEU A 79 -1.05 -4.34 12.09
N ALA A 80 -1.89 -3.42 11.62
CA ALA A 80 -2.88 -2.79 12.47
C ALA A 80 -3.92 -3.80 12.93
N ILE A 81 -4.33 -4.67 12.01
CA ILE A 81 -5.30 -5.73 12.32
C ILE A 81 -4.75 -6.69 13.36
N GLU A 82 -3.46 -7.03 13.24
CA GLU A 82 -2.82 -7.94 14.17
C GLU A 82 -2.79 -7.35 15.58
N ASN A 83 -2.74 -6.04 15.67
CA ASN A 83 -2.77 -5.35 16.97
C ASN A 83 -4.20 -4.98 17.32
N ARG A 84 -5.14 -5.44 16.50
CA ARG A 84 -6.58 -5.18 16.70
C ARG A 84 -6.91 -3.70 16.72
N ALA A 85 -6.10 -2.91 16.02
CA ALA A 85 -6.35 -1.48 15.89
C ALA A 85 -7.45 -1.22 14.87
N ILE A 86 -7.51 -2.10 13.87
CA ILE A 86 -8.57 -2.05 12.86
C ILE A 86 -8.99 -3.48 12.51
N ASP A 87 -10.28 -3.67 12.29
CA ASP A 87 -10.82 -5.00 12.03
C ASP A 87 -11.23 -5.13 10.55
N PHE A 88 -10.59 -4.34 9.70
CA PHE A 88 -10.92 -4.32 8.28
C PHE A 88 -9.67 -4.00 7.45
N ASN A 89 -9.55 -4.65 6.31
CA ASN A 89 -8.43 -4.40 5.41
C ASN A 89 -8.94 -3.85 4.08
N PRO A 90 -8.86 -2.51 3.90
CA PRO A 90 -9.35 -1.84 2.68
C PRO A 90 -8.56 -2.26 1.44
N ALA A 91 -7.35 -2.75 1.63
CA ALA A 91 -6.48 -3.11 0.52
C ALA A 91 -6.94 -4.39 -0.15
N ASP A 92 -7.83 -5.11 0.51
CA ASP A 92 -8.38 -6.34 -0.06
C ASP A 92 -9.20 -6.03 -1.30
N TYR A 93 -9.76 -4.83 -1.35
CA TYR A 93 -10.66 -4.44 -2.44
C TYR A 93 -9.95 -3.65 -3.54
N VAL A 94 -8.65 -3.41 -3.40
CA VAL A 94 -7.93 -2.71 -4.45
C VAL A 94 -7.28 -3.72 -5.41
N ARG A 95 -7.86 -3.83 -6.59
CA ARG A 95 -7.39 -4.78 -7.58
C ARG A 95 -6.38 -4.15 -8.52
N ILE A 96 -5.39 -4.94 -8.92
CA ILE A 96 -4.35 -4.46 -9.83
C ILE A 96 -4.79 -4.70 -11.27
N PRO A 97 -4.96 -3.62 -12.05
CA PRO A 97 -5.37 -3.71 -13.45
C PRO A 97 -4.29 -4.31 -14.32
N LYS A 98 -4.66 -5.29 -15.13
CA LYS A 98 -3.71 -5.93 -16.02
C LYS A 98 -3.75 -5.25 -17.40
N ILE A 99 -3.30 -4.02 -17.44
CA ILE A 99 -3.33 -3.23 -18.66
C ILE A 99 -2.03 -3.44 -19.46
N ALA A 100 -2.15 -4.15 -20.57
CA ALA A 100 -1.03 -4.35 -21.48
C ALA A 100 -1.43 -3.93 -22.89
N LEU A 101 -2.44 -3.08 -22.94
CA LEU A 101 -3.02 -2.64 -24.20
C LEU A 101 -2.19 -1.56 -24.87
N GLU A 102 -1.60 -0.68 -24.08
CA GLU A 102 -0.85 0.44 -24.61
C GLU A 102 0.60 0.03 -24.89
N HIS A 103 1.33 -0.34 -23.85
CA HIS A 103 2.72 -0.75 -23.99
C HIS A 103 2.84 -2.04 -24.79
N HIS A 104 3.51 -1.95 -25.93
CA HIS A 104 3.67 -3.10 -26.81
C HIS A 104 4.82 -4.00 -26.35
N HIS A 105 5.31 -4.86 -27.24
CA HIS A 105 6.27 -5.91 -26.84
C HIS A 105 7.64 -5.36 -26.44
N HIS A 106 7.82 -4.04 -26.50
CA HIS A 106 9.08 -3.44 -26.07
C HIS A 106 9.01 -3.09 -24.59
N HIS A 107 9.77 -3.80 -23.78
CA HIS A 107 9.73 -3.62 -22.34
C HIS A 107 10.96 -2.86 -21.86
N HIS A 108 10.73 -1.87 -21.02
CA HIS A 108 11.82 -1.15 -20.36
C HIS A 108 11.47 -0.94 -18.90
N ARG A 1 -7.84 6.82 17.20
CA ARG A 1 -6.38 7.08 17.07
C ARG A 1 -5.77 6.12 16.05
N ASP A 2 -4.43 6.16 15.97
CA ASP A 2 -3.66 5.30 15.07
C ASP A 2 -3.91 5.67 13.61
N SER A 3 -3.11 6.60 13.11
CA SER A 3 -3.19 7.00 11.72
C SER A 3 -2.36 6.06 10.85
N PHE A 4 -2.65 6.05 9.56
CA PHE A 4 -1.93 5.18 8.63
C PHE A 4 -0.46 5.55 8.63
N GLY A 5 -0.17 6.83 8.80
CA GLY A 5 1.20 7.30 8.90
C GLY A 5 1.94 6.64 10.04
N ASP A 6 1.29 6.57 11.19
CA ASP A 6 1.88 5.92 12.36
C ASP A 6 2.08 4.43 12.10
N TRP A 7 1.09 3.81 11.47
CA TRP A 7 1.18 2.40 11.10
C TRP A 7 2.33 2.16 10.13
N ALA A 8 2.49 3.06 9.16
CA ALA A 8 3.57 2.97 8.19
C ALA A 8 4.92 3.02 8.91
N GLU A 9 5.05 3.94 9.86
CA GLU A 9 6.28 4.07 10.63
C GLU A 9 6.58 2.80 11.42
N LYS A 10 5.54 2.23 12.02
CA LYS A 10 5.68 1.00 12.80
C LYS A 10 5.99 -0.19 11.89
N PHE A 11 5.51 -0.11 10.66
CA PHE A 11 5.78 -1.14 9.67
C PHE A 11 7.22 -1.02 9.17
N LEU A 12 7.67 0.22 8.97
CA LEU A 12 9.05 0.47 8.56
C LEU A 12 10.01 0.05 9.67
N LYS A 13 9.60 0.26 10.91
CA LYS A 13 10.40 -0.11 12.07
C LYS A 13 10.59 -1.62 12.12
N SER A 14 9.49 -2.34 11.92
CA SER A 14 9.53 -3.80 11.98
C SER A 14 10.21 -4.40 10.75
N LYS A 15 9.96 -3.83 9.58
CA LYS A 15 10.57 -4.31 8.36
C LYS A 15 12.07 -4.00 8.33
N GLU A 16 12.48 -3.02 9.12
CA GLU A 16 13.90 -2.74 9.27
C GLU A 16 14.55 -3.83 10.12
N ALA A 17 13.87 -4.20 11.19
CA ALA A 17 14.31 -5.29 12.06
C ALA A 17 14.26 -6.63 11.30
N ASP A 18 13.37 -6.69 10.32
CA ASP A 18 13.28 -7.85 9.41
C ASP A 18 14.66 -8.13 8.82
N GLY A 19 15.33 -7.07 8.41
CA GLY A 19 16.65 -7.21 7.82
C GLY A 19 16.63 -6.95 6.32
N VAL A 20 15.69 -6.12 5.89
CA VAL A 20 15.57 -5.78 4.49
C VAL A 20 16.76 -4.93 4.02
N SER A 21 17.10 -5.05 2.75
CA SER A 21 18.21 -4.32 2.19
C SER A 21 17.85 -2.84 2.01
N VAL A 22 18.87 -2.02 1.72
CA VAL A 22 18.69 -0.57 1.61
C VAL A 22 17.64 -0.23 0.54
N SER A 23 17.82 -0.77 -0.66
CA SER A 23 16.89 -0.50 -1.75
C SER A 23 15.48 -1.00 -1.43
N GLN A 24 15.41 -2.02 -0.59
CA GLN A 24 14.13 -2.60 -0.20
C GLN A 24 13.36 -1.61 0.66
N LEU A 25 14.00 -1.16 1.74
CA LEU A 25 13.39 -0.21 2.66
C LEU A 25 13.23 1.15 1.99
N ASN A 26 14.15 1.45 1.07
CA ASN A 26 14.09 2.68 0.28
C ASN A 26 12.77 2.75 -0.49
N SER A 27 12.41 1.62 -1.10
CA SER A 27 11.18 1.53 -1.85
C SER A 27 9.97 1.64 -0.92
N TYR A 28 10.08 1.03 0.27
CA TYR A 28 9.04 1.11 1.28
C TYR A 28 8.78 2.56 1.68
N LYS A 29 9.86 3.31 1.93
CA LYS A 29 9.73 4.71 2.29
C LYS A 29 9.09 5.51 1.17
N ASN A 30 9.54 5.26 -0.05
CA ASN A 30 9.02 5.95 -1.22
C ASN A 30 7.52 5.75 -1.36
N TYR A 31 7.08 4.49 -1.29
CA TYR A 31 5.67 4.16 -1.42
C TYR A 31 4.85 4.87 -0.34
N CYS A 32 5.27 4.71 0.90
CA CYS A 32 4.51 5.22 2.05
C CYS A 32 4.48 6.75 2.09
N ARG A 33 5.64 7.39 1.86
CA ARG A 33 5.73 8.82 2.04
C ARG A 33 5.21 9.58 0.82
N ASN A 34 5.30 8.98 -0.36
CA ASN A 34 4.90 9.68 -1.59
C ASN A 34 3.57 9.17 -2.12
N HIS A 35 3.52 7.88 -2.48
CA HIS A 35 2.36 7.33 -3.16
C HIS A 35 1.20 7.11 -2.19
N LEU A 36 1.54 6.91 -0.92
CA LEU A 36 0.54 6.67 0.12
C LEU A 36 0.43 7.88 1.03
N SER A 37 0.98 9.01 0.60
CA SER A 37 0.94 10.24 1.38
C SER A 37 -0.49 10.68 1.72
N PRO A 38 -1.44 10.67 0.76
CA PRO A 38 -2.86 10.97 1.03
C PRO A 38 -3.45 10.09 2.13
N LEU A 39 -2.91 8.88 2.26
CA LEU A 39 -3.38 7.94 3.27
C LEU A 39 -2.61 8.13 4.57
N TYR A 40 -1.37 8.56 4.44
CA TYR A 40 -0.49 8.80 5.58
C TYR A 40 -1.11 9.80 6.56
N MET A 41 -1.74 10.83 6.00
CA MET A 41 -2.40 11.86 6.79
C MET A 41 -3.72 11.35 7.36
N LYS A 42 -4.29 10.34 6.70
CA LYS A 42 -5.57 9.79 7.11
C LYS A 42 -5.44 8.92 8.35
N SER A 43 -6.48 8.94 9.17
CA SER A 43 -6.57 7.99 10.27
C SER A 43 -7.00 6.65 9.69
N LEU A 44 -6.78 5.58 10.44
CA LEU A 44 -7.02 4.23 9.95
C LEU A 44 -8.46 4.05 9.47
N SER A 45 -9.40 4.72 10.12
CA SER A 45 -10.81 4.60 9.79
C SER A 45 -11.25 5.57 8.68
N GLU A 46 -10.33 6.40 8.22
CA GLU A 46 -10.65 7.40 7.18
C GLU A 46 -10.32 6.87 5.79
N ILE A 47 -9.70 5.70 5.75
CA ILE A 47 -9.21 5.16 4.49
C ILE A 47 -10.21 4.20 3.86
N LEU A 48 -10.65 4.53 2.66
CA LEU A 48 -11.55 3.69 1.92
C LEU A 48 -10.77 2.92 0.85
N PRO A 49 -11.25 1.73 0.46
CA PRO A 49 -10.63 0.94 -0.60
C PRO A 49 -10.63 1.69 -1.93
N ALA A 50 -11.58 2.61 -2.06
CA ALA A 50 -11.71 3.41 -3.27
C ALA A 50 -10.55 4.39 -3.41
N ASP A 51 -10.12 4.95 -2.28
CA ASP A 51 -9.02 5.92 -2.28
C ASP A 51 -7.77 5.30 -2.88
N ILE A 52 -7.40 4.15 -2.35
CA ILE A 52 -6.19 3.45 -2.78
C ILE A 52 -6.29 3.04 -4.25
N GLN A 53 -7.42 2.45 -4.61
CA GLN A 53 -7.62 1.93 -5.97
C GLN A 53 -7.61 3.08 -6.98
N SER A 54 -8.23 4.19 -6.62
CA SER A 54 -8.28 5.36 -7.50
C SER A 54 -6.86 5.81 -7.86
N ILE A 55 -6.02 5.95 -6.84
CA ILE A 55 -4.63 6.35 -7.04
C ILE A 55 -3.92 5.36 -7.94
N ILE A 56 -4.06 4.08 -7.61
CA ILE A 56 -3.46 3.00 -8.40
C ILE A 56 -3.92 3.06 -9.85
N ASN A 57 -5.23 3.29 -10.05
CA ASN A 57 -5.83 3.33 -11.37
C ASN A 57 -5.15 4.34 -12.28
N GLU A 58 -4.81 5.50 -11.74
CA GLU A 58 -4.18 6.54 -12.57
C GLU A 58 -2.65 6.47 -12.53
N THR A 59 -2.11 5.63 -11.64
CA THR A 59 -0.66 5.47 -11.55
C THR A 59 -0.13 4.62 -12.70
N LYS A 60 0.94 5.09 -13.35
CA LYS A 60 1.54 4.35 -14.46
C LYS A 60 2.86 3.73 -14.01
N LEU A 61 2.79 2.50 -13.51
CA LEU A 61 3.99 1.79 -13.10
C LEU A 61 3.94 0.35 -13.58
N ALA A 62 5.04 -0.38 -13.38
CA ALA A 62 5.10 -1.77 -13.79
C ALA A 62 4.19 -2.62 -12.91
N LYS A 63 3.79 -3.78 -13.44
CA LYS A 63 2.91 -4.69 -12.72
C LYS A 63 3.52 -5.09 -11.37
N ASN A 64 4.83 -5.24 -11.34
CA ASN A 64 5.55 -5.57 -10.11
C ASN A 64 5.43 -4.43 -9.11
N THR A 65 5.64 -3.22 -9.60
CA THR A 65 5.65 -2.02 -8.75
C THR A 65 4.26 -1.76 -8.18
N LEU A 66 3.24 -1.84 -9.04
CA LEU A 66 1.86 -1.58 -8.62
C LEU A 66 1.41 -2.57 -7.56
N LYS A 67 1.66 -3.85 -7.80
CA LYS A 67 1.32 -4.88 -6.82
C LYS A 67 2.12 -4.70 -5.53
N ALA A 68 3.37 -4.25 -5.67
CA ALA A 68 4.22 -4.02 -4.51
C ALA A 68 3.64 -2.95 -3.60
N ILE A 69 3.13 -1.88 -4.19
CA ILE A 69 2.51 -0.81 -3.42
C ILE A 69 1.29 -1.32 -2.65
N ARG A 70 0.44 -2.07 -3.35
CA ARG A 70 -0.76 -2.62 -2.73
C ARG A 70 -0.41 -3.64 -1.66
N ASN A 71 0.52 -4.54 -1.96
CA ASN A 71 0.93 -5.57 -1.01
C ASN A 71 1.59 -4.94 0.22
N THR A 72 2.29 -3.84 0.02
CA THR A 72 2.87 -3.11 1.14
C THR A 72 1.76 -2.53 2.02
N ALA A 73 0.76 -1.93 1.38
CA ALA A 73 -0.36 -1.33 2.08
C ALA A 73 -1.16 -2.38 2.85
N SER A 74 -1.43 -3.51 2.20
CA SER A 74 -2.20 -4.57 2.82
C SER A 74 -1.46 -5.14 4.03
N GLN A 75 -0.14 -5.21 3.93
CA GLN A 75 0.70 -5.63 5.06
C GLN A 75 0.49 -4.72 6.26
N ILE A 76 0.44 -3.42 5.99
CA ILE A 76 0.21 -2.42 7.03
C ILE A 76 -1.19 -2.60 7.64
N PHE A 77 -2.17 -2.83 6.79
CA PHE A 77 -3.54 -3.05 7.25
C PHE A 77 -3.64 -4.36 8.03
N ARG A 78 -2.93 -5.38 7.57
CA ARG A 78 -2.86 -6.65 8.29
C ARG A 78 -2.31 -6.43 9.68
N LEU A 79 -1.27 -5.61 9.77
CA LEU A 79 -0.65 -5.28 11.05
C LEU A 79 -1.68 -4.62 11.97
N ALA A 80 -2.50 -3.75 11.39
CA ALA A 80 -3.57 -3.09 12.14
C ALA A 80 -4.60 -4.12 12.60
N ILE A 81 -4.93 -5.05 11.72
CA ILE A 81 -5.85 -6.14 12.04
C ILE A 81 -5.29 -7.02 13.17
N GLU A 82 -4.01 -7.38 13.06
CA GLU A 82 -3.34 -8.18 14.09
C GLU A 82 -3.34 -7.46 15.43
N ASN A 83 -3.20 -6.14 15.40
CA ASN A 83 -3.19 -5.33 16.61
C ASN A 83 -4.62 -4.91 16.98
N ARG A 84 -5.59 -5.51 16.28
CA ARG A 84 -7.01 -5.37 16.61
C ARG A 84 -7.51 -3.93 16.45
N ALA A 85 -6.80 -3.15 15.65
CA ALA A 85 -7.14 -1.74 15.49
C ALA A 85 -8.20 -1.55 14.41
N ILE A 86 -8.25 -2.47 13.45
CA ILE A 86 -9.22 -2.38 12.37
C ILE A 86 -9.70 -3.78 11.98
N ASP A 87 -10.94 -3.85 11.51
CA ASP A 87 -11.54 -5.12 11.09
C ASP A 87 -11.83 -5.08 9.59
N PHE A 88 -11.08 -4.26 8.89
CA PHE A 88 -11.31 -4.03 7.47
C PHE A 88 -9.98 -3.82 6.76
N ASN A 89 -9.80 -4.49 5.62
CA ASN A 89 -8.58 -4.34 4.85
C ASN A 89 -8.89 -3.69 3.50
N PRO A 90 -8.73 -2.36 3.40
CA PRO A 90 -9.02 -1.62 2.18
C PRO A 90 -8.21 -2.10 0.97
N ALA A 91 -6.98 -2.55 1.24
CA ALA A 91 -6.07 -2.96 0.18
C ALA A 91 -6.48 -4.29 -0.42
N ASP A 92 -7.27 -5.06 0.34
CA ASP A 92 -7.76 -6.35 -0.13
C ASP A 92 -8.78 -6.18 -1.25
N TYR A 93 -9.42 -5.01 -1.28
CA TYR A 93 -10.44 -4.72 -2.28
C TYR A 93 -9.85 -3.96 -3.46
N VAL A 94 -8.56 -3.63 -3.37
CA VAL A 94 -7.89 -2.92 -4.44
C VAL A 94 -7.54 -3.87 -5.58
N ARG A 95 -8.10 -3.61 -6.74
CA ARG A 95 -7.80 -4.40 -7.91
C ARG A 95 -6.65 -3.77 -8.68
N ILE A 96 -5.79 -4.62 -9.21
CA ILE A 96 -4.62 -4.17 -9.92
C ILE A 96 -4.80 -4.40 -11.43
N PRO A 97 -4.56 -3.37 -12.23
CA PRO A 97 -4.72 -3.45 -13.68
C PRO A 97 -3.44 -3.89 -14.39
N LYS A 98 -3.59 -4.72 -15.41
CA LYS A 98 -2.48 -5.09 -16.28
C LYS A 98 -2.65 -4.37 -17.62
N ILE A 99 -3.68 -3.55 -17.70
CA ILE A 99 -4.06 -2.91 -18.95
C ILE A 99 -3.22 -1.68 -19.21
N ALA A 100 -2.16 -1.87 -19.98
CA ALA A 100 -1.36 -0.76 -20.46
C ALA A 100 -1.92 -0.26 -21.78
N LEU A 101 -1.41 0.86 -22.24
CA LEU A 101 -1.93 1.48 -23.46
C LEU A 101 -1.64 0.60 -24.67
N GLU A 102 -2.69 0.01 -25.21
CA GLU A 102 -2.55 -0.84 -26.38
C GLU A 102 -2.23 0.00 -27.61
N HIS A 103 -3.02 1.03 -27.83
CA HIS A 103 -2.79 1.95 -28.94
C HIS A 103 -1.81 3.03 -28.53
N HIS A 104 -1.43 3.84 -29.50
CA HIS A 104 -0.43 4.88 -29.27
C HIS A 104 -1.11 6.23 -29.09
N HIS A 105 -0.42 7.13 -28.37
CA HIS A 105 -0.84 8.52 -28.20
C HIS A 105 -2.32 8.66 -27.82
N HIS A 106 -2.59 8.43 -26.55
CA HIS A 106 -3.93 8.63 -25.99
C HIS A 106 -3.81 9.22 -24.59
N HIS A 107 -2.85 8.73 -23.85
CA HIS A 107 -2.49 9.28 -22.56
C HIS A 107 -1.01 9.64 -22.60
N HIS A 108 -0.72 10.84 -23.13
CA HIS A 108 0.64 11.22 -23.52
C HIS A 108 1.08 10.42 -24.74
N ARG A 1 -8.47 4.59 17.26
CA ARG A 1 -8.42 4.53 15.79
C ARG A 1 -7.23 5.35 15.29
N ASP A 2 -6.11 4.68 15.05
CA ASP A 2 -4.91 5.36 14.58
C ASP A 2 -5.02 5.70 13.11
N SER A 3 -3.95 6.26 12.57
CA SER A 3 -3.92 6.65 11.18
C SER A 3 -2.91 5.82 10.41
N PHE A 4 -3.07 5.79 9.09
CA PHE A 4 -2.23 4.97 8.23
C PHE A 4 -0.76 5.36 8.36
N GLY A 5 -0.50 6.64 8.59
CA GLY A 5 0.86 7.11 8.74
C GLY A 5 1.57 6.49 9.92
N ASP A 6 0.85 6.36 11.04
CA ASP A 6 1.40 5.73 12.23
C ASP A 6 1.79 4.29 11.93
N TRP A 7 0.84 3.54 11.38
CA TRP A 7 1.07 2.14 11.05
C TRP A 7 2.12 1.98 9.97
N ALA A 8 2.17 2.93 9.03
CA ALA A 8 3.15 2.89 7.96
C ALA A 8 4.56 2.98 8.53
N GLU A 9 4.79 3.97 9.37
CA GLU A 9 6.10 4.16 9.97
C GLU A 9 6.39 3.04 10.96
N LYS A 10 5.36 2.57 11.64
CA LYS A 10 5.47 1.44 12.56
C LYS A 10 5.92 0.20 11.79
N PHE A 11 5.32 0.01 10.63
CA PHE A 11 5.67 -1.09 9.73
C PHE A 11 7.10 -0.94 9.22
N LEU A 12 7.47 0.26 8.82
CA LEU A 12 8.82 0.53 8.34
C LEU A 12 9.84 0.26 9.45
N LYS A 13 9.51 0.68 10.65
CA LYS A 13 10.42 0.57 11.78
C LYS A 13 10.58 -0.89 12.21
N SER A 14 9.49 -1.65 12.16
CA SER A 14 9.54 -3.05 12.55
C SER A 14 10.32 -3.87 11.52
N LYS A 15 10.25 -3.48 10.26
CA LYS A 15 11.05 -4.11 9.21
C LYS A 15 12.52 -3.70 9.34
N GLU A 16 12.74 -2.45 9.71
CA GLU A 16 14.09 -1.94 9.92
C GLU A 16 14.78 -2.71 11.05
N ALA A 17 14.04 -2.89 12.14
CA ALA A 17 14.56 -3.64 13.28
C ALA A 17 14.65 -5.13 12.95
N ASP A 18 13.71 -5.61 12.12
CA ASP A 18 13.71 -7.00 11.69
C ASP A 18 15.01 -7.34 10.99
N GLY A 19 15.43 -6.47 10.08
CA GLY A 19 16.70 -6.65 9.42
C GLY A 19 16.55 -6.90 7.93
N VAL A 20 15.65 -6.16 7.29
CA VAL A 20 15.51 -6.24 5.85
C VAL A 20 16.62 -5.45 5.17
N SER A 21 16.91 -5.78 3.92
CA SER A 21 17.92 -5.06 3.16
C SER A 21 17.53 -3.60 3.00
N VAL A 22 18.52 -2.72 2.91
CA VAL A 22 18.27 -1.29 2.81
C VAL A 22 17.42 -0.99 1.59
N SER A 23 17.74 -1.64 0.46
CA SER A 23 17.00 -1.45 -0.77
C SER A 23 15.53 -1.82 -0.59
N GLN A 24 15.27 -2.88 0.16
CA GLN A 24 13.90 -3.31 0.44
C GLN A 24 13.17 -2.24 1.25
N LEU A 25 13.85 -1.71 2.25
CA LEU A 25 13.28 -0.65 3.10
C LEU A 25 13.10 0.63 2.29
N ASN A 26 14.04 0.90 1.39
CA ASN A 26 13.98 2.07 0.54
C ASN A 26 12.72 2.03 -0.33
N SER A 27 12.46 0.89 -0.96
CA SER A 27 11.28 0.74 -1.79
C SER A 27 9.99 0.89 -0.98
N TYR A 28 10.01 0.39 0.26
CA TYR A 28 8.88 0.60 1.17
C TYR A 28 8.64 2.08 1.40
N LYS A 29 9.71 2.75 1.81
CA LYS A 29 9.66 4.16 2.18
C LYS A 29 9.35 5.03 0.95
N ASN A 30 9.82 4.59 -0.20
CA ASN A 30 9.60 5.30 -1.46
C ASN A 30 8.12 5.34 -1.82
N TYR A 31 7.48 4.17 -1.84
CA TYR A 31 6.06 4.08 -2.17
C TYR A 31 5.24 4.87 -1.16
N CYS A 32 5.64 4.79 0.09
CA CYS A 32 4.94 5.46 1.18
C CYS A 32 5.00 6.97 1.03
N ARG A 33 6.21 7.49 0.81
CA ARG A 33 6.43 8.94 0.75
C ARG A 33 5.90 9.57 -0.52
N ASN A 34 5.43 8.76 -1.47
CA ASN A 34 4.92 9.34 -2.71
C ASN A 34 3.45 9.02 -2.95
N HIS A 35 3.11 7.75 -3.12
CA HIS A 35 1.74 7.38 -3.49
C HIS A 35 0.86 7.15 -2.27
N LEU A 36 1.47 6.90 -1.12
CA LEU A 36 0.70 6.63 0.09
C LEU A 36 0.61 7.88 0.97
N SER A 37 1.10 9.01 0.45
CA SER A 37 1.06 10.27 1.17
C SER A 37 -0.37 10.66 1.56
N PRO A 38 -1.35 10.63 0.62
CA PRO A 38 -2.74 10.93 0.93
C PRO A 38 -3.28 10.07 2.09
N LEU A 39 -2.89 8.79 2.10
CA LEU A 39 -3.35 7.85 3.12
C LEU A 39 -2.63 8.08 4.44
N TYR A 40 -1.41 8.58 4.35
CA TYR A 40 -0.53 8.75 5.50
C TYR A 40 -1.18 9.62 6.58
N MET A 41 -2.04 10.53 6.17
CA MET A 41 -2.69 11.44 7.11
C MET A 41 -4.16 11.07 7.33
N LYS A 42 -4.56 9.91 6.81
CA LYS A 42 -5.93 9.44 7.00
C LYS A 42 -5.99 8.48 8.17
N SER A 43 -6.99 8.66 9.04
CA SER A 43 -7.25 7.70 10.10
C SER A 43 -7.86 6.44 9.51
N LEU A 44 -7.66 5.30 10.17
CA LEU A 44 -8.09 4.01 9.65
C LEU A 44 -9.58 3.99 9.30
N SER A 45 -10.38 4.71 10.08
CA SER A 45 -11.82 4.73 9.88
C SER A 45 -12.22 5.69 8.75
N GLU A 46 -11.25 6.44 8.23
CA GLU A 46 -11.51 7.36 7.14
C GLU A 46 -10.81 6.90 5.86
N ILE A 47 -10.23 5.71 5.89
CA ILE A 47 -9.54 5.17 4.73
C ILE A 47 -10.51 4.39 3.85
N LEU A 48 -10.70 4.86 2.63
CA LEU A 48 -11.60 4.21 1.69
C LEU A 48 -10.82 3.27 0.79
N PRO A 49 -11.33 2.04 0.58
CA PRO A 49 -10.72 1.07 -0.33
C PRO A 49 -10.62 1.62 -1.75
N ALA A 50 -11.61 2.41 -2.14
CA ALA A 50 -11.64 3.02 -3.45
C ALA A 50 -10.57 4.11 -3.58
N ASP A 51 -10.16 4.67 -2.45
CA ASP A 51 -9.15 5.71 -2.44
C ASP A 51 -7.78 5.12 -2.78
N ILE A 52 -7.50 3.96 -2.20
CA ILE A 52 -6.27 3.24 -2.48
C ILE A 52 -6.29 2.73 -3.92
N GLN A 53 -7.46 2.25 -4.34
CA GLN A 53 -7.64 1.74 -5.70
C GLN A 53 -7.33 2.84 -6.72
N SER A 54 -7.89 4.02 -6.50
CA SER A 54 -7.69 5.15 -7.40
C SER A 54 -6.23 5.60 -7.41
N ILE A 55 -5.53 5.38 -6.30
CA ILE A 55 -4.09 5.64 -6.24
C ILE A 55 -3.35 4.77 -7.26
N ILE A 56 -3.73 3.50 -7.33
CA ILE A 56 -3.14 2.60 -8.31
C ILE A 56 -3.45 3.07 -9.73
N ASN A 57 -4.62 3.66 -9.90
CA ASN A 57 -5.05 4.15 -11.21
C ASN A 57 -4.31 5.44 -11.58
N GLU A 58 -3.92 6.23 -10.57
CA GLU A 58 -3.21 7.47 -10.84
C GLU A 58 -1.71 7.22 -10.94
N THR A 59 -1.29 6.02 -10.59
CA THR A 59 0.09 5.62 -10.74
C THR A 59 0.34 5.20 -12.19
N LYS A 60 1.21 5.93 -12.87
CA LYS A 60 1.48 5.70 -14.29
C LYS A 60 2.73 4.84 -14.48
N LEU A 61 2.96 3.95 -13.53
CA LEU A 61 4.10 3.05 -13.58
C LEU A 61 3.67 1.67 -14.05
N ALA A 62 4.60 0.73 -14.05
CA ALA A 62 4.34 -0.61 -14.57
C ALA A 62 3.48 -1.43 -13.61
N LYS A 63 2.94 -2.53 -14.14
CA LYS A 63 2.01 -3.40 -13.40
C LYS A 63 2.66 -3.98 -12.15
N ASN A 64 3.91 -4.41 -12.27
CA ASN A 64 4.63 -4.98 -11.14
C ASN A 64 4.82 -3.95 -10.03
N THR A 65 4.99 -2.69 -10.41
CA THR A 65 5.13 -1.62 -9.43
C THR A 65 3.78 -1.33 -8.78
N LEU A 66 2.72 -1.38 -9.57
CA LEU A 66 1.37 -1.15 -9.07
C LEU A 66 1.02 -2.15 -7.97
N LYS A 67 1.26 -3.42 -8.24
CA LYS A 67 0.92 -4.47 -7.29
C LYS A 67 1.90 -4.48 -6.12
N ALA A 68 3.08 -3.90 -6.31
CA ALA A 68 4.04 -3.76 -5.21
C ALA A 68 3.51 -2.81 -4.15
N ILE A 69 2.90 -1.71 -4.58
CA ILE A 69 2.26 -0.77 -3.67
C ILE A 69 1.08 -1.46 -2.98
N ARG A 70 0.35 -2.25 -3.77
CA ARG A 70 -0.72 -3.11 -3.28
C ARG A 70 -0.22 -4.03 -2.17
N ASN A 71 0.93 -4.66 -2.39
CA ASN A 71 1.53 -5.54 -1.39
C ASN A 71 1.98 -4.77 -0.15
N THR A 72 2.66 -3.65 -0.37
CA THR A 72 3.16 -2.83 0.73
C THR A 72 2.02 -2.38 1.64
N ALA A 73 1.00 -1.76 1.05
CA ALA A 73 -0.14 -1.26 1.81
C ALA A 73 -0.84 -2.39 2.55
N SER A 74 -0.90 -3.56 1.93
CA SER A 74 -1.55 -4.71 2.53
C SER A 74 -0.87 -5.09 3.84
N GLN A 75 0.46 -5.22 3.81
CA GLN A 75 1.22 -5.62 4.98
C GLN A 75 1.00 -4.63 6.13
N ILE A 76 0.90 -3.35 5.79
CA ILE A 76 0.67 -2.31 6.78
C ILE A 76 -0.70 -2.48 7.44
N PHE A 77 -1.73 -2.70 6.63
CA PHE A 77 -3.08 -2.90 7.15
C PHE A 77 -3.18 -4.18 7.97
N ARG A 78 -2.45 -5.21 7.55
CA ARG A 78 -2.44 -6.48 8.28
C ARG A 78 -1.90 -6.28 9.68
N LEU A 79 -0.89 -5.44 9.80
CA LEU A 79 -0.30 -5.13 11.09
C LEU A 79 -1.33 -4.50 12.02
N ALA A 80 -2.21 -3.68 11.44
CA ALA A 80 -3.28 -3.07 12.19
C ALA A 80 -4.31 -4.11 12.61
N ILE A 81 -4.56 -5.07 11.72
CA ILE A 81 -5.45 -6.18 12.02
C ILE A 81 -4.90 -7.02 13.16
N GLU A 82 -3.60 -7.31 13.10
CA GLU A 82 -2.92 -8.08 14.14
C GLU A 82 -2.98 -7.37 15.49
N ASN A 83 -3.06 -6.05 15.45
CA ASN A 83 -3.15 -5.25 16.67
C ASN A 83 -4.60 -4.89 16.97
N ARG A 84 -5.52 -5.68 16.40
CA ARG A 84 -6.97 -5.48 16.51
C ARG A 84 -7.36 -4.00 16.47
N ALA A 85 -6.69 -3.24 15.61
CA ALA A 85 -7.00 -1.84 15.42
C ALA A 85 -8.06 -1.70 14.35
N ILE A 86 -8.02 -2.60 13.38
CA ILE A 86 -8.99 -2.63 12.31
C ILE A 86 -9.19 -4.07 11.83
N ASP A 87 -10.43 -4.49 11.67
CA ASP A 87 -10.74 -5.85 11.21
C ASP A 87 -11.13 -5.81 9.74
N PHE A 88 -10.65 -4.78 9.08
CA PHE A 88 -11.03 -4.52 7.70
C PHE A 88 -9.78 -4.22 6.88
N ASN A 89 -9.66 -4.85 5.71
CA ASN A 89 -8.50 -4.64 4.85
C ASN A 89 -8.93 -4.00 3.54
N PRO A 90 -8.76 -2.68 3.40
CA PRO A 90 -9.16 -1.94 2.21
C PRO A 90 -8.33 -2.34 0.98
N ALA A 91 -7.12 -2.82 1.23
CA ALA A 91 -6.21 -3.20 0.15
C ALA A 91 -6.68 -4.45 -0.57
N ASP A 92 -7.53 -5.23 0.11
CA ASP A 92 -8.09 -6.46 -0.47
C ASP A 92 -8.96 -6.15 -1.69
N TYR A 93 -9.56 -4.98 -1.68
CA TYR A 93 -10.48 -4.58 -2.74
C TYR A 93 -9.73 -3.91 -3.89
N VAL A 94 -8.44 -3.71 -3.72
CA VAL A 94 -7.64 -3.07 -4.75
C VAL A 94 -7.27 -4.08 -5.83
N ARG A 95 -7.90 -3.93 -6.99
CA ARG A 95 -7.68 -4.84 -8.10
C ARG A 95 -6.56 -4.33 -8.99
N ILE A 96 -5.65 -5.22 -9.36
CA ILE A 96 -4.49 -4.85 -10.15
C ILE A 96 -4.79 -5.03 -11.64
N PRO A 97 -4.77 -3.92 -12.40
CA PRO A 97 -5.12 -3.91 -13.81
C PRO A 97 -4.16 -4.74 -14.68
N LYS A 98 -4.64 -5.14 -15.84
CA LYS A 98 -3.84 -5.91 -16.78
C LYS A 98 -3.82 -5.23 -18.13
N ILE A 99 -4.62 -4.18 -18.26
CA ILE A 99 -4.87 -3.55 -19.53
C ILE A 99 -4.51 -2.09 -19.41
N ALA A 100 -3.93 -1.57 -20.46
CA ALA A 100 -3.63 -0.16 -20.52
C ALA A 100 -4.89 0.68 -20.36
N LEU A 101 -4.94 1.43 -19.28
CA LEU A 101 -6.11 2.24 -18.96
C LEU A 101 -5.95 3.64 -19.57
N GLU A 102 -6.31 4.66 -18.79
CA GLU A 102 -6.12 6.06 -19.19
C GLU A 102 -7.12 6.46 -20.27
N HIS A 103 -8.11 5.61 -20.49
CA HIS A 103 -9.19 5.92 -21.41
C HIS A 103 -10.35 6.52 -20.62
N HIS A 104 -10.42 7.83 -20.60
CA HIS A 104 -11.31 8.54 -19.70
C HIS A 104 -12.58 9.00 -20.42
N HIS A 105 -13.65 8.22 -20.27
CA HIS A 105 -14.97 8.56 -20.82
C HIS A 105 -14.96 8.55 -22.35
N HIS A 106 -14.56 9.68 -22.92
CA HIS A 106 -14.57 9.90 -24.36
C HIS A 106 -14.35 11.39 -24.60
N HIS A 107 -13.19 11.74 -25.14
CA HIS A 107 -12.82 13.14 -25.24
C HIS A 107 -13.65 13.85 -26.30
N HIS A 108 -14.59 14.66 -25.84
CA HIS A 108 -15.40 15.46 -26.73
C HIS A 108 -15.26 16.92 -26.36
N ARG A 1 -6.03 8.43 16.58
CA ARG A 1 -4.63 8.65 16.98
C ARG A 1 -3.69 8.15 15.90
N ASP A 2 -3.55 6.84 15.83
CA ASP A 2 -2.71 6.21 14.83
C ASP A 2 -3.33 6.33 13.45
N SER A 3 -2.54 6.81 12.51
CA SER A 3 -2.97 6.93 11.13
C SER A 3 -2.21 5.92 10.28
N PHE A 4 -2.49 5.91 8.97
CA PHE A 4 -1.76 5.03 8.06
C PHE A 4 -0.27 5.36 8.10
N GLY A 5 0.05 6.64 8.26
CA GLY A 5 1.43 7.06 8.36
C GLY A 5 2.11 6.47 9.59
N ASP A 6 1.37 6.40 10.69
CA ASP A 6 1.88 5.81 11.92
C ASP A 6 2.18 4.34 11.72
N TRP A 7 1.20 3.61 11.20
CA TRP A 7 1.34 2.17 10.99
C TRP A 7 2.37 1.87 9.92
N ALA A 8 2.44 2.72 8.91
CA ALA A 8 3.45 2.58 7.87
C ALA A 8 4.84 2.69 8.47
N GLU A 9 5.05 3.75 9.24
CA GLU A 9 6.34 3.99 9.87
C GLU A 9 6.69 2.85 10.83
N LYS A 10 5.70 2.34 11.53
CA LYS A 10 5.90 1.20 12.43
C LYS A 10 6.26 -0.05 11.64
N PHE A 11 5.53 -0.30 10.57
CA PHE A 11 5.77 -1.45 9.71
C PHE A 11 7.17 -1.38 9.09
N LEU A 12 7.54 -0.18 8.65
CA LEU A 12 8.86 0.05 8.08
C LEU A 12 9.95 -0.20 9.11
N LYS A 13 9.74 0.30 10.32
CA LYS A 13 10.71 0.11 11.39
C LYS A 13 10.81 -1.36 11.77
N SER A 14 9.67 -2.04 11.73
CA SER A 14 9.62 -3.47 12.02
C SER A 14 10.37 -4.25 10.94
N LYS A 15 10.16 -3.89 9.69
CA LYS A 15 10.84 -4.54 8.57
C LYS A 15 12.33 -4.20 8.58
N GLU A 16 12.65 -3.01 9.06
CA GLU A 16 14.04 -2.60 9.23
C GLU A 16 14.77 -3.59 10.15
N ALA A 17 14.14 -3.89 11.28
CA ALA A 17 14.70 -4.82 12.25
C ALA A 17 14.54 -6.27 11.77
N ASP A 18 13.51 -6.52 10.98
CA ASP A 18 13.26 -7.84 10.39
C ASP A 18 14.48 -8.30 9.60
N GLY A 19 15.03 -7.41 8.80
CA GLY A 19 16.22 -7.72 8.06
C GLY A 19 16.08 -7.41 6.58
N VAL A 20 15.87 -6.15 6.26
CA VAL A 20 15.77 -5.72 4.88
C VAL A 20 16.91 -4.78 4.52
N SER A 21 17.23 -4.73 3.24
CA SER A 21 18.25 -3.81 2.74
C SER A 21 17.79 -2.37 2.91
N VAL A 22 18.74 -1.45 3.01
CA VAL A 22 18.42 -0.04 3.13
C VAL A 22 17.64 0.43 1.90
N SER A 23 17.97 -0.10 0.73
CA SER A 23 17.28 0.24 -0.49
C SER A 23 15.87 -0.35 -0.47
N GLN A 24 15.74 -1.51 0.15
CA GLN A 24 14.45 -2.17 0.28
C GLN A 24 13.53 -1.35 1.19
N LEU A 25 14.11 -0.80 2.25
CA LEU A 25 13.36 0.04 3.17
C LEU A 25 13.01 1.38 2.52
N ASN A 26 13.98 1.97 1.82
CA ASN A 26 13.77 3.25 1.15
C ASN A 26 12.67 3.13 0.10
N SER A 27 12.69 2.06 -0.68
CA SER A 27 11.69 1.86 -1.71
C SER A 27 10.29 1.75 -1.09
N TYR A 28 10.19 1.09 0.06
CA TYR A 28 8.94 1.04 0.81
C TYR A 28 8.46 2.44 1.14
N LYS A 29 9.39 3.27 1.62
CA LYS A 29 9.09 4.65 1.96
C LYS A 29 8.66 5.44 0.72
N ASN A 30 9.29 5.17 -0.40
CA ASN A 30 8.93 5.82 -1.66
C ASN A 30 7.48 5.52 -2.03
N TYR A 31 7.01 4.33 -1.67
CA TYR A 31 5.62 3.96 -1.94
C TYR A 31 4.68 4.75 -1.05
N CYS A 32 4.93 4.73 0.26
CA CYS A 32 4.00 5.32 1.22
C CYS A 32 4.09 6.85 1.25
N ARG A 33 5.29 7.37 1.13
CA ARG A 33 5.52 8.82 1.20
C ARG A 33 4.96 9.53 -0.03
N ASN A 34 5.27 9.01 -1.20
CA ASN A 34 4.92 9.69 -2.44
C ASN A 34 3.52 9.31 -2.92
N HIS A 35 3.27 8.03 -3.14
CA HIS A 35 2.00 7.59 -3.74
C HIS A 35 0.90 7.39 -2.71
N LEU A 36 1.21 6.82 -1.57
CA LEU A 36 0.19 6.58 -0.54
C LEU A 36 0.03 7.81 0.36
N SER A 37 0.44 8.96 -0.16
CA SER A 37 0.37 10.22 0.59
C SER A 37 -1.04 10.54 1.08
N PRO A 38 -2.10 10.40 0.25
CA PRO A 38 -3.47 10.65 0.69
C PRO A 38 -3.85 9.76 1.87
N LEU A 39 -3.39 8.52 1.83
CA LEU A 39 -3.70 7.55 2.87
C LEU A 39 -2.86 7.81 4.11
N TYR A 40 -1.64 8.26 3.87
CA TYR A 40 -0.64 8.48 4.93
C TYR A 40 -1.19 9.43 6.00
N MET A 41 -2.07 10.35 5.60
CA MET A 41 -2.60 11.34 6.51
C MET A 41 -4.01 10.96 6.99
N LYS A 42 -4.48 9.79 6.59
CA LYS A 42 -5.82 9.34 6.95
C LYS A 42 -5.77 8.23 7.99
N SER A 43 -6.89 8.03 8.68
CA SER A 43 -7.00 6.96 9.65
C SER A 43 -7.48 5.68 8.96
N LEU A 44 -7.28 4.55 9.64
CA LEU A 44 -7.58 3.24 9.07
C LEU A 44 -9.06 3.09 8.72
N SER A 45 -9.91 3.78 9.47
CA SER A 45 -11.35 3.70 9.26
C SER A 45 -11.82 4.66 8.16
N GLU A 46 -10.96 5.61 7.82
CA GLU A 46 -11.31 6.64 6.85
C GLU A 46 -10.83 6.25 5.46
N ILE A 47 -9.80 5.40 5.42
CA ILE A 47 -9.24 4.94 4.17
C ILE A 47 -10.21 3.99 3.46
N LEU A 48 -10.70 4.42 2.32
CA LEU A 48 -11.63 3.63 1.53
C LEU A 48 -10.88 2.88 0.43
N PRO A 49 -11.37 1.68 0.08
CA PRO A 49 -10.77 0.87 -0.99
C PRO A 49 -10.73 1.60 -2.32
N ALA A 50 -11.77 2.40 -2.58
CA ALA A 50 -11.86 3.17 -3.81
C ALA A 50 -10.81 4.27 -3.85
N ASP A 51 -10.47 4.79 -2.68
CA ASP A 51 -9.47 5.85 -2.57
C ASP A 51 -8.09 5.29 -2.91
N ILE A 52 -7.78 4.13 -2.32
CA ILE A 52 -6.54 3.42 -2.63
C ILE A 52 -6.52 3.02 -4.10
N GLN A 53 -7.67 2.56 -4.59
CA GLN A 53 -7.83 2.18 -5.99
C GLN A 53 -7.47 3.36 -6.90
N SER A 54 -7.94 4.54 -6.53
CA SER A 54 -7.67 5.75 -7.29
C SER A 54 -6.17 6.00 -7.39
N ILE A 55 -5.45 5.73 -6.31
CA ILE A 55 -3.99 5.86 -6.31
C ILE A 55 -3.35 4.86 -7.30
N ILE A 56 -3.78 3.61 -7.21
CA ILE A 56 -3.26 2.57 -8.09
C ILE A 56 -3.53 2.91 -9.56
N ASN A 57 -4.72 3.41 -9.83
CA ASN A 57 -5.15 3.73 -11.18
C ASN A 57 -4.33 4.87 -11.79
N GLU A 58 -4.00 5.88 -10.98
CA GLU A 58 -3.28 7.05 -11.49
C GLU A 58 -1.79 6.79 -11.61
N THR A 59 -1.30 5.80 -10.87
CA THR A 59 0.12 5.49 -10.88
C THR A 59 0.54 4.92 -12.23
N LYS A 60 1.36 5.67 -12.96
CA LYS A 60 1.80 5.29 -14.29
C LYS A 60 3.11 4.49 -14.23
N LEU A 61 3.34 3.82 -13.12
CA LEU A 61 4.53 3.02 -12.95
C LEU A 61 4.26 1.60 -13.41
N ALA A 62 5.29 0.77 -13.45
CA ALA A 62 5.16 -0.60 -13.92
C ALA A 62 4.18 -1.38 -13.04
N LYS A 63 3.53 -2.37 -13.65
CA LYS A 63 2.55 -3.20 -12.95
C LYS A 63 3.16 -3.88 -11.73
N ASN A 64 4.42 -4.28 -11.84
CA ASN A 64 5.14 -4.88 -10.73
C ASN A 64 5.31 -3.88 -9.58
N THR A 65 5.30 -2.60 -9.91
CA THR A 65 5.43 -1.55 -8.92
C THR A 65 4.08 -1.28 -8.28
N LEU A 66 3.02 -1.37 -9.08
CA LEU A 66 1.65 -1.26 -8.57
C LEU A 66 1.41 -2.34 -7.53
N LYS A 67 1.82 -3.56 -7.87
CA LYS A 67 1.73 -4.70 -6.97
C LYS A 67 2.56 -4.47 -5.71
N ALA A 68 3.70 -3.81 -5.87
CA ALA A 68 4.57 -3.50 -4.75
C ALA A 68 3.89 -2.54 -3.77
N ILE A 69 3.31 -1.48 -4.32
CA ILE A 69 2.59 -0.49 -3.51
C ILE A 69 1.40 -1.16 -2.82
N ARG A 70 0.66 -1.95 -3.60
CA ARG A 70 -0.47 -2.71 -3.09
C ARG A 70 -0.06 -3.62 -1.94
N ASN A 71 0.95 -4.44 -2.16
CA ASN A 71 1.41 -5.40 -1.16
C ASN A 71 1.82 -4.70 0.13
N THR A 72 2.61 -3.64 -0.01
CA THR A 72 3.09 -2.88 1.13
C THR A 72 1.92 -2.36 1.98
N ALA A 73 0.98 -1.68 1.31
CA ALA A 73 -0.18 -1.12 1.99
C ALA A 73 -1.02 -2.23 2.62
N SER A 74 -1.18 -3.33 1.90
CA SER A 74 -1.99 -4.45 2.36
C SER A 74 -1.49 -4.99 3.70
N GLN A 75 -0.19 -5.24 3.78
CA GLN A 75 0.41 -5.82 4.97
C GLN A 75 0.33 -4.84 6.15
N ILE A 76 0.41 -3.55 5.85
CA ILE A 76 0.29 -2.52 6.87
C ILE A 76 -1.08 -2.58 7.54
N PHE A 77 -2.13 -2.68 6.74
CA PHE A 77 -3.48 -2.79 7.26
C PHE A 77 -3.68 -4.08 8.04
N ARG A 78 -3.11 -5.18 7.54
CA ARG A 78 -3.25 -6.47 8.21
C ARG A 78 -2.50 -6.46 9.55
N LEU A 79 -1.42 -5.69 9.61
CA LEU A 79 -0.68 -5.50 10.85
C LEU A 79 -1.57 -4.82 11.88
N ALA A 80 -2.34 -3.85 11.43
CA ALA A 80 -3.28 -3.14 12.29
C ALA A 80 -4.36 -4.09 12.80
N ILE A 81 -4.76 -5.03 11.96
CA ILE A 81 -5.72 -6.07 12.35
C ILE A 81 -5.12 -6.94 13.47
N GLU A 82 -3.86 -7.32 13.31
CA GLU A 82 -3.18 -8.14 14.30
C GLU A 82 -2.95 -7.39 15.60
N ASN A 83 -2.90 -6.07 15.52
CA ASN A 83 -2.78 -5.24 16.70
C ASN A 83 -4.15 -4.79 17.19
N ARG A 84 -5.19 -5.30 16.53
CA ARG A 84 -6.58 -5.09 16.93
C ARG A 84 -7.01 -3.62 16.83
N ALA A 85 -6.34 -2.88 15.96
CA ALA A 85 -6.70 -1.48 15.71
C ALA A 85 -7.83 -1.42 14.70
N ILE A 86 -7.90 -2.42 13.84
CA ILE A 86 -8.94 -2.50 12.83
C ILE A 86 -9.31 -3.98 12.60
N ASP A 87 -10.53 -4.25 12.15
CA ASP A 87 -11.01 -5.63 12.02
C ASP A 87 -10.99 -6.10 10.56
N PHE A 88 -10.65 -5.20 9.65
CA PHE A 88 -10.68 -5.51 8.22
C PHE A 88 -9.74 -4.58 7.47
N ASN A 89 -9.09 -5.09 6.43
CA ASN A 89 -8.19 -4.28 5.63
C ASN A 89 -8.81 -3.96 4.27
N PRO A 90 -9.13 -2.68 4.04
CA PRO A 90 -9.72 -2.21 2.77
C PRO A 90 -8.75 -2.38 1.60
N ALA A 91 -7.50 -2.67 1.91
CA ALA A 91 -6.48 -2.90 0.90
C ALA A 91 -6.77 -4.16 0.10
N ASP A 92 -7.37 -5.14 0.78
CA ASP A 92 -7.73 -6.42 0.14
C ASP A 92 -8.91 -6.22 -0.81
N TYR A 93 -9.59 -5.10 -0.64
CA TYR A 93 -10.73 -4.75 -1.46
C TYR A 93 -10.26 -4.09 -2.76
N VAL A 94 -9.03 -3.57 -2.72
CA VAL A 94 -8.44 -2.89 -3.86
C VAL A 94 -8.06 -3.88 -4.96
N ARG A 95 -8.50 -3.61 -6.17
CA ARG A 95 -8.23 -4.50 -7.30
C ARG A 95 -6.89 -4.18 -7.93
N ILE A 96 -6.24 -5.21 -8.43
CA ILE A 96 -5.01 -5.04 -9.19
C ILE A 96 -5.29 -5.33 -10.66
N PRO A 97 -5.19 -4.30 -11.52
CA PRO A 97 -5.43 -4.45 -12.95
C PRO A 97 -4.57 -5.54 -13.56
N LYS A 98 -5.20 -6.43 -14.31
CA LYS A 98 -4.51 -7.57 -14.88
C LYS A 98 -4.05 -7.23 -16.29
N ILE A 99 -4.99 -6.67 -17.06
CA ILE A 99 -4.72 -6.16 -18.41
C ILE A 99 -4.46 -7.29 -19.41
N ALA A 100 -3.45 -8.09 -19.14
CA ALA A 100 -3.07 -9.18 -20.03
C ALA A 100 -4.12 -10.29 -20.01
N LEU A 101 -4.89 -10.39 -21.09
CA LEU A 101 -5.91 -11.41 -21.24
C LEU A 101 -6.96 -11.31 -20.13
N GLU A 102 -7.21 -10.08 -19.68
CA GLU A 102 -8.20 -9.85 -18.65
C GLU A 102 -9.60 -9.89 -19.28
N HIS A 103 -10.21 -11.06 -19.28
CA HIS A 103 -11.52 -11.23 -19.88
C HIS A 103 -12.60 -11.05 -18.82
N HIS A 104 -13.55 -10.18 -19.10
CA HIS A 104 -14.63 -9.92 -18.16
C HIS A 104 -15.77 -10.89 -18.43
N HIS A 105 -16.20 -10.96 -19.70
CA HIS A 105 -17.09 -12.04 -20.18
C HIS A 105 -18.48 -11.98 -19.54
N HIS A 106 -18.75 -10.90 -18.81
CA HIS A 106 -19.97 -10.79 -18.01
C HIS A 106 -20.03 -11.91 -16.98
N HIS A 107 -19.45 -11.63 -15.82
CA HIS A 107 -19.35 -12.63 -14.76
C HIS A 107 -20.65 -12.74 -13.98
N HIS A 108 -21.24 -13.92 -14.01
CA HIS A 108 -22.47 -14.19 -13.27
C HIS A 108 -22.16 -14.97 -12.00
N ARG A 1 -1.80 7.58 15.98
CA ARG A 1 -3.02 7.11 16.67
C ARG A 1 -4.02 6.58 15.65
N ASP A 2 -3.82 5.33 15.24
CA ASP A 2 -4.70 4.66 14.25
C ASP A 2 -4.59 5.34 12.90
N SER A 3 -3.47 6.02 12.67
CA SER A 3 -3.23 6.71 11.43
C SER A 3 -2.40 5.82 10.51
N PHE A 4 -2.55 5.99 9.20
CA PHE A 4 -1.80 5.18 8.26
C PHE A 4 -0.30 5.41 8.40
N GLY A 5 0.08 6.69 8.52
CA GLY A 5 1.49 7.01 8.71
C GLY A 5 2.01 6.52 10.04
N ASP A 6 1.12 6.45 11.01
CA ASP A 6 1.43 5.95 12.35
C ASP A 6 1.78 4.45 12.28
N TRP A 7 0.88 3.68 11.70
CA TRP A 7 1.10 2.25 11.54
C TRP A 7 2.19 1.97 10.49
N ALA A 8 2.38 2.93 9.59
CA ALA A 8 3.44 2.83 8.59
C ALA A 8 4.80 2.80 9.25
N GLU A 9 5.06 3.73 10.18
CA GLU A 9 6.32 3.73 10.92
C GLU A 9 6.50 2.40 11.65
N LYS A 10 5.44 1.95 12.31
CA LYS A 10 5.47 0.69 13.04
C LYS A 10 5.84 -0.47 12.11
N PHE A 11 5.24 -0.50 10.92
CA PHE A 11 5.49 -1.56 9.95
C PHE A 11 6.89 -1.43 9.33
N LEU A 12 7.25 -0.21 8.97
CA LEU A 12 8.55 0.05 8.34
C LEU A 12 9.70 -0.33 9.27
N LYS A 13 9.55 -0.05 10.55
CA LYS A 13 10.62 -0.34 11.49
C LYS A 13 10.66 -1.83 11.84
N SER A 14 9.51 -2.49 11.87
CA SER A 14 9.48 -3.92 12.12
C SER A 14 10.09 -4.66 10.94
N LYS A 15 9.96 -4.08 9.75
CA LYS A 15 10.62 -4.62 8.56
C LYS A 15 12.10 -4.26 8.57
N GLU A 16 12.40 -3.07 9.08
CA GLU A 16 13.79 -2.65 9.30
C GLU A 16 14.54 -3.72 10.09
N ALA A 17 13.92 -4.19 11.18
CA ALA A 17 14.50 -5.23 12.01
C ALA A 17 14.20 -6.64 11.47
N ASP A 18 13.28 -6.71 10.51
CA ASP A 18 12.93 -8.00 9.89
C ASP A 18 14.12 -8.55 9.09
N GLY A 19 14.87 -7.66 8.47
CA GLY A 19 16.07 -8.09 7.77
C GLY A 19 16.20 -7.47 6.39
N VAL A 20 15.27 -6.61 6.01
CA VAL A 20 15.33 -5.97 4.70
C VAL A 20 16.48 -4.97 4.65
N SER A 21 17.21 -4.97 3.56
CA SER A 21 18.33 -4.07 3.38
C SER A 21 17.84 -2.66 3.15
N VAL A 22 18.74 -1.71 3.29
CA VAL A 22 18.42 -0.30 3.15
C VAL A 22 17.80 0.01 1.80
N SER A 23 18.18 -0.76 0.79
CA SER A 23 17.61 -0.60 -0.55
C SER A 23 16.11 -0.88 -0.53
N GLN A 24 15.73 -1.98 0.08
CA GLN A 24 14.34 -2.37 0.18
C GLN A 24 13.61 -1.50 1.18
N LEU A 25 14.30 -1.14 2.26
CA LEU A 25 13.75 -0.28 3.28
C LEU A 25 13.41 1.10 2.71
N ASN A 26 14.33 1.65 1.93
CA ASN A 26 14.09 2.93 1.25
C ASN A 26 12.92 2.81 0.30
N SER A 27 12.79 1.66 -0.34
CA SER A 27 11.69 1.41 -1.27
C SER A 27 10.35 1.62 -0.56
N TYR A 28 10.20 1.01 0.61
CA TYR A 28 8.97 1.15 1.41
C TYR A 28 8.71 2.62 1.74
N LYS A 29 9.76 3.34 2.08
CA LYS A 29 9.62 4.74 2.47
C LYS A 29 9.28 5.62 1.27
N ASN A 30 9.75 5.24 0.09
CA ASN A 30 9.39 5.96 -1.14
C ASN A 30 7.90 5.82 -1.41
N TYR A 31 7.35 4.66 -1.10
CA TYR A 31 5.92 4.41 -1.31
C TYR A 31 5.08 5.27 -0.38
N CYS A 32 5.40 5.28 0.91
CA CYS A 32 4.59 5.99 1.89
C CYS A 32 4.75 7.51 1.77
N ARG A 33 5.95 7.95 1.39
CA ARG A 33 6.21 9.39 1.28
C ARG A 33 5.64 9.98 -0.01
N ASN A 34 5.73 9.24 -1.10
CA ASN A 34 5.30 9.77 -2.40
C ASN A 34 3.92 9.28 -2.80
N HIS A 35 3.74 7.98 -2.93
CA HIS A 35 2.49 7.43 -3.46
C HIS A 35 1.38 7.41 -2.43
N LEU A 36 1.67 6.92 -1.24
CA LEU A 36 0.66 6.76 -0.21
C LEU A 36 0.58 8.00 0.67
N SER A 37 1.05 9.13 0.17
CA SER A 37 1.04 10.38 0.91
C SER A 37 -0.38 10.81 1.32
N PRO A 38 -1.41 10.73 0.42
CA PRO A 38 -2.79 11.04 0.79
C PRO A 38 -3.33 10.10 1.87
N LEU A 39 -2.87 8.86 1.84
CA LEU A 39 -3.32 7.86 2.82
C LEU A 39 -2.58 8.03 4.13
N TYR A 40 -1.33 8.49 4.03
CA TYR A 40 -0.45 8.69 5.18
C TYR A 40 -1.11 9.58 6.23
N MET A 41 -1.90 10.55 5.77
CA MET A 41 -2.54 11.52 6.65
C MET A 41 -3.93 11.05 7.07
N LYS A 42 -4.35 9.92 6.52
CA LYS A 42 -5.66 9.34 6.83
C LYS A 42 -5.56 8.43 8.04
N SER A 43 -6.65 8.34 8.79
CA SER A 43 -6.78 7.31 9.80
C SER A 43 -7.24 6.03 9.12
N LEU A 44 -7.09 4.90 9.78
CA LEU A 44 -7.46 3.61 9.19
C LEU A 44 -8.89 3.61 8.65
N SER A 45 -9.80 4.25 9.38
CA SER A 45 -11.20 4.28 8.99
C SER A 45 -11.49 5.38 7.97
N GLU A 46 -10.46 6.12 7.58
CA GLU A 46 -10.63 7.18 6.58
C GLU A 46 -10.09 6.71 5.24
N ILE A 47 -9.54 5.51 5.22
CA ILE A 47 -8.95 4.98 4.00
C ILE A 47 -9.95 4.12 3.27
N LEU A 48 -10.36 4.59 2.10
CA LEU A 48 -11.31 3.87 1.29
C LEU A 48 -10.59 3.04 0.25
N PRO A 49 -11.13 1.86 -0.10
CA PRO A 49 -10.57 1.02 -1.16
C PRO A 49 -10.52 1.77 -2.48
N ALA A 50 -11.43 2.73 -2.65
CA ALA A 50 -11.47 3.57 -3.83
C ALA A 50 -10.23 4.46 -3.91
N ASP A 51 -9.74 4.90 -2.75
CA ASP A 51 -8.54 5.74 -2.69
C ASP A 51 -7.36 4.98 -3.25
N ILE A 52 -7.22 3.74 -2.83
CA ILE A 52 -6.13 2.90 -3.30
C ILE A 52 -6.33 2.54 -4.77
N GLN A 53 -7.55 2.15 -5.12
CA GLN A 53 -7.89 1.78 -6.49
C GLN A 53 -7.59 2.93 -7.46
N SER A 54 -7.96 4.15 -7.07
CA SER A 54 -7.72 5.30 -7.92
C SER A 54 -6.23 5.57 -8.07
N ILE A 55 -5.47 5.37 -7.00
CA ILE A 55 -4.01 5.52 -7.08
C ILE A 55 -3.40 4.48 -8.03
N ILE A 56 -3.91 3.26 -7.95
CA ILE A 56 -3.46 2.18 -8.84
C ILE A 56 -3.84 2.48 -10.28
N ASN A 57 -4.88 3.28 -10.46
CA ASN A 57 -5.35 3.65 -11.78
C ASN A 57 -4.62 4.89 -12.31
N GLU A 58 -4.32 5.82 -11.42
CA GLU A 58 -3.69 7.08 -11.81
C GLU A 58 -2.20 6.91 -12.02
N THR A 59 -1.60 5.98 -11.29
CA THR A 59 -0.20 5.69 -11.46
C THR A 59 0.02 4.88 -12.73
N LYS A 60 0.65 5.51 -13.71
CA LYS A 60 0.82 4.94 -15.03
C LYS A 60 2.18 4.26 -15.15
N LEU A 61 2.66 3.75 -14.04
CA LEU A 61 3.92 3.04 -13.99
C LEU A 61 3.70 1.55 -14.25
N ALA A 62 4.78 0.78 -14.13
CA ALA A 62 4.73 -0.65 -14.41
C ALA A 62 3.78 -1.38 -13.46
N LYS A 63 3.23 -2.49 -13.95
CA LYS A 63 2.27 -3.28 -13.18
C LYS A 63 2.86 -3.69 -11.84
N ASN A 64 4.14 -4.06 -11.85
CA ASN A 64 4.83 -4.48 -10.63
C ASN A 64 4.75 -3.41 -9.55
N THR A 65 5.03 -2.17 -9.94
CA THR A 65 5.01 -1.06 -9.01
C THR A 65 3.63 -0.90 -8.37
N LEU A 66 2.59 -0.99 -9.21
CA LEU A 66 1.22 -0.87 -8.74
C LEU A 66 0.88 -1.98 -7.74
N LYS A 67 1.33 -3.19 -8.04
CA LYS A 67 1.10 -4.33 -7.19
C LYS A 67 1.83 -4.16 -5.86
N ALA A 68 3.03 -3.60 -5.92
CA ALA A 68 3.82 -3.35 -4.73
C ALA A 68 3.18 -2.31 -3.83
N ILE A 69 2.56 -1.31 -4.44
CA ILE A 69 1.84 -0.27 -3.70
C ILE A 69 0.75 -0.90 -2.83
N ARG A 70 -0.09 -1.71 -3.46
CA ARG A 70 -1.17 -2.39 -2.75
C ARG A 70 -0.60 -3.34 -1.70
N ASN A 71 0.43 -4.09 -2.10
CA ASN A 71 1.07 -5.06 -1.20
C ASN A 71 1.58 -4.39 0.07
N THR A 72 2.27 -3.28 -0.09
CA THR A 72 2.82 -2.54 1.04
C THR A 72 1.72 -2.08 1.98
N ALA A 73 0.69 -1.45 1.41
CA ALA A 73 -0.43 -0.94 2.19
C ALA A 73 -1.17 -2.07 2.90
N SER A 74 -1.37 -3.17 2.20
CA SER A 74 -2.09 -4.31 2.74
C SER A 74 -1.40 -4.85 3.99
N GLN A 75 -0.08 -4.95 3.94
CA GLN A 75 0.69 -5.44 5.07
C GLN A 75 0.57 -4.51 6.27
N ILE A 76 0.50 -3.21 6.00
CA ILE A 76 0.31 -2.22 7.05
C ILE A 76 -1.05 -2.39 7.71
N PHE A 77 -2.09 -2.59 6.89
CA PHE A 77 -3.43 -2.83 7.40
C PHE A 77 -3.48 -4.10 8.23
N ARG A 78 -2.77 -5.13 7.77
CA ARG A 78 -2.69 -6.39 8.50
C ARG A 78 -2.12 -6.17 9.90
N LEU A 79 -1.06 -5.38 9.98
CA LEU A 79 -0.42 -5.07 11.26
C LEU A 79 -1.42 -4.40 12.21
N ALA A 80 -2.28 -3.56 11.65
CA ALA A 80 -3.32 -2.91 12.43
C ALA A 80 -4.35 -3.93 12.90
N ILE A 81 -4.71 -4.86 12.02
CA ILE A 81 -5.62 -5.95 12.35
C ILE A 81 -5.05 -6.80 13.49
N GLU A 82 -3.76 -7.11 13.39
CA GLU A 82 -3.05 -7.90 14.40
C GLU A 82 -3.20 -7.25 15.77
N ASN A 83 -3.04 -5.94 15.82
CA ASN A 83 -3.07 -5.20 17.07
C ASN A 83 -4.48 -4.73 17.40
N ARG A 84 -5.47 -5.30 16.70
CA ARG A 84 -6.89 -5.05 16.99
C ARG A 84 -7.27 -3.58 16.81
N ALA A 85 -6.62 -2.91 15.88
CA ALA A 85 -6.95 -1.52 15.57
C ALA A 85 -8.02 -1.45 14.49
N ILE A 86 -8.02 -2.45 13.63
CA ILE A 86 -9.00 -2.54 12.57
C ILE A 86 -9.27 -4.02 12.30
N ASP A 87 -10.43 -4.35 11.76
CA ASP A 87 -10.79 -5.75 11.55
C ASP A 87 -11.09 -6.04 10.09
N PHE A 88 -10.64 -5.17 9.20
CA PHE A 88 -10.80 -5.38 7.78
C PHE A 88 -9.65 -4.75 7.02
N ASN A 89 -9.38 -5.27 5.83
CA ASN A 89 -8.26 -4.81 5.03
C ASN A 89 -8.75 -4.24 3.70
N PRO A 90 -8.89 -2.91 3.63
CA PRO A 90 -9.34 -2.23 2.40
C PRO A 90 -8.40 -2.49 1.23
N ALA A 91 -7.11 -2.62 1.53
CA ALA A 91 -6.11 -2.88 0.50
C ALA A 91 -6.27 -4.26 -0.08
N ASP A 92 -6.72 -5.21 0.74
CA ASP A 92 -6.93 -6.58 0.29
C ASP A 92 -8.15 -6.62 -0.64
N TYR A 93 -9.01 -5.63 -0.50
CA TYR A 93 -10.23 -5.56 -1.29
C TYR A 93 -9.92 -4.93 -2.66
N VAL A 94 -8.76 -4.28 -2.77
CA VAL A 94 -8.32 -3.71 -4.04
C VAL A 94 -7.98 -4.82 -5.02
N ARG A 95 -8.47 -4.71 -6.23
CA ARG A 95 -8.10 -5.64 -7.28
C ARG A 95 -7.22 -4.95 -8.29
N ILE A 96 -5.99 -5.45 -8.45
CA ILE A 96 -5.08 -4.96 -9.48
C ILE A 96 -5.64 -5.30 -10.85
N PRO A 97 -5.81 -4.30 -11.72
CA PRO A 97 -6.20 -4.54 -13.09
C PRO A 97 -5.07 -5.20 -13.87
N LYS A 98 -5.44 -6.08 -14.80
CA LYS A 98 -4.50 -6.76 -15.69
C LYS A 98 -3.75 -7.88 -14.96
N ILE A 99 -3.30 -7.58 -13.74
CA ILE A 99 -2.68 -8.57 -12.85
C ILE A 99 -1.29 -9.00 -13.34
N ALA A 100 -1.23 -9.50 -14.57
CA ALA A 100 -0.01 -10.07 -15.12
C ALA A 100 0.97 -8.99 -15.56
N LEU A 101 2.21 -9.40 -15.77
CA LEU A 101 3.27 -8.49 -16.16
C LEU A 101 3.84 -8.86 -17.54
N GLU A 102 3.12 -9.70 -18.27
CA GLU A 102 3.55 -10.11 -19.59
C GLU A 102 3.12 -9.08 -20.63
N HIS A 103 4.07 -8.31 -21.12
CA HIS A 103 3.76 -7.28 -22.10
C HIS A 103 4.29 -7.67 -23.47
N HIS A 104 3.37 -7.97 -24.37
CA HIS A 104 3.71 -8.17 -25.78
C HIS A 104 2.84 -7.26 -26.62
N HIS A 105 1.54 -7.55 -26.63
CA HIS A 105 0.53 -6.71 -27.29
C HIS A 105 0.68 -6.78 -28.81
N HIS A 106 -0.42 -6.73 -29.52
CA HIS A 106 -0.36 -6.82 -30.98
C HIS A 106 -0.40 -5.43 -31.60
N HIS A 107 0.69 -4.68 -31.43
CA HIS A 107 0.88 -3.43 -32.12
C HIS A 107 2.36 -3.26 -32.45
N HIS A 108 2.77 -3.97 -33.50
CA HIS A 108 4.16 -3.98 -33.97
C HIS A 108 4.24 -4.87 -35.19
N ARG A 1 -6.05 5.10 19.18
CA ARG A 1 -6.03 6.22 18.20
C ARG A 1 -4.75 6.16 17.39
N ASP A 2 -4.87 5.85 16.11
CA ASP A 2 -3.70 5.74 15.25
C ASP A 2 -4.04 6.09 13.80
N SER A 3 -3.02 6.51 13.08
CA SER A 3 -3.16 6.93 11.71
C SER A 3 -2.31 6.05 10.81
N PHE A 4 -2.62 6.04 9.51
CA PHE A 4 -1.88 5.24 8.55
C PHE A 4 -0.41 5.66 8.53
N GLY A 5 -0.16 6.93 8.83
CA GLY A 5 1.19 7.44 8.91
C GLY A 5 1.99 6.74 9.99
N ASP A 6 1.35 6.50 11.13
CA ASP A 6 2.00 5.80 12.23
C ASP A 6 2.27 4.37 11.83
N TRP A 7 1.29 3.74 11.18
CA TRP A 7 1.42 2.36 10.74
C TRP A 7 2.46 2.21 9.63
N ALA A 8 2.67 3.27 8.87
CA ALA A 8 3.73 3.28 7.87
C ALA A 8 5.08 3.12 8.55
N GLU A 9 5.31 3.94 9.58
CA GLU A 9 6.52 3.83 10.38
C GLU A 9 6.60 2.46 11.07
N LYS A 10 5.44 1.96 11.51
CA LYS A 10 5.34 0.62 12.12
C LYS A 10 5.86 -0.43 11.14
N PHE A 11 5.32 -0.42 9.93
CA PHE A 11 5.70 -1.37 8.90
C PHE A 11 7.18 -1.23 8.55
N LEU A 12 7.65 0.01 8.48
CA LEU A 12 9.05 0.28 8.17
C LEU A 12 9.97 -0.33 9.22
N LYS A 13 9.71 -0.03 10.50
CA LYS A 13 10.56 -0.56 11.56
C LYS A 13 10.34 -2.06 11.73
N SER A 14 9.17 -2.53 11.32
CA SER A 14 8.89 -3.96 11.31
C SER A 14 9.89 -4.68 10.39
N LYS A 15 10.10 -4.11 9.21
CA LYS A 15 11.07 -4.67 8.27
C LYS A 15 12.50 -4.34 8.69
N GLU A 16 12.66 -3.21 9.36
CA GLU A 16 13.95 -2.83 9.94
C GLU A 16 14.40 -3.90 10.92
N ALA A 17 13.53 -4.22 11.86
CA ALA A 17 13.82 -5.25 12.87
C ALA A 17 13.81 -6.64 12.25
N ASP A 18 13.04 -6.80 11.17
CA ASP A 18 12.97 -8.08 10.45
C ASP A 18 14.33 -8.43 9.84
N GLY A 19 14.93 -7.47 9.16
CA GLY A 19 16.25 -7.68 8.60
C GLY A 19 16.34 -7.28 7.15
N VAL A 20 15.98 -6.03 6.84
CA VAL A 20 16.13 -5.52 5.48
C VAL A 20 17.20 -4.43 5.43
N SER A 21 17.58 -4.06 4.23
CA SER A 21 18.61 -3.05 4.02
C SER A 21 18.02 -1.65 4.11
N VAL A 22 18.90 -0.66 4.16
CA VAL A 22 18.47 0.73 4.11
C VAL A 22 17.81 1.01 2.76
N SER A 23 18.36 0.43 1.72
CA SER A 23 17.83 0.57 0.37
C SER A 23 16.39 0.05 0.30
N GLN A 24 16.17 -1.14 0.85
CA GLN A 24 14.84 -1.74 0.85
C GLN A 24 13.87 -0.89 1.68
N LEU A 25 14.32 -0.47 2.86
CA LEU A 25 13.52 0.41 3.71
C LEU A 25 13.23 1.73 3.04
N ASN A 26 14.20 2.23 2.28
CA ASN A 26 14.08 3.51 1.61
C ASN A 26 13.11 3.39 0.44
N SER A 27 13.05 2.20 -0.15
CA SER A 27 12.07 1.89 -1.17
C SER A 27 10.66 1.95 -0.57
N TYR A 28 10.47 1.29 0.56
CA TYR A 28 9.18 1.27 1.23
C TYR A 28 8.75 2.69 1.62
N LYS A 29 9.71 3.50 2.07
CA LYS A 29 9.43 4.89 2.43
C LYS A 29 8.84 5.65 1.25
N ASN A 30 9.43 5.45 0.08
CA ASN A 30 9.00 6.16 -1.13
C ASN A 30 7.58 5.77 -1.52
N TYR A 31 7.27 4.48 -1.43
CA TYR A 31 5.95 4.00 -1.83
C TYR A 31 4.86 4.51 -0.89
N CYS A 32 5.09 4.42 0.41
CA CYS A 32 4.07 4.78 1.39
C CYS A 32 3.92 6.30 1.52
N ARG A 33 4.97 7.04 1.20
CA ARG A 33 4.96 8.48 1.38
C ARG A 33 4.64 9.24 0.08
N ASN A 34 5.06 8.69 -1.05
CA ASN A 34 4.81 9.36 -2.33
C ASN A 34 3.55 8.84 -3.00
N HIS A 35 3.38 7.52 -3.03
CA HIS A 35 2.23 6.93 -3.70
C HIS A 35 1.03 6.91 -2.77
N LEU A 36 1.26 6.49 -1.53
CA LEU A 36 0.20 6.42 -0.53
C LEU A 36 0.12 7.73 0.25
N SER A 37 0.54 8.81 -0.40
CA SER A 37 0.61 10.14 0.21
C SER A 37 -0.73 10.58 0.82
N PRO A 38 -1.88 10.46 0.10
CA PRO A 38 -3.18 10.90 0.63
C PRO A 38 -3.66 10.01 1.77
N LEU A 39 -3.04 8.86 1.92
CA LEU A 39 -3.43 7.92 2.95
C LEU A 39 -2.58 8.11 4.20
N TYR A 40 -1.34 8.54 4.00
CA TYR A 40 -0.37 8.70 5.08
C TYR A 40 -0.91 9.64 6.17
N MET A 41 -1.69 10.62 5.78
CA MET A 41 -2.18 11.63 6.72
C MET A 41 -3.60 11.31 7.18
N LYS A 42 -4.15 10.21 6.70
CA LYS A 42 -5.52 9.84 7.05
C LYS A 42 -5.56 8.96 8.29
N SER A 43 -6.61 9.14 9.07
CA SER A 43 -6.87 8.28 10.21
C SER A 43 -7.23 6.88 9.70
N LEU A 44 -6.82 5.86 10.44
CA LEU A 44 -6.90 4.48 9.97
C LEU A 44 -8.32 4.06 9.59
N SER A 45 -9.28 4.30 10.47
CA SER A 45 -10.66 3.88 10.24
C SER A 45 -11.34 4.76 9.20
N GLU A 46 -10.71 5.87 8.87
CA GLU A 46 -11.29 6.86 7.98
C GLU A 46 -10.82 6.68 6.54
N ILE A 47 -10.06 5.62 6.29
CA ILE A 47 -9.54 5.34 4.96
C ILE A 47 -10.51 4.49 4.17
N LEU A 48 -10.68 4.84 2.90
CA LEU A 48 -11.57 4.12 2.02
C LEU A 48 -10.78 3.32 1.00
N PRO A 49 -11.31 2.17 0.56
CA PRO A 49 -10.69 1.38 -0.51
C PRO A 49 -10.69 2.16 -1.83
N ALA A 50 -11.59 3.12 -1.92
CA ALA A 50 -11.72 3.95 -3.11
C ALA A 50 -10.47 4.78 -3.34
N ASP A 51 -9.92 5.34 -2.26
CA ASP A 51 -8.69 6.14 -2.36
C ASP A 51 -7.55 5.32 -2.95
N ILE A 52 -7.42 4.09 -2.49
CA ILE A 52 -6.32 3.23 -2.92
C ILE A 52 -6.54 2.78 -4.36
N GLN A 53 -7.80 2.58 -4.72
CA GLN A 53 -8.14 2.13 -6.07
C GLN A 53 -7.76 3.19 -7.10
N SER A 54 -8.00 4.45 -6.77
CA SER A 54 -7.68 5.55 -7.67
C SER A 54 -6.17 5.77 -7.74
N ILE A 55 -5.48 5.58 -6.61
CA ILE A 55 -4.03 5.67 -6.57
C ILE A 55 -3.41 4.70 -7.58
N ILE A 56 -3.90 3.46 -7.57
CA ILE A 56 -3.43 2.44 -8.49
C ILE A 56 -3.82 2.78 -9.93
N ASN A 57 -5.00 3.37 -10.08
CA ASN A 57 -5.50 3.75 -11.40
C ASN A 57 -4.65 4.84 -12.03
N GLU A 58 -4.25 5.81 -11.21
CA GLU A 58 -3.49 6.95 -11.70
C GLU A 58 -2.00 6.65 -11.77
N THR A 59 -1.55 5.62 -11.05
CA THR A 59 -0.17 5.19 -11.13
C THR A 59 0.00 4.24 -12.32
N LYS A 60 0.74 4.69 -13.31
CA LYS A 60 0.95 3.91 -14.51
C LYS A 60 2.39 3.41 -14.60
N LEU A 61 2.60 2.26 -13.98
CA LEU A 61 3.91 1.61 -13.96
C LEU A 61 3.72 0.14 -14.28
N ALA A 62 4.81 -0.62 -14.20
CA ALA A 62 4.75 -2.05 -14.45
C ALA A 62 3.78 -2.73 -13.49
N LYS A 63 3.09 -3.77 -13.95
CA LYS A 63 2.07 -4.43 -13.16
C LYS A 63 2.64 -5.02 -11.87
N ASN A 64 3.88 -5.48 -11.93
CA ASN A 64 4.55 -6.04 -10.76
C ASN A 64 4.82 -4.94 -9.73
N THR A 65 4.97 -3.72 -10.22
CA THR A 65 5.21 -2.57 -9.37
C THR A 65 3.92 -2.12 -8.72
N LEU A 66 2.82 -2.26 -9.46
CA LEU A 66 1.50 -1.96 -8.94
C LEU A 66 1.13 -2.96 -7.87
N LYS A 67 1.51 -4.22 -8.08
CA LYS A 67 1.29 -5.27 -7.09
C LYS A 67 2.19 -5.07 -5.89
N ALA A 68 3.33 -4.42 -6.10
CA ALA A 68 4.23 -4.07 -5.01
C ALA A 68 3.58 -3.04 -4.10
N ILE A 69 2.90 -2.06 -4.71
CA ILE A 69 2.16 -1.07 -3.97
C ILE A 69 1.00 -1.73 -3.23
N ARG A 70 0.31 -2.64 -3.94
CA ARG A 70 -0.78 -3.41 -3.36
C ARG A 70 -0.29 -4.20 -2.15
N ASN A 71 0.82 -4.91 -2.34
CA ASN A 71 1.45 -5.71 -1.29
C ASN A 71 1.78 -4.83 -0.08
N THR A 72 2.54 -3.77 -0.32
CA THR A 72 3.03 -2.91 0.76
C THR A 72 1.88 -2.36 1.59
N ALA A 73 0.91 -1.73 0.93
CA ALA A 73 -0.22 -1.12 1.63
C ALA A 73 -1.04 -2.18 2.37
N SER A 74 -1.18 -3.35 1.76
CA SER A 74 -2.00 -4.41 2.35
C SER A 74 -1.35 -4.91 3.64
N GLN A 75 -0.03 -5.12 3.62
CA GLN A 75 0.68 -5.63 4.79
C GLN A 75 0.58 -4.64 5.94
N ILE A 76 0.55 -3.34 5.62
CA ILE A 76 0.40 -2.31 6.64
C ILE A 76 -0.95 -2.44 7.34
N PHE A 77 -2.02 -2.57 6.55
CA PHE A 77 -3.36 -2.73 7.11
C PHE A 77 -3.48 -4.05 7.86
N ARG A 78 -2.85 -5.09 7.32
CA ARG A 78 -2.84 -6.40 7.98
C ARG A 78 -2.20 -6.30 9.35
N LEU A 79 -1.13 -5.52 9.44
CA LEU A 79 -0.44 -5.28 10.71
C LEU A 79 -1.38 -4.58 11.69
N ALA A 80 -2.17 -3.66 11.16
CA ALA A 80 -3.17 -2.96 11.97
C ALA A 80 -4.22 -3.95 12.49
N ILE A 81 -4.65 -4.87 11.62
CA ILE A 81 -5.56 -5.93 12.02
C ILE A 81 -4.92 -6.85 13.07
N GLU A 82 -3.63 -7.13 12.90
CA GLU A 82 -2.90 -7.95 13.87
C GLU A 82 -2.89 -7.28 15.24
N ASN A 83 -2.75 -5.96 15.25
CA ASN A 83 -2.79 -5.19 16.50
C ASN A 83 -4.24 -4.87 16.87
N ARG A 84 -5.16 -5.34 16.03
CA ARG A 84 -6.60 -5.15 16.22
C ARG A 84 -6.96 -3.68 16.37
N ALA A 85 -6.38 -2.87 15.49
CA ALA A 85 -6.72 -1.46 15.41
C ALA A 85 -7.89 -1.27 14.46
N ILE A 86 -7.72 -1.76 13.23
CA ILE A 86 -8.79 -1.72 12.24
C ILE A 86 -9.38 -3.12 12.08
N ASP A 87 -10.67 -3.18 11.80
CA ASP A 87 -11.40 -4.45 11.78
C ASP A 87 -11.32 -5.13 10.42
N PHE A 88 -10.75 -4.45 9.44
CA PHE A 88 -10.74 -4.96 8.07
C PHE A 88 -9.59 -4.38 7.27
N ASN A 89 -9.36 -4.95 6.10
CA ASN A 89 -8.31 -4.49 5.20
C ASN A 89 -8.92 -3.93 3.92
N PRO A 90 -8.99 -2.59 3.80
CA PRO A 90 -9.58 -1.93 2.63
C PRO A 90 -8.74 -2.12 1.37
N ALA A 91 -7.49 -2.50 1.54
CA ALA A 91 -6.59 -2.72 0.42
C ALA A 91 -6.96 -3.97 -0.35
N ASP A 92 -7.70 -4.85 0.31
CA ASP A 92 -8.12 -6.13 -0.29
C ASP A 92 -9.20 -5.91 -1.35
N TYR A 93 -9.81 -4.72 -1.33
CA TYR A 93 -10.88 -4.39 -2.25
C TYR A 93 -10.35 -3.72 -3.52
N VAL A 94 -9.03 -3.60 -3.61
CA VAL A 94 -8.42 -2.92 -4.75
C VAL A 94 -8.10 -3.91 -5.86
N ARG A 95 -8.65 -3.67 -7.04
CA ARG A 95 -8.39 -4.51 -8.20
C ARG A 95 -7.06 -4.11 -8.84
N ILE A 96 -6.24 -5.11 -9.16
CA ILE A 96 -4.98 -4.88 -9.85
C ILE A 96 -5.10 -5.31 -11.30
N PRO A 97 -4.69 -4.45 -12.24
CA PRO A 97 -4.74 -4.77 -13.67
C PRO A 97 -3.90 -6.00 -14.02
N LYS A 98 -4.49 -6.92 -14.74
CA LYS A 98 -3.84 -8.19 -15.05
C LYS A 98 -3.31 -8.19 -16.47
N ILE A 99 -3.72 -7.21 -17.26
CA ILE A 99 -3.30 -7.13 -18.65
C ILE A 99 -2.35 -5.94 -18.84
N ALA A 100 -1.06 -6.23 -18.94
CA ALA A 100 -0.06 -5.18 -19.12
C ALA A 100 1.11 -5.69 -19.94
N LEU A 101 1.29 -5.09 -21.12
CA LEU A 101 2.43 -5.38 -21.98
C LEU A 101 2.40 -6.82 -22.46
N GLU A 102 3.56 -7.35 -22.85
CA GLU A 102 3.67 -8.71 -23.32
C GLU A 102 3.67 -9.70 -22.16
N HIS A 103 3.15 -10.89 -22.40
CA HIS A 103 3.14 -11.95 -21.40
C HIS A 103 4.06 -13.07 -21.84
N HIS A 104 5.35 -12.74 -21.94
CA HIS A 104 6.36 -13.65 -22.45
C HIS A 104 6.91 -14.53 -21.32
N HIS A 105 6.19 -14.59 -20.22
CA HIS A 105 6.57 -15.43 -19.09
C HIS A 105 5.36 -16.18 -18.55
N HIS A 106 5.52 -17.47 -18.31
CA HIS A 106 4.45 -18.28 -17.74
C HIS A 106 5.03 -19.53 -17.10
N HIS A 107 4.39 -20.02 -16.04
CA HIS A 107 4.82 -21.24 -15.38
C HIS A 107 4.28 -22.45 -16.13
N HIS A 108 4.74 -23.63 -15.73
CA HIS A 108 4.21 -24.88 -16.27
C HIS A 108 3.18 -25.44 -15.30
N ARG A 1 -7.66 6.35 17.44
CA ARG A 1 -6.42 6.98 17.93
C ARG A 1 -5.20 6.45 17.17
N ASP A 2 -5.10 6.81 15.90
CA ASP A 2 -4.01 6.33 15.04
C ASP A 2 -4.10 6.94 13.65
N SER A 3 -2.95 7.11 13.00
CA SER A 3 -2.93 7.47 11.59
C SER A 3 -2.20 6.39 10.80
N PHE A 4 -2.45 6.34 9.51
CA PHE A 4 -1.78 5.37 8.64
C PHE A 4 -0.28 5.63 8.64
N GLY A 5 0.10 6.89 8.86
CA GLY A 5 1.50 7.24 8.96
C GLY A 5 2.18 6.58 10.13
N ASP A 6 1.46 6.48 11.25
CA ASP A 6 1.98 5.83 12.45
C ASP A 6 2.23 4.35 12.18
N TRP A 7 1.25 3.72 11.52
CA TRP A 7 1.36 2.31 11.16
C TRP A 7 2.42 2.10 10.08
N ALA A 8 2.52 3.04 9.15
CA ALA A 8 3.53 2.99 8.11
C ALA A 8 4.93 2.97 8.72
N GLU A 9 5.14 3.80 9.72
CA GLU A 9 6.40 3.81 10.46
C GLU A 9 6.61 2.47 11.14
N LYS A 10 5.55 1.97 11.78
CA LYS A 10 5.60 0.70 12.49
C LYS A 10 5.98 -0.44 11.54
N PHE A 11 5.44 -0.39 10.33
CA PHE A 11 5.76 -1.37 9.29
C PHE A 11 7.24 -1.26 8.93
N LEU A 12 7.71 -0.03 8.76
CA LEU A 12 9.10 0.19 8.40
C LEU A 12 10.04 -0.26 9.52
N LYS A 13 9.62 -0.08 10.76
CA LYS A 13 10.44 -0.48 11.91
C LYS A 13 10.51 -2.00 12.03
N SER A 14 9.38 -2.67 11.81
CA SER A 14 9.34 -4.12 11.88
C SER A 14 10.06 -4.74 10.68
N LYS A 15 9.96 -4.08 9.53
CA LYS A 15 10.65 -4.52 8.34
C LYS A 15 12.14 -4.23 8.45
N GLU A 16 12.47 -3.16 9.17
CA GLU A 16 13.86 -2.87 9.52
C GLU A 16 14.45 -4.02 10.32
N ALA A 17 13.71 -4.43 11.35
CA ALA A 17 14.12 -5.54 12.20
C ALA A 17 13.97 -6.89 11.48
N ASP A 18 13.30 -6.84 10.33
CA ASP A 18 13.16 -8.02 9.48
C ASP A 18 14.47 -8.32 8.78
N GLY A 19 15.37 -7.35 8.78
CA GLY A 19 16.68 -7.54 8.20
C GLY A 19 16.72 -7.11 6.75
N VAL A 20 16.44 -5.84 6.51
CA VAL A 20 16.47 -5.30 5.15
C VAL A 20 17.55 -4.25 5.02
N SER A 21 18.06 -4.10 3.80
CA SER A 21 19.04 -3.07 3.50
C SER A 21 18.41 -1.68 3.67
N VAL A 22 19.23 -0.69 3.97
CA VAL A 22 18.72 0.68 4.17
C VAL A 22 18.09 1.20 2.90
N SER A 23 18.75 0.97 1.77
CA SER A 23 18.22 1.38 0.47
C SER A 23 16.92 0.62 0.17
N GLN A 24 16.83 -0.60 0.68
CA GLN A 24 15.62 -1.41 0.51
C GLN A 24 14.49 -0.84 1.38
N LEU A 25 14.86 -0.40 2.58
CA LEU A 25 13.91 0.24 3.48
C LEU A 25 13.44 1.57 2.90
N ASN A 26 14.37 2.30 2.27
CA ASN A 26 14.05 3.56 1.60
C ASN A 26 13.11 3.31 0.42
N SER A 27 13.17 2.11 -0.13
CA SER A 27 12.26 1.72 -1.20
C SER A 27 10.83 1.64 -0.66
N TYR A 28 10.66 0.97 0.48
CA TYR A 28 9.35 0.91 1.14
C TYR A 28 8.91 2.31 1.57
N LYS A 29 9.88 3.12 1.97
CA LYS A 29 9.62 4.49 2.38
C LYS A 29 9.02 5.29 1.21
N ASN A 30 9.50 5.00 0.01
CA ASN A 30 8.99 5.64 -1.20
C ASN A 30 7.54 5.24 -1.45
N TYR A 31 7.22 3.98 -1.19
CA TYR A 31 5.86 3.50 -1.32
C TYR A 31 4.94 4.20 -0.32
N CYS A 32 5.24 4.05 0.95
CA CYS A 32 4.37 4.55 2.02
C CYS A 32 4.23 6.08 2.01
N ARG A 33 5.35 6.78 1.88
CA ARG A 33 5.32 8.23 2.01
C ARG A 33 4.98 8.93 0.70
N ASN A 34 5.52 8.43 -0.42
CA ASN A 34 5.35 9.12 -1.69
C ASN A 34 4.13 8.61 -2.46
N HIS A 35 4.05 7.30 -2.65
CA HIS A 35 2.96 6.72 -3.45
C HIS A 35 1.66 6.66 -2.66
N LEU A 36 1.77 6.38 -1.37
CA LEU A 36 0.60 6.32 -0.50
C LEU A 36 0.44 7.64 0.26
N SER A 37 0.93 8.72 -0.33
CA SER A 37 0.93 10.04 0.30
C SER A 37 -0.46 10.47 0.81
N PRO A 38 -1.54 10.34 0.00
CA PRO A 38 -2.89 10.71 0.46
C PRO A 38 -3.33 9.90 1.68
N LEU A 39 -2.90 8.65 1.73
CA LEU A 39 -3.29 7.75 2.81
C LEU A 39 -2.38 7.96 4.02
N TYR A 40 -1.16 8.38 3.74
CA TYR A 40 -0.11 8.56 4.75
C TYR A 40 -0.53 9.59 5.81
N MET A 41 -1.43 10.50 5.43
CA MET A 41 -1.89 11.53 6.34
C MET A 41 -3.29 11.24 6.85
N LYS A 42 -3.81 10.07 6.51
CA LYS A 42 -5.15 9.67 6.94
C LYS A 42 -5.07 8.62 8.03
N SER A 43 -6.19 8.36 8.69
CA SER A 43 -6.25 7.28 9.66
C SER A 43 -6.79 6.02 9.01
N LEU A 44 -6.74 4.90 9.71
CA LEU A 44 -7.25 3.64 9.17
C LEU A 44 -8.74 3.75 8.81
N SER A 45 -9.46 4.59 9.55
CA SER A 45 -10.88 4.77 9.32
C SER A 45 -11.14 5.85 8.26
N GLU A 46 -10.15 6.70 8.05
CA GLU A 46 -10.29 7.81 7.11
C GLU A 46 -10.02 7.34 5.68
N ILE A 47 -9.24 6.28 5.56
CA ILE A 47 -8.88 5.73 4.25
C ILE A 47 -10.08 5.06 3.58
N LEU A 48 -10.35 5.47 2.35
CA LEU A 48 -11.41 4.87 1.55
C LEU A 48 -10.83 3.88 0.56
N PRO A 49 -11.49 2.72 0.39
CA PRO A 49 -11.05 1.68 -0.55
C PRO A 49 -10.93 2.21 -1.99
N ALA A 50 -11.92 2.99 -2.42
CA ALA A 50 -11.95 3.52 -3.78
C ALA A 50 -10.81 4.52 -4.00
N ASP A 51 -10.38 5.17 -2.93
CA ASP A 51 -9.30 6.14 -3.02
C ASP A 51 -7.99 5.44 -3.33
N ILE A 52 -7.81 4.28 -2.72
CA ILE A 52 -6.64 3.44 -3.00
C ILE A 52 -6.74 2.88 -4.42
N GLN A 53 -7.96 2.54 -4.81
CA GLN A 53 -8.21 1.97 -6.13
C GLN A 53 -7.85 2.98 -7.22
N SER A 54 -8.19 4.24 -7.01
CA SER A 54 -7.90 5.28 -8.00
C SER A 54 -6.41 5.55 -8.08
N ILE A 55 -5.70 5.38 -6.96
CA ILE A 55 -4.24 5.51 -6.96
C ILE A 55 -3.63 4.55 -7.96
N ILE A 56 -3.96 3.26 -7.82
CA ILE A 56 -3.47 2.24 -8.72
C ILE A 56 -4.00 2.46 -10.14
N ASN A 57 -5.18 3.04 -10.22
CA ASN A 57 -5.83 3.30 -11.50
C ASN A 57 -5.06 4.33 -12.33
N GLU A 58 -4.61 5.40 -11.68
CA GLU A 58 -3.93 6.48 -12.40
C GLU A 58 -2.43 6.27 -12.47
N THR A 59 -1.85 5.63 -11.47
CA THR A 59 -0.40 5.42 -11.44
C THR A 59 0.03 4.52 -12.58
N LYS A 60 0.75 5.09 -13.54
CA LYS A 60 1.16 4.34 -14.71
C LYS A 60 2.53 3.72 -14.50
N LEU A 61 2.56 2.61 -13.80
CA LEU A 61 3.79 1.87 -13.55
C LEU A 61 3.59 0.43 -13.95
N ALA A 62 4.60 -0.40 -13.71
CA ALA A 62 4.53 -1.81 -14.03
C ALA A 62 3.47 -2.49 -13.17
N LYS A 63 2.90 -3.56 -13.69
CA LYS A 63 1.80 -4.26 -13.01
C LYS A 63 2.29 -4.84 -11.69
N ASN A 64 3.53 -5.30 -11.68
CA ASN A 64 4.13 -5.84 -10.46
C ASN A 64 4.37 -4.72 -9.45
N THR A 65 4.72 -3.54 -9.95
CA THR A 65 4.92 -2.38 -9.10
C THR A 65 3.59 -1.97 -8.46
N LEU A 66 2.53 -1.95 -9.27
CA LEU A 66 1.20 -1.60 -8.80
C LEU A 66 0.74 -2.58 -7.72
N LYS A 67 0.99 -3.87 -7.97
CA LYS A 67 0.67 -4.91 -7.00
C LYS A 67 1.46 -4.68 -5.71
N ALA A 68 2.72 -4.28 -5.86
CA ALA A 68 3.59 -4.02 -4.72
C ALA A 68 3.06 -2.84 -3.90
N ILE A 69 2.48 -1.86 -4.58
CA ILE A 69 1.88 -0.71 -3.90
C ILE A 69 0.74 -1.16 -3.00
N ARG A 70 -0.22 -1.90 -3.58
CA ARG A 70 -1.36 -2.41 -2.82
C ARG A 70 -0.87 -3.37 -1.75
N ASN A 71 0.10 -4.20 -2.11
CA ASN A 71 0.69 -5.16 -1.19
C ASN A 71 1.21 -4.47 0.06
N THR A 72 2.08 -3.49 -0.13
CA THR A 72 2.68 -2.75 0.97
C THR A 72 1.60 -2.12 1.85
N ALA A 73 0.61 -1.49 1.21
CA ALA A 73 -0.48 -0.85 1.94
C ALA A 73 -1.30 -1.87 2.71
N SER A 74 -1.70 -2.95 2.06
CA SER A 74 -2.54 -3.96 2.67
C SER A 74 -1.81 -4.67 3.80
N GLN A 75 -0.49 -4.82 3.68
CA GLN A 75 0.30 -5.43 4.74
C GLN A 75 0.29 -4.56 5.99
N ILE A 76 0.33 -3.25 5.78
CA ILE A 76 0.26 -2.30 6.88
C ILE A 76 -1.11 -2.41 7.56
N PHE A 77 -2.16 -2.58 6.77
CA PHE A 77 -3.49 -2.80 7.30
C PHE A 77 -3.54 -4.09 8.11
N ARG A 78 -2.93 -5.15 7.59
CA ARG A 78 -2.89 -6.44 8.27
C ARG A 78 -2.18 -6.29 9.62
N LEU A 79 -1.13 -5.49 9.64
CA LEU A 79 -0.39 -5.20 10.86
C LEU A 79 -1.32 -4.63 11.93
N ALA A 80 -2.26 -3.79 11.51
CA ALA A 80 -3.25 -3.23 12.41
C ALA A 80 -4.30 -4.27 12.78
N ILE A 81 -4.61 -5.16 11.84
CA ILE A 81 -5.56 -6.24 12.07
C ILE A 81 -5.06 -7.21 13.13
N GLU A 82 -3.77 -7.55 13.06
CA GLU A 82 -3.16 -8.44 14.03
C GLU A 82 -3.23 -7.84 15.43
N ASN A 83 -3.03 -6.54 15.51
CA ASN A 83 -3.09 -5.83 16.80
C ASN A 83 -4.53 -5.47 17.15
N ARG A 84 -5.46 -5.91 16.30
CA ARG A 84 -6.89 -5.78 16.53
C ARG A 84 -7.31 -4.32 16.66
N ALA A 85 -6.56 -3.45 15.99
CA ALA A 85 -6.92 -2.04 15.91
C ALA A 85 -8.03 -1.87 14.88
N ILE A 86 -7.93 -2.64 13.81
CA ILE A 86 -8.94 -2.65 12.77
C ILE A 86 -9.06 -4.06 12.23
N ASP A 87 -10.28 -4.50 11.96
CA ASP A 87 -10.49 -5.83 11.41
C ASP A 87 -11.13 -5.69 10.03
N PHE A 88 -10.55 -4.79 9.24
CA PHE A 88 -11.06 -4.46 7.92
C PHE A 88 -9.90 -4.00 7.04
N ASN A 89 -9.72 -4.66 5.91
CA ASN A 89 -8.63 -4.31 5.01
C ASN A 89 -9.20 -3.70 3.73
N PRO A 90 -9.21 -2.37 3.63
CA PRO A 90 -9.74 -1.66 2.47
C PRO A 90 -8.96 -1.99 1.20
N ALA A 91 -7.66 -2.22 1.36
CA ALA A 91 -6.77 -2.46 0.23
C ALA A 91 -7.00 -3.84 -0.36
N ASP A 92 -7.63 -4.73 0.41
CA ASP A 92 -7.91 -6.08 -0.04
C ASP A 92 -9.03 -6.06 -1.08
N TYR A 93 -9.86 -5.01 -1.03
CA TYR A 93 -10.95 -4.88 -1.97
C TYR A 93 -10.50 -4.10 -3.21
N VAL A 94 -9.26 -3.64 -3.17
CA VAL A 94 -8.65 -2.95 -4.28
C VAL A 94 -7.95 -3.97 -5.18
N ARG A 95 -8.07 -3.79 -6.49
CA ARG A 95 -7.44 -4.72 -7.42
C ARG A 95 -6.52 -3.98 -8.38
N ILE A 96 -5.54 -4.69 -8.91
CA ILE A 96 -4.60 -4.12 -9.86
C ILE A 96 -5.04 -4.43 -11.29
N PRO A 97 -5.37 -3.38 -12.05
CA PRO A 97 -5.74 -3.52 -13.46
C PRO A 97 -4.56 -3.94 -14.31
N LYS A 98 -4.75 -4.96 -15.14
CA LYS A 98 -3.68 -5.44 -16.01
C LYS A 98 -3.57 -4.55 -17.24
N ILE A 99 -4.51 -3.61 -17.37
CA ILE A 99 -4.57 -2.68 -18.49
C ILE A 99 -5.01 -3.36 -19.78
N ALA A 100 -4.29 -4.41 -20.16
CA ALA A 100 -4.62 -5.15 -21.35
C ALA A 100 -5.80 -6.08 -21.09
N LEU A 101 -6.98 -5.52 -21.22
CA LEU A 101 -8.21 -6.28 -21.10
C LEU A 101 -8.82 -6.47 -22.47
N GLU A 102 -8.21 -5.79 -23.45
CA GLU A 102 -8.61 -5.87 -24.85
C GLU A 102 -10.00 -5.26 -25.09
N HIS A 103 -10.38 -5.17 -26.35
CA HIS A 103 -11.68 -4.65 -26.72
C HIS A 103 -12.57 -5.77 -27.22
N HIS A 104 -13.76 -5.87 -26.65
CA HIS A 104 -14.68 -6.93 -26.99
C HIS A 104 -15.65 -6.47 -28.07
N HIS A 105 -15.61 -7.13 -29.22
CA HIS A 105 -16.44 -6.74 -30.35
C HIS A 105 -17.47 -7.81 -30.65
N HIS A 106 -16.98 -9.03 -30.85
CA HIS A 106 -17.84 -10.17 -31.12
C HIS A 106 -18.02 -10.99 -29.85
N HIS A 107 -18.38 -12.26 -30.00
CA HIS A 107 -18.47 -13.14 -28.84
C HIS A 107 -17.06 -13.51 -28.38
N HIS A 108 -16.43 -12.58 -27.66
CA HIS A 108 -15.07 -12.75 -27.18
C HIS A 108 -14.68 -11.53 -26.37
N ARG A 1 -5.26 6.82 18.67
CA ARG A 1 -5.69 7.00 17.27
C ARG A 1 -5.21 5.85 16.41
N ASP A 2 -5.63 5.87 15.15
CA ASP A 2 -5.12 4.96 14.14
C ASP A 2 -4.87 5.74 12.87
N SER A 3 -3.61 5.90 12.51
CA SER A 3 -3.26 6.63 11.31
C SER A 3 -2.51 5.73 10.34
N PHE A 4 -2.65 5.98 9.05
CA PHE A 4 -1.94 5.18 8.06
C PHE A 4 -0.44 5.37 8.21
N GLY A 5 0.00 6.62 8.26
CA GLY A 5 1.41 6.91 8.45
C GLY A 5 1.92 6.42 9.79
N ASP A 6 1.00 6.33 10.76
CA ASP A 6 1.31 5.82 12.10
C ASP A 6 1.74 4.37 12.02
N TRP A 7 0.90 3.55 11.38
CA TRP A 7 1.19 2.13 11.24
C TRP A 7 2.25 1.89 10.18
N ALA A 8 2.35 2.80 9.22
CA ALA A 8 3.40 2.72 8.21
C ALA A 8 4.77 2.80 8.88
N GLU A 9 4.93 3.78 9.76
CA GLU A 9 6.14 3.93 10.56
C GLU A 9 6.42 2.65 11.35
N LYS A 10 5.38 2.10 11.95
CA LYS A 10 5.50 0.85 12.70
C LYS A 10 5.95 -0.28 11.79
N PHE A 11 5.34 -0.37 10.61
CA PHE A 11 5.67 -1.42 9.65
C PHE A 11 7.09 -1.27 9.12
N LEU A 12 7.48 -0.04 8.81
CA LEU A 12 8.82 0.23 8.31
C LEU A 12 9.87 -0.12 9.36
N LYS A 13 9.67 0.37 10.57
CA LYS A 13 10.66 0.18 11.62
C LYS A 13 10.72 -1.28 12.08
N SER A 14 9.58 -1.98 12.02
CA SER A 14 9.57 -3.39 12.35
C SER A 14 10.28 -4.20 11.26
N LYS A 15 10.18 -3.72 10.02
CA LYS A 15 10.91 -4.32 8.90
C LYS A 15 12.40 -4.03 9.01
N GLU A 16 12.72 -2.84 9.51
CA GLU A 16 14.11 -2.46 9.75
C GLU A 16 14.78 -3.46 10.69
N ALA A 17 14.07 -3.84 11.75
CA ALA A 17 14.55 -4.83 12.69
C ALA A 17 14.33 -6.25 12.17
N ASP A 18 13.35 -6.39 11.28
CA ASP A 18 13.03 -7.69 10.68
C ASP A 18 14.24 -8.27 9.97
N GLY A 19 14.80 -7.50 9.07
CA GLY A 19 15.99 -7.94 8.37
C GLY A 19 16.06 -7.43 6.95
N VAL A 20 15.99 -6.12 6.80
CA VAL A 20 16.11 -5.51 5.48
C VAL A 20 17.28 -4.55 5.45
N SER A 21 17.90 -4.42 4.29
CA SER A 21 19.00 -3.48 4.13
C SER A 21 18.44 -2.08 3.87
N VAL A 22 19.32 -1.09 3.84
CA VAL A 22 18.92 0.30 3.69
C VAL A 22 18.13 0.51 2.40
N SER A 23 18.57 -0.13 1.31
CA SER A 23 17.91 0.02 0.02
C SER A 23 16.47 -0.48 0.08
N GLN A 24 16.22 -1.51 0.88
CA GLN A 24 14.87 -2.02 1.05
C GLN A 24 14.01 -1.00 1.79
N LEU A 25 14.46 -0.63 2.99
CA LEU A 25 13.70 0.28 3.84
C LEU A 25 13.48 1.62 3.13
N ASN A 26 14.51 2.08 2.42
CA ASN A 26 14.46 3.34 1.70
C ASN A 26 13.39 3.28 0.59
N SER A 27 13.25 2.12 -0.04
CA SER A 27 12.25 1.96 -1.09
C SER A 27 10.85 1.76 -0.50
N TYR A 28 10.77 1.05 0.63
CA TYR A 28 9.50 0.91 1.36
C TYR A 28 8.96 2.29 1.72
N LYS A 29 9.85 3.12 2.26
CA LYS A 29 9.50 4.48 2.64
C LYS A 29 9.14 5.30 1.41
N ASN A 30 9.91 5.12 0.33
CA ASN A 30 9.65 5.81 -0.94
C ASN A 30 8.21 5.59 -1.40
N TYR A 31 7.78 4.33 -1.42
CA TYR A 31 6.43 3.98 -1.83
C TYR A 31 5.39 4.66 -0.94
N CYS A 32 5.57 4.53 0.37
CA CYS A 32 4.60 5.05 1.33
C CYS A 32 4.63 6.59 1.38
N ARG A 33 5.76 7.17 1.00
CA ARG A 33 5.96 8.61 1.09
C ARG A 33 5.24 9.36 -0.03
N ASN A 34 5.50 8.95 -1.27
CA ASN A 34 4.94 9.67 -2.42
C ASN A 34 3.76 8.93 -3.03
N HIS A 35 3.82 7.61 -3.05
CA HIS A 35 2.78 6.82 -3.71
C HIS A 35 1.61 6.56 -2.77
N LEU A 36 1.85 6.66 -1.47
CA LEU A 36 0.79 6.50 -0.48
C LEU A 36 0.62 7.80 0.31
N SER A 37 1.01 8.91 -0.31
CA SER A 37 0.94 10.21 0.34
C SER A 37 -0.48 10.63 0.73
N PRO A 38 -1.52 10.43 -0.13
CA PRO A 38 -2.90 10.81 0.22
C PRO A 38 -3.46 9.99 1.36
N LEU A 39 -2.78 8.88 1.66
CA LEU A 39 -3.22 7.99 2.70
C LEU A 39 -2.45 8.25 3.99
N TYR A 40 -1.18 8.63 3.84
CA TYR A 40 -0.26 8.83 4.97
C TYR A 40 -0.84 9.80 6.01
N MET A 41 -1.43 10.89 5.53
CA MET A 41 -1.95 11.92 6.42
C MET A 41 -3.31 11.55 6.99
N LYS A 42 -3.98 10.58 6.39
CA LYS A 42 -5.32 10.21 6.83
C LYS A 42 -5.26 9.14 7.92
N SER A 43 -6.30 9.12 8.74
CA SER A 43 -6.43 8.09 9.76
C SER A 43 -6.72 6.75 9.09
N LEU A 44 -6.24 5.68 9.70
CA LEU A 44 -6.29 4.36 9.08
C LEU A 44 -7.72 3.93 8.76
N SER A 45 -8.56 3.93 9.79
CA SER A 45 -9.94 3.48 9.65
C SER A 45 -10.78 4.48 8.87
N GLU A 46 -10.24 5.68 8.66
CA GLU A 46 -10.97 6.74 7.95
C GLU A 46 -10.74 6.65 6.45
N ILE A 47 -9.71 5.89 6.07
CA ILE A 47 -9.38 5.73 4.66
C ILE A 47 -10.44 4.90 3.95
N LEU A 48 -10.92 5.42 2.82
CA LEU A 48 -11.91 4.73 2.04
C LEU A 48 -11.22 3.81 1.03
N PRO A 49 -11.82 2.66 0.72
CA PRO A 49 -11.32 1.77 -0.33
C PRO A 49 -11.19 2.52 -1.66
N ALA A 50 -12.07 3.49 -1.85
CA ALA A 50 -12.06 4.32 -3.04
C ALA A 50 -10.75 5.09 -3.18
N ASP A 51 -10.20 5.55 -2.05
CA ASP A 51 -8.94 6.32 -2.05
C ASP A 51 -7.82 5.51 -2.68
N ILE A 52 -7.58 4.33 -2.11
CA ILE A 52 -6.48 3.48 -2.53
C ILE A 52 -6.70 3.00 -3.96
N GLN A 53 -7.94 2.58 -4.26
CA GLN A 53 -8.28 2.09 -5.59
C GLN A 53 -8.07 3.19 -6.63
N SER A 54 -8.45 4.41 -6.29
CA SER A 54 -8.27 5.56 -7.17
C SER A 54 -6.80 5.76 -7.50
N ILE A 55 -5.96 5.69 -6.47
CA ILE A 55 -4.52 5.86 -6.64
C ILE A 55 -3.97 4.82 -7.61
N ILE A 56 -4.18 3.54 -7.27
CA ILE A 56 -3.66 2.44 -8.08
C ILE A 56 -4.16 2.50 -9.52
N ASN A 57 -5.42 2.89 -9.68
CA ASN A 57 -6.05 2.89 -11.00
C ASN A 57 -5.41 3.92 -11.93
N GLU A 58 -5.04 5.08 -11.40
CA GLU A 58 -4.49 6.15 -12.23
C GLU A 58 -2.96 6.16 -12.22
N THR A 59 -2.36 5.41 -11.31
CA THR A 59 -0.91 5.31 -11.25
C THR A 59 -0.39 4.56 -12.46
N LYS A 60 0.34 5.27 -13.31
CA LYS A 60 0.81 4.71 -14.57
C LYS A 60 2.22 4.14 -14.40
N LEU A 61 2.27 2.93 -13.87
CA LEU A 61 3.54 2.24 -13.65
C LEU A 61 3.43 0.81 -14.13
N ALA A 62 4.48 0.02 -13.91
CA ALA A 62 4.51 -1.37 -14.35
C ALA A 62 3.56 -2.22 -13.51
N LYS A 63 3.16 -3.36 -14.07
CA LYS A 63 2.20 -4.25 -13.42
C LYS A 63 2.72 -4.74 -12.07
N ASN A 64 4.01 -5.05 -12.02
CA ASN A 64 4.62 -5.55 -10.80
C ASN A 64 4.79 -4.41 -9.79
N THR A 65 4.98 -3.20 -10.29
CA THR A 65 5.13 -2.04 -9.44
C THR A 65 3.81 -1.70 -8.77
N LEU A 66 2.72 -1.78 -9.52
CA LEU A 66 1.39 -1.52 -8.99
C LEU A 66 1.04 -2.50 -7.88
N LYS A 67 1.36 -3.78 -8.10
CA LYS A 67 1.10 -4.80 -7.10
C LYS A 67 1.94 -4.57 -5.85
N ALA A 68 3.18 -4.14 -6.05
CA ALA A 68 4.08 -3.89 -4.93
C ALA A 68 3.50 -2.84 -3.99
N ILE A 69 2.96 -1.78 -4.57
CA ILE A 69 2.34 -0.71 -3.78
C ILE A 69 1.16 -1.25 -2.99
N ARG A 70 0.30 -1.99 -3.67
CA ARG A 70 -0.89 -2.54 -3.03
C ARG A 70 -0.53 -3.55 -1.94
N ASN A 71 0.44 -4.41 -2.23
CA ASN A 71 0.86 -5.42 -1.28
C ASN A 71 1.43 -4.79 -0.03
N THR A 72 2.28 -3.77 -0.21
CA THR A 72 2.88 -3.06 0.91
C THR A 72 1.79 -2.47 1.81
N ALA A 73 0.81 -1.80 1.19
CA ALA A 73 -0.29 -1.21 1.93
C ALA A 73 -1.15 -2.30 2.58
N SER A 74 -1.35 -3.40 1.86
CA SER A 74 -2.16 -4.50 2.35
C SER A 74 -1.56 -5.09 3.62
N GLN A 75 -0.23 -5.23 3.64
CA GLN A 75 0.46 -5.75 4.82
C GLN A 75 0.37 -4.78 5.99
N ILE A 76 0.30 -3.47 5.69
CA ILE A 76 0.14 -2.46 6.72
C ILE A 76 -1.22 -2.60 7.39
N PHE A 77 -2.28 -2.67 6.58
CA PHE A 77 -3.63 -2.88 7.10
C PHE A 77 -3.73 -4.23 7.79
N ARG A 78 -3.04 -5.23 7.24
CA ARG A 78 -3.02 -6.57 7.79
C ARG A 78 -2.45 -6.55 9.21
N LEU A 79 -1.35 -5.80 9.37
CA LEU A 79 -0.71 -5.65 10.67
C LEU A 79 -1.67 -5.01 11.68
N ALA A 80 -2.50 -4.11 11.18
CA ALA A 80 -3.49 -3.46 12.02
C ALA A 80 -4.61 -4.42 12.39
N ILE A 81 -4.96 -5.32 11.47
CA ILE A 81 -5.97 -6.33 11.73
C ILE A 81 -5.58 -7.23 12.90
N GLU A 82 -4.35 -7.75 12.85
CA GLU A 82 -3.86 -8.65 13.92
C GLU A 82 -3.63 -7.89 15.22
N ASN A 83 -3.53 -6.56 15.12
CA ASN A 83 -3.40 -5.72 16.30
C ASN A 83 -4.75 -5.13 16.68
N ARG A 84 -5.79 -5.58 15.97
CA ARG A 84 -7.18 -5.21 16.27
C ARG A 84 -7.42 -3.70 16.20
N ALA A 85 -6.69 -3.05 15.31
CA ALA A 85 -6.90 -1.63 15.05
C ALA A 85 -7.96 -1.44 13.98
N ILE A 86 -8.01 -2.39 13.07
CA ILE A 86 -9.02 -2.42 12.02
C ILE A 86 -9.43 -3.87 11.75
N ASP A 87 -10.69 -4.09 11.44
CA ASP A 87 -11.22 -5.45 11.32
C ASP A 87 -11.24 -5.93 9.86
N PHE A 88 -10.81 -5.08 8.94
CA PHE A 88 -10.88 -5.40 7.53
C PHE A 88 -9.68 -4.84 6.77
N ASN A 89 -9.46 -5.35 5.57
CA ASN A 89 -8.32 -4.93 4.76
C ASN A 89 -8.78 -4.35 3.43
N PRO A 90 -9.01 -3.02 3.39
CA PRO A 90 -9.51 -2.35 2.18
C PRO A 90 -8.48 -2.38 1.06
N ALA A 91 -7.22 -2.56 1.41
CA ALA A 91 -6.15 -2.61 0.43
C ALA A 91 -6.23 -3.89 -0.38
N ASP A 92 -6.73 -4.96 0.24
CA ASP A 92 -6.86 -6.23 -0.45
C ASP A 92 -8.11 -6.18 -1.35
N TYR A 93 -8.95 -5.18 -1.10
CA TYR A 93 -10.14 -4.96 -1.91
C TYR A 93 -9.76 -4.17 -3.16
N VAL A 94 -8.60 -3.56 -3.13
CA VAL A 94 -8.09 -2.81 -4.27
C VAL A 94 -7.68 -3.77 -5.37
N ARG A 95 -8.05 -3.44 -6.60
CA ARG A 95 -7.76 -4.29 -7.74
C ARG A 95 -6.54 -3.81 -8.48
N ILE A 96 -5.75 -4.76 -8.95
CA ILE A 96 -4.63 -4.47 -9.85
C ILE A 96 -5.08 -4.75 -11.28
N PRO A 97 -5.31 -3.70 -12.08
CA PRO A 97 -5.86 -3.88 -13.40
C PRO A 97 -4.86 -4.43 -14.41
N LYS A 98 -5.28 -5.47 -15.11
CA LYS A 98 -4.56 -6.02 -16.23
C LYS A 98 -5.54 -6.10 -17.39
N ILE A 99 -6.59 -5.31 -17.24
CA ILE A 99 -7.71 -5.26 -18.15
C ILE A 99 -7.66 -4.00 -19.01
N ALA A 100 -6.96 -3.00 -18.50
CA ALA A 100 -6.88 -1.70 -19.15
C ALA A 100 -5.92 -1.71 -20.32
N LEU A 101 -5.68 -0.53 -20.89
CA LEU A 101 -4.72 -0.36 -21.98
C LEU A 101 -3.34 -0.85 -21.56
N GLU A 102 -2.80 -1.80 -22.29
CA GLU A 102 -1.48 -2.34 -21.96
C GLU A 102 -0.38 -1.43 -22.50
N HIS A 103 0.84 -1.73 -22.07
CA HIS A 103 2.00 -0.91 -22.41
C HIS A 103 2.39 -1.06 -23.89
N HIS A 104 3.28 -0.17 -24.34
CA HIS A 104 3.87 -0.30 -25.66
C HIS A 104 4.54 -1.67 -25.78
N HIS A 105 4.34 -2.33 -26.92
CA HIS A 105 4.76 -3.71 -27.16
C HIS A 105 3.79 -4.68 -26.51
N HIS A 106 3.49 -5.76 -27.23
CA HIS A 106 2.45 -6.71 -26.86
C HIS A 106 1.07 -6.10 -27.07
N HIS A 107 0.51 -6.34 -28.25
CA HIS A 107 -0.80 -5.82 -28.59
C HIS A 107 -1.88 -6.82 -28.19
N HIS A 108 -2.76 -6.38 -27.32
CA HIS A 108 -3.81 -7.23 -26.78
C HIS A 108 -4.99 -6.38 -26.34
N ARG A 1 -7.59 3.34 17.44
CA ARG A 1 -7.86 4.00 16.15
C ARG A 1 -6.78 5.04 15.87
N ASP A 2 -5.76 4.65 15.13
CA ASP A 2 -4.63 5.53 14.83
C ASP A 2 -4.60 5.88 13.36
N SER A 3 -3.57 6.62 12.97
CA SER A 3 -3.44 7.07 11.59
C SER A 3 -2.59 6.11 10.78
N PHE A 4 -2.78 6.17 9.47
CA PHE A 4 -2.05 5.33 8.55
C PHE A 4 -0.55 5.58 8.68
N GLY A 5 -0.18 6.84 8.90
CA GLY A 5 1.22 7.19 9.10
C GLY A 5 1.85 6.45 10.25
N ASP A 6 1.10 6.32 11.35
CA ASP A 6 1.58 5.61 12.53
C ASP A 6 1.91 4.17 12.20
N TRP A 7 0.95 3.48 11.61
CA TRP A 7 1.11 2.06 11.31
C TRP A 7 2.00 1.83 10.10
N ALA A 8 2.10 2.83 9.23
CA ALA A 8 3.00 2.74 8.08
C ALA A 8 4.45 2.63 8.54
N GLU A 9 4.85 3.51 9.45
CA GLU A 9 6.21 3.50 9.96
C GLU A 9 6.43 2.33 10.90
N LYS A 10 5.35 1.81 11.47
CA LYS A 10 5.44 0.60 12.27
C LYS A 10 5.76 -0.58 11.36
N PHE A 11 5.12 -0.62 10.19
CA PHE A 11 5.42 -1.62 9.19
C PHE A 11 6.88 -1.48 8.73
N LEU A 12 7.30 -0.23 8.50
CA LEU A 12 8.68 0.05 8.13
C LEU A 12 9.63 -0.49 9.19
N LYS A 13 9.28 -0.27 10.45
CA LYS A 13 10.10 -0.71 11.57
C LYS A 13 10.19 -2.24 11.61
N SER A 14 9.09 -2.91 11.29
CA SER A 14 9.08 -4.37 11.29
C SER A 14 9.96 -4.91 10.17
N LYS A 15 9.99 -4.21 9.05
CA LYS A 15 10.86 -4.58 7.93
C LYS A 15 12.31 -4.32 8.30
N GLU A 16 12.53 -3.20 8.99
CA GLU A 16 13.86 -2.83 9.48
C GLU A 16 14.44 -3.92 10.37
N ALA A 17 13.62 -4.43 11.28
CA ALA A 17 14.04 -5.49 12.19
C ALA A 17 13.98 -6.86 11.51
N ASP A 18 13.22 -6.96 10.44
CA ASP A 18 13.07 -8.21 9.71
C ASP A 18 14.38 -8.57 9.02
N GLY A 19 14.91 -7.65 8.24
CA GLY A 19 16.16 -7.89 7.55
C GLY A 19 16.12 -7.38 6.13
N VAL A 20 16.03 -6.08 5.97
CA VAL A 20 16.06 -5.47 4.65
C VAL A 20 17.20 -4.47 4.55
N SER A 21 17.73 -4.30 3.34
CA SER A 21 18.82 -3.36 3.11
C SER A 21 18.28 -1.93 3.09
N VAL A 22 19.19 -0.95 3.12
CA VAL A 22 18.81 0.45 3.14
C VAL A 22 17.94 0.80 1.94
N SER A 23 18.40 0.42 0.75
CA SER A 23 17.68 0.72 -0.48
C SER A 23 16.29 0.07 -0.48
N GLN A 24 16.14 -1.03 0.25
CA GLN A 24 14.87 -1.73 0.34
C GLN A 24 13.95 -1.05 1.34
N LEU A 25 14.47 -0.75 2.52
CA LEU A 25 13.70 -0.07 3.55
C LEU A 25 13.32 1.33 3.09
N ASN A 26 14.28 2.00 2.47
CA ASN A 26 14.06 3.34 1.93
C ASN A 26 13.01 3.29 0.82
N SER A 27 13.01 2.19 0.07
CA SER A 27 12.00 1.97 -0.96
C SER A 27 10.62 1.89 -0.31
N TYR A 28 10.51 1.13 0.78
CA TYR A 28 9.27 1.04 1.53
C TYR A 28 8.82 2.41 2.02
N LYS A 29 9.76 3.19 2.53
CA LYS A 29 9.49 4.55 2.97
C LYS A 29 8.98 5.40 1.81
N ASN A 30 9.62 5.24 0.65
CA ASN A 30 9.23 5.95 -0.57
C ASN A 30 7.76 5.68 -0.91
N TYR A 31 7.35 4.42 -0.84
CA TYR A 31 5.96 4.07 -1.15
C TYR A 31 5.01 4.73 -0.15
N CYS A 32 5.29 4.60 1.13
CA CYS A 32 4.41 5.14 2.17
C CYS A 32 4.36 6.66 2.13
N ARG A 33 5.51 7.28 1.95
CA ARG A 33 5.63 8.74 2.00
C ARG A 33 5.23 9.40 0.69
N ASN A 34 5.79 8.95 -0.42
CA ASN A 34 5.62 9.62 -1.70
C ASN A 34 4.40 9.11 -2.46
N HIS A 35 4.18 7.80 -2.43
CA HIS A 35 3.07 7.21 -3.19
C HIS A 35 1.77 7.28 -2.40
N LEU A 36 1.87 7.13 -1.09
CA LEU A 36 0.69 7.09 -0.23
C LEU A 36 0.54 8.39 0.56
N SER A 37 1.06 9.49 0.01
CA SER A 37 1.02 10.80 0.66
C SER A 37 -0.38 11.14 1.21
N PRO A 38 -1.45 11.07 0.38
CA PRO A 38 -2.81 11.41 0.84
C PRO A 38 -3.36 10.46 1.90
N LEU A 39 -2.80 9.26 1.97
CA LEU A 39 -3.26 8.26 2.94
C LEU A 39 -2.51 8.41 4.25
N TYR A 40 -1.28 8.92 4.15
CA TYR A 40 -0.39 9.03 5.29
C TYR A 40 -1.01 9.86 6.41
N MET A 41 -1.83 10.83 6.04
CA MET A 41 -2.46 11.72 7.01
C MET A 41 -3.92 11.32 7.25
N LYS A 42 -4.29 10.14 6.81
CA LYS A 42 -5.64 9.63 7.04
C LYS A 42 -5.62 8.59 8.16
N SER A 43 -6.73 8.48 8.88
CA SER A 43 -6.88 7.40 9.85
C SER A 43 -7.19 6.12 9.11
N LEU A 44 -6.99 4.98 9.76
CA LEU A 44 -7.26 3.69 9.17
C LEU A 44 -8.72 3.59 8.74
N SER A 45 -9.59 4.30 9.44
CA SER A 45 -11.01 4.29 9.15
C SER A 45 -11.38 5.35 8.10
N GLU A 46 -10.43 6.20 7.74
CA GLU A 46 -10.68 7.27 6.78
C GLU A 46 -10.27 6.86 5.38
N ILE A 47 -9.64 5.71 5.27
CA ILE A 47 -9.13 5.25 3.98
C ILE A 47 -10.16 4.36 3.29
N LEU A 48 -10.56 4.75 2.09
CA LEU A 48 -11.55 4.00 1.33
C LEU A 48 -10.86 3.07 0.32
N PRO A 49 -11.43 1.87 0.09
CA PRO A 49 -10.91 0.92 -0.89
C PRO A 49 -10.80 1.54 -2.29
N ALA A 50 -11.84 2.25 -2.71
CA ALA A 50 -11.84 2.88 -4.04
C ALA A 50 -10.84 4.02 -4.10
N ASP A 51 -10.53 4.60 -2.95
CA ASP A 51 -9.58 5.70 -2.88
C ASP A 51 -8.19 5.20 -3.26
N ILE A 52 -7.82 4.05 -2.71
CA ILE A 52 -6.54 3.42 -3.04
C ILE A 52 -6.57 2.91 -4.48
N GLN A 53 -7.71 2.36 -4.87
CA GLN A 53 -7.89 1.84 -6.23
C GLN A 53 -7.66 2.97 -7.24
N SER A 54 -8.20 4.14 -6.95
CA SER A 54 -8.01 5.31 -7.79
C SER A 54 -6.53 5.60 -7.97
N ILE A 55 -5.79 5.64 -6.86
CA ILE A 55 -4.34 5.88 -6.91
C ILE A 55 -3.64 4.83 -7.76
N ILE A 56 -4.00 3.57 -7.57
CA ILE A 56 -3.40 2.48 -8.32
C ILE A 56 -3.68 2.61 -9.82
N ASN A 57 -4.91 2.99 -10.15
CA ASN A 57 -5.31 3.15 -11.55
C ASN A 57 -4.62 4.35 -12.19
N GLU A 58 -4.40 5.39 -11.40
CA GLU A 58 -3.74 6.60 -11.89
C GLU A 58 -2.23 6.41 -11.93
N THR A 59 -1.72 5.46 -11.16
CA THR A 59 -0.32 5.11 -11.24
C THR A 59 -0.09 4.22 -12.46
N LYS A 60 0.60 4.75 -13.44
CA LYS A 60 0.75 4.06 -14.71
C LYS A 60 2.18 3.61 -14.91
N LEU A 61 2.51 2.51 -14.23
CA LEU A 61 3.82 1.89 -14.32
C LEU A 61 3.64 0.40 -14.54
N ALA A 62 4.74 -0.34 -14.51
CA ALA A 62 4.68 -1.79 -14.66
C ALA A 62 3.84 -2.41 -13.55
N LYS A 63 3.17 -3.52 -13.84
CA LYS A 63 2.28 -4.17 -12.90
C LYS A 63 3.04 -4.62 -11.65
N ASN A 64 4.31 -4.92 -11.81
CA ASN A 64 5.17 -5.30 -10.69
C ASN A 64 5.23 -4.17 -9.68
N THR A 65 5.27 -2.93 -10.19
CA THR A 65 5.31 -1.75 -9.34
C THR A 65 3.96 -1.54 -8.65
N LEU A 66 2.89 -1.77 -9.39
CA LEU A 66 1.54 -1.65 -8.84
C LEU A 66 1.35 -2.64 -7.69
N LYS A 67 1.86 -3.84 -7.87
CA LYS A 67 1.78 -4.87 -6.83
C LYS A 67 2.60 -4.48 -5.61
N ALA A 68 3.70 -3.76 -5.83
CA ALA A 68 4.54 -3.32 -4.72
C ALA A 68 3.76 -2.40 -3.79
N ILE A 69 3.01 -1.48 -4.37
CA ILE A 69 2.17 -0.57 -3.59
C ILE A 69 1.05 -1.36 -2.91
N ARG A 70 0.45 -2.27 -3.68
CA ARG A 70 -0.61 -3.13 -3.19
C ARG A 70 -0.16 -3.93 -1.97
N ASN A 71 0.98 -4.59 -2.10
CA ASN A 71 1.54 -5.40 -1.00
C ASN A 71 1.78 -4.55 0.24
N THR A 72 2.53 -3.46 0.06
CA THR A 72 2.88 -2.56 1.16
C THR A 72 1.62 -2.11 1.91
N ALA A 73 0.64 -1.62 1.17
CA ALA A 73 -0.59 -1.12 1.77
C ALA A 73 -1.33 -2.22 2.53
N SER A 74 -1.50 -3.37 1.90
CA SER A 74 -2.23 -4.47 2.50
C SER A 74 -1.53 -4.97 3.78
N GLN A 75 -0.19 -4.95 3.77
CA GLN A 75 0.59 -5.42 4.91
C GLN A 75 0.39 -4.51 6.11
N ILE A 76 0.26 -3.21 5.87
CA ILE A 76 0.06 -2.24 6.94
C ILE A 76 -1.29 -2.45 7.61
N PHE A 77 -2.33 -2.63 6.81
CA PHE A 77 -3.67 -2.82 7.33
C PHE A 77 -3.80 -4.16 8.08
N ARG A 78 -3.29 -5.23 7.49
CA ARG A 78 -3.38 -6.55 8.12
C ARG A 78 -2.58 -6.58 9.42
N LEU A 79 -1.49 -5.84 9.46
CA LEU A 79 -0.68 -5.72 10.68
C LEU A 79 -1.50 -5.06 11.79
N ALA A 80 -2.25 -4.04 11.41
CA ALA A 80 -3.13 -3.36 12.35
C ALA A 80 -4.23 -4.31 12.82
N ILE A 81 -4.72 -5.14 11.91
CA ILE A 81 -5.74 -6.14 12.25
C ILE A 81 -5.18 -7.15 13.24
N GLU A 82 -3.94 -7.59 13.02
CA GLU A 82 -3.29 -8.55 13.90
C GLU A 82 -2.96 -7.94 15.26
N ASN A 83 -3.14 -6.63 15.38
CA ASN A 83 -2.91 -5.94 16.65
C ASN A 83 -4.21 -5.37 17.21
N ARG A 84 -5.34 -5.82 16.67
CA ARG A 84 -6.67 -5.41 17.15
C ARG A 84 -6.91 -3.91 17.00
N ALA A 85 -6.22 -3.29 16.04
CA ALA A 85 -6.35 -1.86 15.83
C ALA A 85 -7.46 -1.56 14.82
N ILE A 86 -7.76 -2.55 13.99
CA ILE A 86 -8.81 -2.42 13.01
C ILE A 86 -9.25 -3.82 12.56
N ASP A 87 -10.46 -3.93 12.04
CA ASP A 87 -10.97 -5.22 11.59
C ASP A 87 -11.47 -5.12 10.14
N PHE A 88 -10.88 -4.21 9.40
CA PHE A 88 -11.23 -4.00 8.01
C PHE A 88 -9.98 -3.71 7.20
N ASN A 89 -9.84 -4.39 6.07
CA ASN A 89 -8.67 -4.20 5.21
C ASN A 89 -9.09 -3.58 3.87
N PRO A 90 -9.05 -2.25 3.78
CA PRO A 90 -9.44 -1.53 2.55
C PRO A 90 -8.53 -1.84 1.38
N ALA A 91 -7.28 -2.19 1.68
CA ALA A 91 -6.29 -2.45 0.65
C ALA A 91 -6.54 -3.78 -0.03
N ASP A 92 -7.27 -4.66 0.65
CA ASP A 92 -7.58 -5.98 0.09
C ASP A 92 -8.67 -5.85 -0.96
N TYR A 93 -9.37 -4.73 -0.94
CA TYR A 93 -10.43 -4.46 -1.89
C TYR A 93 -9.92 -3.67 -3.09
N VAL A 94 -8.61 -3.42 -3.09
CA VAL A 94 -7.99 -2.66 -4.17
C VAL A 94 -7.68 -3.57 -5.36
N ARG A 95 -8.33 -3.29 -6.47
CA ARG A 95 -8.13 -4.06 -7.69
C ARG A 95 -6.83 -3.65 -8.37
N ILE A 96 -6.04 -4.63 -8.77
CA ILE A 96 -4.83 -4.39 -9.53
C ILE A 96 -5.12 -4.57 -11.02
N PRO A 97 -4.90 -3.53 -11.82
CA PRO A 97 -5.19 -3.57 -13.27
C PRO A 97 -4.38 -4.64 -13.98
N LYS A 98 -5.07 -5.41 -14.81
CA LYS A 98 -4.42 -6.42 -15.63
C LYS A 98 -4.07 -5.82 -16.98
N ILE A 99 -4.04 -4.49 -17.01
CA ILE A 99 -3.85 -3.74 -18.23
C ILE A 99 -2.39 -3.69 -18.61
N ALA A 100 -2.04 -4.43 -19.64
CA ALA A 100 -0.70 -4.38 -20.18
C ALA A 100 -0.67 -3.45 -21.37
N LEU A 101 0.45 -2.77 -21.54
CA LEU A 101 0.60 -1.80 -22.63
C LEU A 101 1.03 -2.51 -23.91
N GLU A 102 0.93 -3.83 -23.91
CA GLU A 102 1.27 -4.65 -25.07
C GLU A 102 2.76 -4.53 -25.37
N HIS A 103 3.20 -5.17 -26.46
CA HIS A 103 4.60 -5.10 -26.85
C HIS A 103 4.87 -3.79 -27.59
N HIS A 104 4.54 -2.69 -26.94
CA HIS A 104 4.75 -1.36 -27.52
C HIS A 104 6.20 -0.94 -27.28
N HIS A 105 6.63 -1.01 -26.04
CA HIS A 105 8.03 -0.76 -25.70
C HIS A 105 8.55 -1.91 -24.86
N HIS A 106 9.67 -2.48 -25.28
CA HIS A 106 10.19 -3.68 -24.65
C HIS A 106 11.06 -3.36 -23.43
N HIS A 107 10.47 -3.46 -22.25
CA HIS A 107 11.22 -3.36 -21.02
C HIS A 107 11.96 -4.66 -20.77
N HIS A 108 13.27 -4.64 -20.89
CA HIS A 108 14.07 -5.83 -20.72
C HIS A 108 14.88 -5.74 -19.44
N ARG A 1 -2.21 9.03 15.93
CA ARG A 1 -2.60 8.14 17.03
C ARG A 1 -3.06 6.78 16.49
N ASP A 2 -3.94 6.82 15.48
CA ASP A 2 -4.38 5.61 14.80
C ASP A 2 -4.36 5.84 13.31
N SER A 3 -3.51 6.76 12.88
CA SER A 3 -3.46 7.13 11.47
C SER A 3 -2.67 6.11 10.69
N PHE A 4 -2.83 6.14 9.37
CA PHE A 4 -2.06 5.28 8.50
C PHE A 4 -0.58 5.58 8.66
N GLY A 5 -0.27 6.84 8.95
CA GLY A 5 1.10 7.26 9.20
C GLY A 5 1.71 6.55 10.38
N ASP A 6 0.89 6.23 11.38
CA ASP A 6 1.34 5.49 12.54
C ASP A 6 1.69 4.07 12.16
N TRP A 7 0.72 3.38 11.56
CA TRP A 7 0.89 1.98 11.19
C TRP A 7 1.91 1.80 10.08
N ALA A 8 2.00 2.78 9.19
CA ALA A 8 3.00 2.73 8.13
C ALA A 8 4.40 2.79 8.72
N GLU A 9 4.61 3.72 9.64
CA GLU A 9 5.89 3.85 10.32
C GLU A 9 6.16 2.59 11.13
N LYS A 10 5.12 2.07 11.76
CA LYS A 10 5.19 0.79 12.48
C LYS A 10 5.67 -0.32 11.55
N PHE A 11 5.04 -0.41 10.38
CA PHE A 11 5.38 -1.43 9.39
C PHE A 11 6.81 -1.26 8.86
N LEU A 12 7.16 -0.03 8.50
CA LEU A 12 8.49 0.28 7.99
C LEU A 12 9.54 -0.05 9.03
N LYS A 13 9.28 0.32 10.27
CA LYS A 13 10.20 0.06 11.36
C LYS A 13 10.27 -1.45 11.63
N SER A 14 9.20 -2.16 11.29
CA SER A 14 9.19 -3.60 11.39
C SER A 14 10.12 -4.21 10.35
N LYS A 15 10.16 -3.60 9.16
CA LYS A 15 11.05 -4.04 8.09
C LYS A 15 12.51 -3.73 8.44
N GLU A 16 12.73 -2.62 9.15
CA GLU A 16 14.05 -2.28 9.66
C GLU A 16 14.60 -3.44 10.50
N ALA A 17 13.78 -3.93 11.42
CA ALA A 17 14.16 -5.03 12.28
C ALA A 17 14.02 -6.38 11.56
N ASP A 18 13.28 -6.38 10.46
CA ASP A 18 13.04 -7.60 9.68
C ASP A 18 14.32 -8.03 8.98
N GLY A 19 15.12 -7.06 8.57
CA GLY A 19 16.42 -7.37 8.01
C GLY A 19 16.49 -7.14 6.51
N VAL A 20 15.83 -6.09 6.03
CA VAL A 20 15.93 -5.73 4.62
C VAL A 20 17.09 -4.79 4.39
N SER A 21 17.61 -4.77 3.17
CA SER A 21 18.69 -3.87 2.82
C SER A 21 18.20 -2.41 2.87
N VAL A 22 19.13 -1.48 3.01
CA VAL A 22 18.79 -0.06 3.09
C VAL A 22 17.97 0.37 1.88
N SER A 23 18.31 -0.19 0.72
CA SER A 23 17.58 0.08 -0.50
C SER A 23 16.11 -0.26 -0.36
N GLN A 24 15.82 -1.39 0.29
CA GLN A 24 14.44 -1.82 0.48
C GLN A 24 13.71 -0.84 1.38
N LEU A 25 14.24 -0.62 2.57
CA LEU A 25 13.62 0.25 3.56
C LEU A 25 13.43 1.66 2.99
N ASN A 26 14.42 2.11 2.24
CA ASN A 26 14.36 3.41 1.58
C ASN A 26 13.18 3.45 0.60
N SER A 27 13.07 2.41 -0.21
CA SER A 27 11.98 2.31 -1.19
C SER A 27 10.63 2.19 -0.48
N TYR A 28 10.57 1.39 0.58
CA TYR A 28 9.34 1.23 1.35
C TYR A 28 8.85 2.57 1.88
N LYS A 29 9.75 3.33 2.47
CA LYS A 29 9.40 4.64 3.02
C LYS A 29 9.18 5.65 1.89
N ASN A 30 9.91 5.48 0.79
CA ASN A 30 9.77 6.37 -0.37
C ASN A 30 8.40 6.19 -1.01
N TYR A 31 8.00 4.95 -1.20
CA TYR A 31 6.70 4.63 -1.76
C TYR A 31 5.59 5.14 -0.85
N CYS A 32 5.82 5.03 0.45
CA CYS A 32 4.86 5.52 1.44
C CYS A 32 4.78 7.04 1.40
N ARG A 33 5.92 7.69 1.17
CA ARG A 33 5.98 9.15 1.11
C ARG A 33 5.32 9.66 -0.16
N ASN A 34 5.62 9.02 -1.28
CA ASN A 34 5.13 9.47 -2.58
C ASN A 34 3.70 9.02 -2.84
N HIS A 35 3.48 7.71 -2.89
CA HIS A 35 2.20 7.17 -3.33
C HIS A 35 1.19 7.11 -2.20
N LEU A 36 1.64 6.71 -1.02
CA LEU A 36 0.74 6.49 0.11
C LEU A 36 0.58 7.75 0.94
N SER A 37 0.95 8.89 0.38
CA SER A 37 0.91 10.16 1.09
C SER A 37 -0.52 10.56 1.53
N PRO A 38 -1.56 10.44 0.66
CA PRO A 38 -2.93 10.78 1.05
C PRO A 38 -3.44 9.87 2.16
N LEU A 39 -3.01 8.63 2.12
CA LEU A 39 -3.41 7.64 3.12
C LEU A 39 -2.70 7.93 4.43
N TYR A 40 -1.43 8.28 4.32
CA TYR A 40 -0.57 8.55 5.47
C TYR A 40 -1.21 9.55 6.42
N MET A 41 -1.85 10.58 5.86
CA MET A 41 -2.45 11.63 6.67
C MET A 41 -3.92 11.33 7.00
N LYS A 42 -4.35 10.10 6.74
CA LYS A 42 -5.70 9.68 7.08
C LYS A 42 -5.70 8.76 8.29
N SER A 43 -6.79 8.79 9.04
CA SER A 43 -6.99 7.84 10.13
C SER A 43 -7.33 6.48 9.53
N LEU A 44 -6.96 5.42 10.24
CA LEU A 44 -7.14 4.06 9.74
C LEU A 44 -8.60 3.76 9.38
N SER A 45 -9.53 4.41 10.06
CA SER A 45 -10.95 4.15 9.88
C SER A 45 -11.53 4.91 8.68
N GLU A 46 -10.89 6.00 8.28
CA GLU A 46 -11.43 6.85 7.23
C GLU A 46 -10.81 6.54 5.87
N ILE A 47 -9.99 5.49 5.83
CA ILE A 47 -9.36 5.08 4.59
C ILE A 47 -10.30 4.20 3.79
N LEU A 48 -10.60 4.63 2.57
CA LEU A 48 -11.48 3.89 1.70
C LEU A 48 -10.68 3.16 0.64
N PRO A 49 -11.19 2.01 0.16
CA PRO A 49 -10.57 1.28 -0.95
C PRO A 49 -10.48 2.15 -2.20
N ALA A 50 -11.43 3.08 -2.30
CA ALA A 50 -11.48 4.01 -3.43
C ALA A 50 -10.23 4.88 -3.47
N ASP A 51 -9.76 5.33 -2.30
CA ASP A 51 -8.56 6.14 -2.20
C ASP A 51 -7.39 5.46 -2.90
N ILE A 52 -7.09 4.26 -2.45
CA ILE A 52 -5.94 3.51 -2.91
C ILE A 52 -6.11 3.11 -4.38
N GLN A 53 -7.32 2.71 -4.76
CA GLN A 53 -7.58 2.27 -6.12
C GLN A 53 -7.40 3.43 -7.10
N SER A 54 -7.85 4.63 -6.69
CA SER A 54 -7.69 5.82 -7.52
C SER A 54 -6.21 6.10 -7.78
N ILE A 55 -5.39 5.87 -6.76
CA ILE A 55 -3.94 6.02 -6.90
C ILE A 55 -3.41 5.09 -7.99
N ILE A 56 -3.84 3.84 -7.94
CA ILE A 56 -3.42 2.83 -8.91
C ILE A 56 -3.82 3.23 -10.33
N ASN A 57 -4.99 3.85 -10.47
CA ASN A 57 -5.46 4.30 -11.77
C ASN A 57 -4.51 5.32 -12.39
N GLU A 58 -4.05 6.27 -11.57
CA GLU A 58 -3.19 7.34 -12.05
C GLU A 58 -1.73 6.88 -12.15
N THR A 59 -1.42 5.79 -11.47
CA THR A 59 -0.06 5.27 -11.47
C THR A 59 0.13 4.26 -12.60
N LYS A 60 0.94 4.63 -13.58
CA LYS A 60 1.17 3.76 -14.74
C LYS A 60 2.57 3.15 -14.68
N LEU A 61 2.66 2.02 -13.99
CA LEU A 61 3.91 1.27 -13.88
C LEU A 61 3.65 -0.20 -14.14
N ALA A 62 4.67 -1.04 -13.97
CA ALA A 62 4.53 -2.47 -14.19
C ALA A 62 3.58 -3.09 -13.17
N LYS A 63 2.95 -4.19 -13.55
CA LYS A 63 1.99 -4.88 -12.69
C LYS A 63 2.61 -5.25 -11.36
N ASN A 64 3.84 -5.74 -11.42
CA ASN A 64 4.57 -6.18 -10.23
C ASN A 64 4.77 -5.02 -9.27
N THR A 65 5.04 -3.84 -9.82
CA THR A 65 5.22 -2.65 -9.01
C THR A 65 3.90 -2.21 -8.38
N LEU A 66 2.83 -2.29 -9.15
CA LEU A 66 1.50 -1.93 -8.67
C LEU A 66 1.08 -2.84 -7.52
N LYS A 67 1.33 -4.13 -7.67
CA LYS A 67 0.98 -5.10 -6.64
C LYS A 67 1.88 -4.92 -5.42
N ALA A 68 3.11 -4.47 -5.64
CA ALA A 68 4.04 -4.19 -4.55
C ALA A 68 3.52 -3.05 -3.69
N ILE A 69 3.05 -1.99 -4.34
CA ILE A 69 2.48 -0.84 -3.63
C ILE A 69 1.29 -1.28 -2.79
N ARG A 70 0.37 -2.01 -3.42
CA ARG A 70 -0.82 -2.50 -2.75
C ARG A 70 -0.45 -3.45 -1.61
N ASN A 71 0.53 -4.31 -1.85
CA ASN A 71 0.96 -5.28 -0.83
C ASN A 71 1.51 -4.56 0.39
N THR A 72 2.34 -3.54 0.14
CA THR A 72 2.91 -2.74 1.22
C THR A 72 1.82 -2.17 2.10
N ALA A 73 0.85 -1.50 1.48
CA ALA A 73 -0.27 -0.91 2.22
C ALA A 73 -1.12 -2.00 2.86
N SER A 74 -1.31 -3.10 2.13
CA SER A 74 -2.12 -4.21 2.60
C SER A 74 -1.53 -4.80 3.88
N GLN A 75 -0.22 -4.95 3.93
CA GLN A 75 0.45 -5.48 5.11
C GLN A 75 0.33 -4.51 6.28
N ILE A 76 0.29 -3.21 5.96
CA ILE A 76 0.09 -2.19 6.98
C ILE A 76 -1.29 -2.33 7.61
N PHE A 77 -2.31 -2.52 6.77
CA PHE A 77 -3.67 -2.76 7.26
C PHE A 77 -3.73 -4.09 8.01
N ARG A 78 -3.12 -5.12 7.43
CA ARG A 78 -3.03 -6.43 8.07
C ARG A 78 -2.42 -6.33 9.45
N LEU A 79 -1.38 -5.53 9.57
CA LEU A 79 -0.69 -5.33 10.83
C LEU A 79 -1.65 -4.79 11.89
N ALA A 80 -2.48 -3.84 11.50
CA ALA A 80 -3.50 -3.29 12.40
C ALA A 80 -4.56 -4.36 12.69
N ILE A 81 -4.80 -5.23 11.71
CA ILE A 81 -5.72 -6.34 11.89
C ILE A 81 -5.17 -7.34 12.91
N GLU A 82 -3.89 -7.67 12.77
CA GLU A 82 -3.23 -8.61 13.67
C GLU A 82 -3.10 -8.02 15.07
N ASN A 83 -3.17 -6.69 15.16
CA ASN A 83 -3.14 -6.00 16.45
C ASN A 83 -4.57 -5.71 16.93
N ARG A 84 -5.55 -6.15 16.13
CA ARG A 84 -6.96 -5.99 16.44
C ARG A 84 -7.37 -4.52 16.61
N ALA A 85 -6.78 -3.66 15.79
CA ALA A 85 -7.17 -2.27 15.74
C ALA A 85 -8.27 -2.08 14.69
N ILE A 86 -8.28 -2.99 13.74
CA ILE A 86 -9.28 -3.01 12.69
C ILE A 86 -9.36 -4.44 12.15
N ASP A 87 -10.48 -4.80 11.52
CA ASP A 87 -10.61 -6.14 10.96
C ASP A 87 -10.93 -6.08 9.48
N PHE A 88 -10.59 -4.96 8.86
CA PHE A 88 -10.81 -4.79 7.43
C PHE A 88 -9.49 -4.49 6.74
N ASN A 89 -9.39 -4.87 5.47
CA ASN A 89 -8.23 -4.52 4.68
C ASN A 89 -8.67 -3.79 3.42
N PRO A 90 -8.82 -2.45 3.49
CA PRO A 90 -9.19 -1.62 2.34
C PRO A 90 -8.30 -1.85 1.13
N ALA A 91 -7.02 -2.12 1.38
CA ALA A 91 -6.04 -2.30 0.32
C ALA A 91 -6.27 -3.61 -0.41
N ASP A 92 -6.87 -4.58 0.27
CA ASP A 92 -7.12 -5.88 -0.34
C ASP A 92 -8.29 -5.79 -1.31
N TYR A 93 -9.09 -4.74 -1.17
CA TYR A 93 -10.24 -4.54 -2.06
C TYR A 93 -9.80 -3.86 -3.36
N VAL A 94 -8.57 -3.35 -3.38
CA VAL A 94 -8.06 -2.62 -4.54
C VAL A 94 -7.96 -3.53 -5.76
N ARG A 95 -8.60 -3.12 -6.84
CA ARG A 95 -8.50 -3.82 -8.11
C ARG A 95 -7.14 -3.57 -8.74
N ILE A 96 -6.39 -4.63 -8.92
CA ILE A 96 -5.12 -4.56 -9.63
C ILE A 96 -5.36 -4.88 -11.10
N PRO A 97 -5.05 -3.93 -11.99
CA PRO A 97 -5.26 -4.13 -13.42
C PRO A 97 -4.33 -5.18 -14.00
N LYS A 98 -4.90 -6.11 -14.73
CA LYS A 98 -4.11 -7.08 -15.46
C LYS A 98 -3.66 -6.46 -16.77
N ILE A 99 -2.67 -5.58 -16.66
CA ILE A 99 -2.11 -4.87 -17.81
C ILE A 99 -1.72 -5.82 -18.92
N ALA A 100 -2.55 -5.89 -19.94
CA ALA A 100 -2.30 -6.72 -21.10
C ALA A 100 -2.19 -5.84 -22.33
N LEU A 101 -2.04 -4.55 -22.08
CA LEU A 101 -1.87 -3.57 -23.14
C LEU A 101 -0.49 -3.72 -23.76
N GLU A 102 -0.44 -4.45 -24.87
CA GLU A 102 0.81 -4.84 -25.51
C GLU A 102 1.72 -5.56 -24.51
N HIS A 103 1.43 -6.84 -24.29
CA HIS A 103 2.27 -7.67 -23.44
C HIS A 103 2.57 -8.98 -24.16
N HIS A 104 3.84 -9.32 -24.24
CA HIS A 104 4.26 -10.47 -25.02
C HIS A 104 4.40 -11.71 -24.16
N HIS A 105 4.85 -12.79 -24.77
CA HIS A 105 4.99 -14.07 -24.09
C HIS A 105 6.03 -13.98 -22.98
N HIS A 106 5.72 -14.60 -21.86
CA HIS A 106 6.62 -14.63 -20.71
C HIS A 106 7.83 -15.51 -21.01
N HIS A 107 7.57 -16.75 -21.42
CA HIS A 107 8.65 -17.69 -21.75
C HIS A 107 8.15 -18.78 -22.68
N HIS A 108 9.03 -19.22 -23.58
CA HIS A 108 8.73 -20.37 -24.42
C HIS A 108 9.81 -21.42 -24.26
N ARG A 1 -8.71 3.93 15.37
CA ARG A 1 -8.55 5.33 15.80
C ARG A 1 -7.12 5.81 15.53
N ASP A 2 -6.29 4.94 14.94
CA ASP A 2 -4.89 5.27 14.71
C ASP A 2 -4.70 5.85 13.32
N SER A 3 -3.61 6.59 13.14
CA SER A 3 -3.29 7.17 11.85
C SER A 3 -2.54 6.17 10.99
N PHE A 4 -2.81 6.20 9.68
CA PHE A 4 -2.13 5.34 8.74
C PHE A 4 -0.64 5.68 8.70
N GLY A 5 -0.33 6.95 8.98
CA GLY A 5 1.05 7.38 9.02
C GLY A 5 1.83 6.69 10.12
N ASP A 6 1.17 6.44 11.24
CA ASP A 6 1.79 5.77 12.37
C ASP A 6 2.05 4.32 12.04
N TRP A 7 1.08 3.67 11.42
CA TRP A 7 1.22 2.27 11.04
C TRP A 7 2.19 2.11 9.87
N ALA A 8 2.30 3.13 9.04
CA ALA A 8 3.30 3.14 7.97
C ALA A 8 4.70 3.18 8.59
N GLU A 9 4.86 4.05 9.59
CA GLU A 9 6.10 4.15 10.33
C GLU A 9 6.40 2.81 11.02
N LYS A 10 5.38 2.22 11.64
CA LYS A 10 5.52 0.94 12.30
C LYS A 10 5.85 -0.17 11.30
N PHE A 11 5.32 -0.09 10.09
CA PHE A 11 5.60 -1.08 9.06
C PHE A 11 7.05 -1.01 8.64
N LEU A 12 7.55 0.20 8.45
CA LEU A 12 8.94 0.40 8.08
C LEU A 12 9.87 -0.13 9.18
N LYS A 13 9.54 0.18 10.42
CA LYS A 13 10.33 -0.24 11.55
C LYS A 13 10.22 -1.73 11.84
N SER A 14 9.03 -2.30 11.65
CA SER A 14 8.84 -3.73 11.85
C SER A 14 9.64 -4.52 10.82
N LYS A 15 9.75 -3.98 9.61
CA LYS A 15 10.57 -4.59 8.57
C LYS A 15 12.04 -4.35 8.83
N GLU A 16 12.35 -3.20 9.42
CA GLU A 16 13.71 -2.89 9.83
C GLU A 16 14.18 -3.87 10.89
N ALA A 17 13.27 -4.22 11.80
CA ALA A 17 13.55 -5.23 12.81
C ALA A 17 13.47 -6.63 12.20
N ASP A 18 12.66 -6.77 11.16
CA ASP A 18 12.53 -8.04 10.44
C ASP A 18 13.83 -8.41 9.75
N GLY A 19 14.41 -7.43 9.07
CA GLY A 19 15.68 -7.65 8.41
C GLY A 19 15.61 -7.37 6.92
N VAL A 20 15.23 -6.16 6.57
CA VAL A 20 15.17 -5.77 5.17
C VAL A 20 16.40 -4.94 4.79
N SER A 21 16.92 -5.18 3.59
CA SER A 21 18.07 -4.45 3.08
C SER A 21 17.81 -2.94 3.06
N VAL A 22 18.87 -2.15 3.10
CA VAL A 22 18.75 -0.70 3.18
C VAL A 22 17.94 -0.14 2.01
N SER A 23 18.22 -0.60 0.81
CA SER A 23 17.49 -0.16 -0.38
C SER A 23 16.04 -0.59 -0.30
N GLN A 24 15.82 -1.75 0.30
CA GLN A 24 14.48 -2.32 0.44
C GLN A 24 13.65 -1.47 1.39
N LEU A 25 14.27 -1.01 2.46
CA LEU A 25 13.61 -0.14 3.42
C LEU A 25 13.31 1.22 2.78
N ASN A 26 14.20 1.65 1.89
CA ASN A 26 14.03 2.93 1.22
C ASN A 26 12.98 2.84 0.12
N SER A 27 12.84 1.68 -0.50
CA SER A 27 11.79 1.48 -1.48
C SER A 27 10.42 1.46 -0.79
N TYR A 28 10.36 0.84 0.38
CA TYR A 28 9.16 0.92 1.22
C TYR A 28 8.89 2.37 1.59
N LYS A 29 9.97 3.08 1.94
CA LYS A 29 9.92 4.49 2.27
C LYS A 29 9.28 5.27 1.12
N ASN A 30 9.69 4.93 -0.10
CA ASN A 30 9.20 5.59 -1.31
C ASN A 30 7.71 5.36 -1.50
N TYR A 31 7.30 4.10 -1.57
CA TYR A 31 5.90 3.76 -1.82
C TYR A 31 4.96 4.45 -0.83
N CYS A 32 5.33 4.40 0.44
CA CYS A 32 4.48 4.93 1.50
C CYS A 32 4.36 6.45 1.45
N ARG A 33 5.46 7.16 1.21
CA ARG A 33 5.43 8.61 1.31
C ARG A 33 5.18 9.27 -0.05
N ASN A 34 5.51 8.59 -1.14
CA ASN A 34 5.34 9.17 -2.46
C ASN A 34 3.92 8.92 -2.98
N HIS A 35 3.56 7.66 -3.13
CA HIS A 35 2.25 7.31 -3.68
C HIS A 35 1.16 7.25 -2.62
N LEU A 36 1.49 6.70 -1.46
CA LEU A 36 0.52 6.53 -0.38
C LEU A 36 0.45 7.77 0.51
N SER A 37 0.92 8.90 -0.02
CA SER A 37 0.98 10.14 0.72
C SER A 37 -0.41 10.60 1.24
N PRO A 38 -1.49 10.57 0.41
CA PRO A 38 -2.83 10.95 0.87
C PRO A 38 -3.32 10.06 2.00
N LEU A 39 -2.95 8.78 1.96
CA LEU A 39 -3.37 7.83 2.97
C LEU A 39 -2.60 8.06 4.27
N TYR A 40 -1.35 8.49 4.14
CA TYR A 40 -0.49 8.79 5.28
C TYR A 40 -1.12 9.90 6.13
N MET A 41 -1.92 10.73 5.48
CA MET A 41 -2.57 11.86 6.15
C MET A 41 -3.99 11.51 6.59
N LYS A 42 -4.34 10.25 6.44
CA LYS A 42 -5.67 9.77 6.79
C LYS A 42 -5.62 8.89 8.04
N SER A 43 -6.78 8.62 8.62
CA SER A 43 -6.87 7.74 9.76
C SER A 43 -7.18 6.33 9.28
N LEU A 44 -6.70 5.34 10.01
CA LEU A 44 -6.72 3.95 9.58
C LEU A 44 -8.11 3.48 9.16
N SER A 45 -9.09 3.69 10.02
CA SER A 45 -10.43 3.15 9.78
C SER A 45 -11.27 4.02 8.85
N GLU A 46 -10.78 5.21 8.49
CA GLU A 46 -11.55 6.10 7.62
C GLU A 46 -10.96 6.13 6.21
N ILE A 47 -10.11 5.17 5.91
CA ILE A 47 -9.59 5.00 4.57
C ILE A 47 -10.52 4.09 3.77
N LEU A 48 -10.81 4.50 2.54
CA LEU A 48 -11.67 3.71 1.67
C LEU A 48 -10.84 3.01 0.60
N PRO A 49 -11.30 1.83 0.13
CA PRO A 49 -10.64 1.12 -0.97
C PRO A 49 -10.65 1.96 -2.24
N ALA A 50 -11.62 2.85 -2.34
CA ALA A 50 -11.74 3.74 -3.49
C ALA A 50 -10.56 4.70 -3.56
N ASP A 51 -10.11 5.18 -2.40
CA ASP A 51 -8.95 6.07 -2.35
C ASP A 51 -7.71 5.34 -2.87
N ILE A 52 -7.50 4.14 -2.36
CA ILE A 52 -6.35 3.34 -2.75
C ILE A 52 -6.41 2.99 -4.23
N GLN A 53 -7.59 2.61 -4.71
CA GLN A 53 -7.78 2.28 -6.12
C GLN A 53 -7.48 3.49 -7.00
N SER A 54 -7.87 4.67 -6.54
CA SER A 54 -7.58 5.90 -7.25
C SER A 54 -6.07 6.12 -7.35
N ILE A 55 -5.37 5.84 -6.26
CA ILE A 55 -3.90 5.94 -6.25
C ILE A 55 -3.30 4.96 -7.24
N ILE A 56 -3.81 3.73 -7.25
CA ILE A 56 -3.34 2.70 -8.16
C ILE A 56 -3.51 3.14 -9.61
N ASN A 57 -4.70 3.66 -9.93
CA ASN A 57 -4.99 4.07 -11.31
C ASN A 57 -4.28 5.39 -11.65
N GLU A 58 -3.94 6.17 -10.63
CA GLU A 58 -3.17 7.39 -10.83
C GLU A 58 -1.69 7.06 -10.99
N THR A 59 -1.30 5.89 -10.53
CA THR A 59 0.06 5.42 -10.71
C THR A 59 0.27 4.99 -12.16
N LYS A 60 1.11 5.73 -12.86
CA LYS A 60 1.32 5.52 -14.29
C LYS A 60 2.50 4.60 -14.54
N LEU A 61 2.78 3.74 -13.57
CA LEU A 61 3.87 2.78 -13.68
C LEU A 61 3.35 1.43 -14.17
N ALA A 62 4.22 0.44 -14.23
CA ALA A 62 3.89 -0.85 -14.81
C ALA A 62 3.28 -1.80 -13.78
N LYS A 63 2.83 -2.96 -14.27
CA LYS A 63 2.17 -3.99 -13.45
C LYS A 63 2.94 -4.31 -12.17
N ASN A 64 4.25 -4.54 -12.30
CA ASN A 64 5.06 -4.93 -11.15
C ASN A 64 5.09 -3.84 -10.08
N THR A 65 5.20 -2.59 -10.52
CA THR A 65 5.21 -1.47 -9.59
C THR A 65 3.86 -1.32 -8.88
N LEU A 66 2.78 -1.54 -9.63
CA LEU A 66 1.43 -1.45 -9.09
C LEU A 66 1.24 -2.46 -7.95
N LYS A 67 1.68 -3.69 -8.20
CA LYS A 67 1.56 -4.75 -7.22
C LYS A 67 2.48 -4.55 -6.04
N ALA A 68 3.61 -3.89 -6.29
CA ALA A 68 4.55 -3.55 -5.22
C ALA A 68 3.89 -2.60 -4.23
N ILE A 69 3.23 -1.58 -4.75
CA ILE A 69 2.49 -0.64 -3.91
C ILE A 69 1.33 -1.36 -3.22
N ARG A 70 0.66 -2.22 -3.99
CA ARG A 70 -0.46 -2.99 -3.47
C ARG A 70 -0.04 -3.82 -2.26
N ASN A 71 0.98 -4.65 -2.44
CA ASN A 71 1.45 -5.53 -1.37
C ASN A 71 1.88 -4.73 -0.15
N THR A 72 2.66 -3.67 -0.40
CA THR A 72 3.16 -2.82 0.69
C THR A 72 2.00 -2.25 1.52
N ALA A 73 1.05 -1.61 0.85
CA ALA A 73 -0.10 -1.02 1.53
C ALA A 73 -0.93 -2.10 2.23
N SER A 74 -0.99 -3.27 1.62
CA SER A 74 -1.74 -4.38 2.19
C SER A 74 -1.13 -4.81 3.52
N GLN A 75 0.20 -4.93 3.54
CA GLN A 75 0.91 -5.35 4.75
C GLN A 75 0.68 -4.37 5.89
N ILE A 76 0.67 -3.08 5.57
CA ILE A 76 0.45 -2.05 6.59
C ILE A 76 -0.89 -2.24 7.29
N PHE A 77 -1.95 -2.41 6.50
CA PHE A 77 -3.27 -2.66 7.06
C PHE A 77 -3.31 -3.97 7.82
N ARG A 78 -2.66 -5.00 7.26
CA ARG A 78 -2.60 -6.31 7.89
C ARG A 78 -1.94 -6.22 9.26
N LEU A 79 -0.85 -5.47 9.35
CA LEU A 79 -0.14 -5.27 10.60
C LEU A 79 -1.05 -4.62 11.65
N ALA A 80 -1.88 -3.69 11.20
CA ALA A 80 -2.83 -3.03 12.08
C ALA A 80 -3.89 -4.02 12.55
N ILE A 81 -4.34 -4.87 11.64
CA ILE A 81 -5.32 -5.90 11.97
C ILE A 81 -4.74 -6.88 13.00
N GLU A 82 -3.46 -7.21 12.84
CA GLU A 82 -2.76 -8.09 13.78
C GLU A 82 -2.88 -7.57 15.21
N ASN A 83 -2.67 -6.27 15.36
CA ASN A 83 -2.71 -5.64 16.68
C ASN A 83 -4.14 -5.25 17.05
N ARG A 84 -5.09 -5.68 16.20
CA ARG A 84 -6.52 -5.40 16.40
C ARG A 84 -6.82 -3.91 16.49
N ALA A 85 -5.98 -3.11 15.84
CA ALA A 85 -6.21 -1.67 15.75
C ALA A 85 -7.30 -1.40 14.72
N ILE A 86 -7.47 -2.36 13.82
CA ILE A 86 -8.54 -2.34 12.86
C ILE A 86 -8.92 -3.78 12.53
N ASP A 87 -10.19 -4.03 12.32
CA ASP A 87 -10.65 -5.38 12.01
C ASP A 87 -11.25 -5.39 10.62
N PHE A 88 -10.76 -4.49 9.79
CA PHE A 88 -11.26 -4.29 8.45
C PHE A 88 -10.09 -4.11 7.51
N ASN A 89 -10.14 -4.73 6.34
CA ASN A 89 -9.04 -4.66 5.40
C ASN A 89 -9.51 -4.06 4.08
N PRO A 90 -9.42 -2.72 3.94
CA PRO A 90 -9.81 -2.03 2.70
C PRO A 90 -8.90 -2.43 1.55
N ALA A 91 -7.71 -2.90 1.90
CA ALA A 91 -6.70 -3.28 0.94
C ALA A 91 -7.14 -4.49 0.12
N ASP A 92 -7.98 -5.33 0.71
CA ASP A 92 -8.42 -6.55 0.04
C ASP A 92 -9.37 -6.22 -1.10
N TYR A 93 -10.04 -5.08 -1.00
CA TYR A 93 -11.01 -4.65 -2.01
C TYR A 93 -10.32 -3.88 -3.13
N VAL A 94 -9.01 -3.73 -3.02
CA VAL A 94 -8.25 -3.03 -4.05
C VAL A 94 -7.81 -4.02 -5.12
N ARG A 95 -8.44 -3.93 -6.28
CA ARG A 95 -8.16 -4.83 -7.39
C ARG A 95 -7.04 -4.29 -8.27
N ILE A 96 -6.06 -5.14 -8.54
CA ILE A 96 -4.98 -4.79 -9.46
C ILE A 96 -5.29 -5.34 -10.85
N PRO A 97 -5.48 -4.44 -11.83
CA PRO A 97 -5.70 -4.83 -13.22
C PRO A 97 -4.40 -5.10 -13.97
N LYS A 98 -4.42 -6.10 -14.84
CA LYS A 98 -3.24 -6.45 -15.63
C LYS A 98 -3.20 -5.62 -16.90
N ILE A 99 -3.90 -4.48 -16.89
CA ILE A 99 -4.00 -3.59 -18.05
C ILE A 99 -4.97 -4.17 -19.11
N ALA A 100 -5.06 -5.49 -19.15
CA ALA A 100 -5.97 -6.17 -20.07
C ALA A 100 -7.42 -6.03 -19.63
N LEU A 101 -8.34 -6.38 -20.52
CA LEU A 101 -9.77 -6.24 -20.25
C LEU A 101 -10.29 -7.47 -19.48
N GLU A 102 -9.65 -7.76 -18.35
CA GLU A 102 -10.07 -8.87 -17.49
C GLU A 102 -11.54 -8.70 -17.11
N HIS A 103 -11.89 -7.48 -16.79
CA HIS A 103 -13.26 -7.14 -16.43
C HIS A 103 -13.71 -5.93 -17.22
N HIS A 104 -14.43 -6.20 -18.30
CA HIS A 104 -14.96 -5.14 -19.13
C HIS A 104 -16.38 -4.81 -18.70
N HIS A 105 -16.46 -4.04 -17.63
CA HIS A 105 -17.72 -3.66 -17.02
C HIS A 105 -17.48 -2.44 -16.13
N HIS A 106 -17.36 -1.28 -16.75
CA HIS A 106 -16.97 -0.08 -16.04
C HIS A 106 -18.18 0.69 -15.50
N HIS A 107 -18.79 0.14 -14.46
CA HIS A 107 -19.87 0.83 -13.76
C HIS A 107 -20.02 0.29 -12.34
N HIS A 108 -20.24 1.19 -11.40
CA HIS A 108 -20.48 0.81 -10.01
C HIS A 108 -21.16 1.97 -9.28
N ARG A 1 -4.54 4.07 19.41
CA ARG A 1 -4.81 5.50 19.12
C ARG A 1 -3.95 5.97 17.96
N ASP A 2 -3.44 5.02 17.19
CA ASP A 2 -2.45 5.32 16.17
C ASP A 2 -3.12 5.48 14.80
N SER A 3 -2.74 6.53 14.10
CA SER A 3 -3.25 6.78 12.75
C SER A 3 -2.46 5.95 11.74
N PHE A 4 -2.96 5.87 10.50
CA PHE A 4 -2.31 5.05 9.47
C PHE A 4 -0.89 5.52 9.24
N GLY A 5 -0.67 6.82 9.38
CA GLY A 5 0.66 7.38 9.26
C GLY A 5 1.64 6.75 10.24
N ASP A 6 1.18 6.54 11.47
CA ASP A 6 2.02 5.95 12.49
C ASP A 6 2.22 4.46 12.21
N TRP A 7 1.13 3.79 11.79
CA TRP A 7 1.20 2.39 11.42
C TRP A 7 2.17 2.17 10.27
N ALA A 8 2.19 3.10 9.33
CA ALA A 8 3.14 3.05 8.23
C ALA A 8 4.56 3.11 8.76
N GLU A 9 4.80 4.02 9.70
CA GLU A 9 6.11 4.12 10.33
C GLU A 9 6.45 2.83 11.07
N LYS A 10 5.45 2.25 11.75
CA LYS A 10 5.63 0.98 12.44
C LYS A 10 6.09 -0.10 11.49
N PHE A 11 5.47 -0.15 10.32
CA PHE A 11 5.80 -1.14 9.30
C PHE A 11 7.25 -0.99 8.86
N LEU A 12 7.64 0.23 8.48
CA LEU A 12 9.02 0.51 8.07
C LEU A 12 9.99 0.20 9.19
N LYS A 13 9.66 0.67 10.38
CA LYS A 13 10.49 0.46 11.57
C LYS A 13 10.72 -1.04 11.81
N SER A 14 9.64 -1.81 11.72
CA SER A 14 9.70 -3.25 11.92
C SER A 14 10.47 -3.92 10.80
N LYS A 15 10.20 -3.53 9.56
CA LYS A 15 10.83 -4.14 8.40
C LYS A 15 12.32 -3.80 8.34
N GLU A 16 12.68 -2.62 8.79
CA GLU A 16 14.08 -2.25 8.90
C GLU A 16 14.82 -3.24 9.79
N ALA A 17 14.27 -3.47 10.97
CA ALA A 17 14.85 -4.41 11.92
C ALA A 17 14.59 -5.85 11.51
N ASP A 18 13.75 -6.02 10.50
CA ASP A 18 13.36 -7.34 10.01
C ASP A 18 14.47 -7.95 9.15
N GLY A 19 15.46 -7.12 8.80
CA GLY A 19 16.63 -7.63 8.10
C GLY A 19 16.62 -7.31 6.62
N VAL A 20 16.07 -6.16 6.25
CA VAL A 20 16.08 -5.73 4.85
C VAL A 20 17.18 -4.70 4.62
N SER A 21 17.58 -4.55 3.37
CA SER A 21 18.60 -3.58 3.00
C SER A 21 18.01 -2.19 2.86
N VAL A 22 18.87 -1.20 2.63
CA VAL A 22 18.43 0.18 2.53
C VAL A 22 17.59 0.39 1.28
N SER A 23 18.02 -0.21 0.17
CA SER A 23 17.28 -0.11 -1.08
C SER A 23 15.87 -0.67 -0.91
N GLN A 24 15.77 -1.75 -0.15
CA GLN A 24 14.48 -2.36 0.14
C GLN A 24 13.64 -1.43 1.00
N LEU A 25 14.25 -0.90 2.06
CA LEU A 25 13.58 -0.02 2.99
C LEU A 25 13.11 1.26 2.28
N ASN A 26 13.96 1.82 1.45
CA ASN A 26 13.63 3.04 0.70
C ASN A 26 12.43 2.80 -0.21
N SER A 27 12.39 1.63 -0.83
CA SER A 27 11.30 1.28 -1.73
C SER A 27 9.96 1.33 -1.01
N TYR A 28 9.91 0.76 0.20
CA TYR A 28 8.70 0.79 1.00
C TYR A 28 8.32 2.23 1.36
N LYS A 29 9.32 3.06 1.62
CA LYS A 29 9.10 4.46 1.94
C LYS A 29 8.54 5.20 0.73
N ASN A 30 9.00 4.83 -0.46
CA ASN A 30 8.49 5.40 -1.70
C ASN A 30 6.99 5.10 -1.84
N TYR A 31 6.59 3.94 -1.35
CA TYR A 31 5.20 3.55 -1.41
C TYR A 31 4.36 4.37 -0.42
N CYS A 32 4.80 4.43 0.84
CA CYS A 32 4.02 5.09 1.87
C CYS A 32 4.11 6.62 1.79
N ARG A 33 5.30 7.15 1.52
CA ARG A 33 5.50 8.59 1.49
C ARG A 33 4.98 9.21 0.19
N ASN A 34 5.41 8.67 -0.94
CA ASN A 34 5.09 9.27 -2.23
C ASN A 34 3.68 8.94 -2.66
N HIS A 35 3.33 7.66 -2.61
CA HIS A 35 2.05 7.19 -3.11
C HIS A 35 0.94 7.29 -2.06
N LEU A 36 1.19 6.70 -0.90
CA LEU A 36 0.15 6.60 0.15
C LEU A 36 0.16 7.83 1.06
N SER A 37 0.60 8.95 0.53
CA SER A 37 0.67 10.20 1.28
C SER A 37 -0.69 10.62 1.88
N PRO A 38 -1.80 10.61 1.08
CA PRO A 38 -3.13 10.92 1.60
C PRO A 38 -3.55 9.97 2.73
N LEU A 39 -3.16 8.71 2.60
CA LEU A 39 -3.50 7.70 3.61
C LEU A 39 -2.75 7.96 4.90
N TYR A 40 -1.52 8.46 4.76
CA TYR A 40 -0.66 8.78 5.89
C TYR A 40 -1.35 9.78 6.83
N MET A 41 -2.21 10.62 6.27
CA MET A 41 -2.88 11.66 7.03
C MET A 41 -4.17 11.12 7.66
N LYS A 42 -4.65 10.01 7.15
CA LYS A 42 -5.93 9.46 7.58
C LYS A 42 -5.77 8.46 8.72
N SER A 43 -6.88 8.17 9.38
CA SER A 43 -6.94 7.08 10.33
C SER A 43 -7.44 5.82 9.63
N LEU A 44 -7.41 4.69 10.32
CA LEU A 44 -7.75 3.39 9.73
C LEU A 44 -9.18 3.38 9.18
N SER A 45 -10.11 3.92 9.95
CA SER A 45 -11.52 3.91 9.56
C SER A 45 -11.84 5.09 8.65
N GLU A 46 -10.82 5.88 8.33
CA GLU A 46 -10.98 7.05 7.50
C GLU A 46 -10.51 6.78 6.07
N ILE A 47 -9.79 5.69 5.90
CA ILE A 47 -9.24 5.32 4.60
C ILE A 47 -10.29 4.58 3.76
N LEU A 48 -10.32 4.89 2.48
CA LEU A 48 -11.24 4.23 1.56
C LEU A 48 -10.46 3.34 0.61
N PRO A 49 -11.07 2.26 0.11
CA PRO A 49 -10.44 1.41 -0.90
C PRO A 49 -10.16 2.19 -2.19
N ALA A 50 -10.95 3.23 -2.40
CA ALA A 50 -10.84 4.06 -3.58
C ALA A 50 -9.58 4.93 -3.54
N ASP A 51 -9.11 5.24 -2.33
CA ASP A 51 -7.87 6.01 -2.18
C ASP A 51 -6.73 5.27 -2.87
N ILE A 52 -6.51 4.03 -2.46
CA ILE A 52 -5.45 3.22 -3.01
C ILE A 52 -5.74 2.88 -4.47
N GLN A 53 -7.02 2.64 -4.77
CA GLN A 53 -7.45 2.32 -6.12
C GLN A 53 -7.08 3.42 -7.10
N SER A 54 -7.41 4.65 -6.76
CA SER A 54 -7.15 5.79 -7.64
C SER A 54 -5.65 6.00 -7.83
N ILE A 55 -4.87 5.73 -6.78
CA ILE A 55 -3.43 5.82 -6.87
C ILE A 55 -2.89 4.83 -7.91
N ILE A 56 -3.29 3.56 -7.77
CA ILE A 56 -2.86 2.51 -8.69
C ILE A 56 -3.30 2.82 -10.11
N ASN A 57 -4.53 3.29 -10.26
CA ASN A 57 -5.11 3.56 -11.57
C ASN A 57 -4.38 4.69 -12.29
N GLU A 58 -3.87 5.66 -11.54
CA GLU A 58 -3.20 6.80 -12.14
C GLU A 58 -1.68 6.71 -12.03
N THR A 59 -1.18 5.60 -11.51
CA THR A 59 0.25 5.37 -11.49
C THR A 59 0.65 4.47 -12.66
N LYS A 60 1.39 5.03 -13.61
CA LYS A 60 1.78 4.30 -14.80
C LYS A 60 3.17 3.69 -14.60
N LEU A 61 3.19 2.49 -14.06
CA LEU A 61 4.42 1.76 -13.80
C LEU A 61 4.25 0.30 -14.16
N ALA A 62 5.26 -0.50 -13.88
CA ALA A 62 5.21 -1.93 -14.15
C ALA A 62 4.14 -2.59 -13.29
N LYS A 63 3.51 -3.63 -13.83
CA LYS A 63 2.46 -4.36 -13.13
C LYS A 63 2.94 -4.87 -11.77
N ASN A 64 4.21 -5.23 -11.70
CA ASN A 64 4.81 -5.74 -10.48
C ASN A 64 4.82 -4.66 -9.40
N THR A 65 5.09 -3.43 -9.82
CA THR A 65 5.13 -2.29 -8.91
C THR A 65 3.74 -1.98 -8.36
N LEU A 66 2.73 -2.11 -9.20
CA LEU A 66 1.35 -1.88 -8.80
C LEU A 66 0.94 -2.84 -7.69
N LYS A 67 1.35 -4.10 -7.85
CA LYS A 67 1.10 -5.11 -6.84
C LYS A 67 1.81 -4.77 -5.54
N ALA A 68 3.06 -4.34 -5.67
CA ALA A 68 3.89 -4.01 -4.52
C ALA A 68 3.24 -2.91 -3.68
N ILE A 69 2.65 -1.92 -4.34
CA ILE A 69 1.98 -0.83 -3.64
C ILE A 69 0.80 -1.36 -2.82
N ARG A 70 -0.06 -2.15 -3.46
CA ARG A 70 -1.20 -2.76 -2.77
C ARG A 70 -0.73 -3.67 -1.65
N ASN A 71 0.26 -4.50 -1.93
CA ASN A 71 0.79 -5.45 -0.95
C ASN A 71 1.31 -4.74 0.28
N THR A 72 2.13 -3.71 0.07
CA THR A 72 2.66 -2.92 1.17
C THR A 72 1.54 -2.37 2.04
N ALA A 73 0.56 -1.75 1.40
CA ALA A 73 -0.59 -1.18 2.12
C ALA A 73 -1.36 -2.28 2.86
N SER A 74 -1.52 -3.42 2.20
CA SER A 74 -2.24 -4.54 2.78
C SER A 74 -1.59 -5.01 4.08
N GLN A 75 -0.26 -5.12 4.06
CA GLN A 75 0.46 -5.61 5.22
C GLN A 75 0.36 -4.62 6.38
N ILE A 76 0.33 -3.32 6.06
CA ILE A 76 0.17 -2.30 7.09
C ILE A 76 -1.20 -2.43 7.76
N PHE A 77 -2.24 -2.64 6.94
CA PHE A 77 -3.58 -2.86 7.46
C PHE A 77 -3.63 -4.15 8.28
N ARG A 78 -2.95 -5.19 7.82
CA ARG A 78 -2.90 -6.45 8.54
C ARG A 78 -2.22 -6.28 9.88
N LEU A 79 -1.20 -5.43 9.91
CA LEU A 79 -0.50 -5.12 11.16
C LEU A 79 -1.48 -4.53 12.17
N ALA A 80 -2.37 -3.66 11.69
CA ALA A 80 -3.40 -3.08 12.53
C ALA A 80 -4.40 -4.15 12.97
N ILE A 81 -4.68 -5.08 12.07
CA ILE A 81 -5.57 -6.21 12.37
C ILE A 81 -4.97 -7.07 13.47
N GLU A 82 -3.68 -7.37 13.35
CA GLU A 82 -2.96 -8.20 14.33
C GLU A 82 -2.93 -7.50 15.69
N ASN A 83 -2.99 -6.18 15.69
CA ASN A 83 -2.97 -5.41 16.93
C ASN A 83 -4.39 -5.06 17.36
N ARG A 84 -5.37 -5.69 16.71
CA ARG A 84 -6.79 -5.57 17.07
C ARG A 84 -7.30 -4.14 16.95
N ALA A 85 -6.66 -3.34 16.10
CA ALA A 85 -7.09 -1.96 15.88
C ALA A 85 -8.25 -1.93 14.91
N ILE A 86 -8.15 -2.74 13.86
CA ILE A 86 -9.19 -2.83 12.85
C ILE A 86 -9.25 -4.26 12.31
N ASP A 87 -10.40 -4.69 11.84
CA ASP A 87 -10.52 -5.99 11.21
C ASP A 87 -11.15 -5.82 9.82
N PHE A 88 -10.38 -5.24 8.92
CA PHE A 88 -10.86 -4.96 7.57
C PHE A 88 -9.68 -4.53 6.70
N ASN A 89 -9.60 -5.10 5.51
CA ASN A 89 -8.52 -4.75 4.59
C ASN A 89 -9.09 -4.09 3.32
N PRO A 90 -9.10 -2.75 3.28
CA PRO A 90 -9.61 -2.00 2.13
C PRO A 90 -8.73 -2.18 0.90
N ALA A 91 -7.49 -2.57 1.12
CA ALA A 91 -6.53 -2.75 0.04
C ALA A 91 -6.86 -4.00 -0.79
N ASP A 92 -7.70 -4.86 -0.23
CA ASP A 92 -8.08 -6.10 -0.94
C ASP A 92 -9.02 -5.78 -2.10
N TYR A 93 -9.63 -4.60 -2.05
CA TYR A 93 -10.58 -4.18 -3.07
C TYR A 93 -9.91 -3.39 -4.17
N VAL A 94 -8.58 -3.22 -4.06
CA VAL A 94 -7.83 -2.48 -5.06
C VAL A 94 -7.60 -3.33 -6.30
N ARG A 95 -8.25 -2.96 -7.39
CA ARG A 95 -8.11 -3.67 -8.64
C ARG A 95 -6.78 -3.32 -9.30
N ILE A 96 -6.10 -4.34 -9.80
CA ILE A 96 -4.82 -4.16 -10.44
C ILE A 96 -4.97 -4.31 -11.95
N PRO A 97 -4.94 -3.18 -12.68
CA PRO A 97 -5.13 -3.18 -14.13
C PRO A 97 -3.91 -3.74 -14.87
N LYS A 98 -4.16 -4.65 -15.80
CA LYS A 98 -3.09 -5.26 -16.57
C LYS A 98 -2.88 -4.48 -17.86
N ILE A 99 -3.97 -4.21 -18.57
CA ILE A 99 -3.96 -3.40 -19.79
C ILE A 99 -3.26 -4.14 -20.93
N ALA A 100 -4.05 -4.75 -21.80
CA ALA A 100 -3.53 -5.47 -22.96
C ALA A 100 -3.89 -4.73 -24.25
N LEU A 101 -4.06 -3.43 -24.10
CA LEU A 101 -4.47 -2.57 -25.20
C LEU A 101 -3.94 -1.15 -24.98
N GLU A 102 -2.66 -1.06 -24.62
CA GLU A 102 -2.04 0.22 -24.27
C GLU A 102 -2.24 1.28 -25.34
N HIS A 103 -3.00 2.31 -24.98
CA HIS A 103 -3.23 3.45 -25.86
C HIS A 103 -2.98 4.74 -25.08
N HIS A 104 -3.36 5.88 -25.65
CA HIS A 104 -3.12 7.19 -25.03
C HIS A 104 -1.62 7.49 -25.03
N HIS A 105 -1.18 8.23 -26.06
CA HIS A 105 0.24 8.56 -26.24
C HIS A 105 1.04 7.27 -26.44
N HIS A 106 0.39 6.26 -27.01
CA HIS A 106 1.03 4.97 -27.21
C HIS A 106 0.87 4.47 -28.64
N HIS A 107 1.98 4.32 -29.33
CA HIS A 107 1.99 3.62 -30.61
C HIS A 107 2.43 2.19 -30.36
N HIS A 108 1.50 1.25 -30.43
CA HIS A 108 1.78 -0.13 -30.09
C HIS A 108 2.28 -0.89 -31.30
N ARG A 1 -8.01 7.76 17.60
CA ARG A 1 -8.03 6.50 16.84
C ARG A 1 -6.69 6.29 16.15
N ASP A 2 -6.63 5.31 15.27
CA ASP A 2 -5.40 4.97 14.59
C ASP A 2 -5.28 5.69 13.26
N SER A 3 -4.05 6.03 12.90
CA SER A 3 -3.79 6.70 11.62
C SER A 3 -2.88 5.83 10.76
N PHE A 4 -3.06 5.93 9.44
CA PHE A 4 -2.30 5.10 8.52
C PHE A 4 -0.81 5.39 8.62
N GLY A 5 -0.47 6.68 8.74
CA GLY A 5 0.93 7.06 8.81
C GLY A 5 1.63 6.53 10.05
N ASP A 6 0.88 6.37 11.13
CA ASP A 6 1.42 5.87 12.38
C ASP A 6 1.75 4.39 12.27
N TRP A 7 0.85 3.62 11.69
CA TRP A 7 1.08 2.19 11.50
C TRP A 7 2.06 1.96 10.36
N ALA A 8 2.09 2.86 9.40
CA ALA A 8 3.08 2.81 8.32
C ALA A 8 4.48 2.99 8.89
N GLU A 9 4.59 3.86 9.89
CA GLU A 9 5.84 4.07 10.60
C GLU A 9 6.32 2.76 11.21
N LYS A 10 5.40 2.09 11.91
CA LYS A 10 5.71 0.80 12.51
C LYS A 10 6.06 -0.25 11.46
N PHE A 11 5.46 -0.12 10.27
CA PHE A 11 5.73 -1.04 9.16
C PHE A 11 7.17 -0.86 8.65
N LEU A 12 7.58 0.38 8.47
CA LEU A 12 8.94 0.68 8.03
C LEU A 12 9.96 0.14 9.02
N LYS A 13 9.67 0.33 10.30
CA LYS A 13 10.54 -0.15 11.37
C LYS A 13 10.46 -1.67 11.49
N SER A 14 9.34 -2.22 11.06
CA SER A 14 9.13 -3.67 11.05
C SER A 14 10.06 -4.34 10.05
N LYS A 15 10.05 -3.85 8.81
CA LYS A 15 10.91 -4.39 7.77
C LYS A 15 12.38 -4.09 8.06
N GLU A 16 12.60 -2.98 8.76
CA GLU A 16 13.92 -2.65 9.27
C GLU A 16 14.45 -3.79 10.13
N ALA A 17 13.61 -4.26 11.05
CA ALA A 17 13.96 -5.38 11.92
C ALA A 17 13.90 -6.71 11.16
N ASP A 18 13.13 -6.74 10.08
CA ASP A 18 13.02 -7.92 9.23
C ASP A 18 14.35 -8.26 8.59
N GLY A 19 15.15 -7.24 8.33
CA GLY A 19 16.47 -7.44 7.80
C GLY A 19 16.58 -7.11 6.33
N VAL A 20 15.64 -6.30 5.84
CA VAL A 20 15.66 -5.90 4.43
C VAL A 20 16.81 -4.94 4.18
N SER A 21 17.29 -4.91 2.94
CA SER A 21 18.38 -4.03 2.54
C SER A 21 17.93 -2.57 2.57
N VAL A 22 18.88 -1.65 2.63
CA VAL A 22 18.56 -0.23 2.64
C VAL A 22 17.83 0.17 1.36
N SER A 23 18.18 -0.47 0.25
CA SER A 23 17.53 -0.23 -1.03
C SER A 23 16.08 -0.71 -0.98
N GLN A 24 15.87 -1.87 -0.38
CA GLN A 24 14.54 -2.42 -0.20
C GLN A 24 13.73 -1.52 0.72
N LEU A 25 14.35 -1.09 1.81
CA LEU A 25 13.71 -0.20 2.76
C LEU A 25 13.35 1.13 2.09
N ASN A 26 14.29 1.68 1.33
CA ASN A 26 14.06 2.92 0.59
C ASN A 26 12.86 2.77 -0.34
N SER A 27 12.70 1.59 -0.91
CA SER A 27 11.57 1.31 -1.78
C SER A 27 10.25 1.49 -1.01
N TYR A 28 10.19 0.95 0.19
CA TYR A 28 8.99 1.07 1.03
C TYR A 28 8.76 2.53 1.43
N LYS A 29 9.83 3.23 1.72
CA LYS A 29 9.75 4.64 2.09
C LYS A 29 9.23 5.46 0.91
N ASN A 30 9.71 5.12 -0.30
CA ASN A 30 9.27 5.78 -1.52
C ASN A 30 7.80 5.47 -1.80
N TYR A 31 7.34 4.32 -1.35
CA TYR A 31 5.93 3.97 -1.47
C TYR A 31 5.13 4.80 -0.48
N CYS A 32 5.56 4.81 0.77
CA CYS A 32 4.84 5.50 1.84
C CYS A 32 4.86 7.03 1.66
N ARG A 33 6.05 7.60 1.53
CA ARG A 33 6.20 9.05 1.52
C ARG A 33 5.67 9.68 0.24
N ASN A 34 5.86 9.00 -0.89
CA ASN A 34 5.48 9.57 -2.17
C ASN A 34 4.08 9.15 -2.58
N HIS A 35 3.85 7.84 -2.63
CA HIS A 35 2.62 7.29 -3.20
C HIS A 35 1.50 7.25 -2.18
N LEU A 36 1.80 6.76 -1.00
CA LEU A 36 0.80 6.63 0.07
C LEU A 36 0.73 7.90 0.91
N SER A 37 1.23 9.00 0.35
CA SER A 37 1.28 10.28 1.05
C SER A 37 -0.13 10.79 1.45
N PRO A 38 -1.16 10.69 0.58
CA PRO A 38 -2.51 11.14 0.95
C PRO A 38 -3.10 10.29 2.07
N LEU A 39 -2.76 9.01 2.06
CA LEU A 39 -3.29 8.07 3.04
C LEU A 39 -2.57 8.20 4.37
N TYR A 40 -1.30 8.60 4.30
CA TYR A 40 -0.46 8.78 5.48
C TYR A 40 -1.14 9.69 6.50
N MET A 41 -1.79 10.74 6.01
CA MET A 41 -2.42 11.72 6.88
C MET A 41 -3.90 11.42 7.07
N LYS A 42 -4.33 10.22 6.70
CA LYS A 42 -5.72 9.82 6.88
C LYS A 42 -5.87 8.87 8.05
N SER A 43 -7.05 8.88 8.64
CA SER A 43 -7.38 7.98 9.73
C SER A 43 -7.52 6.56 9.19
N LEU A 44 -7.15 5.59 10.00
CA LEU A 44 -7.16 4.19 9.60
C LEU A 44 -8.56 3.74 9.22
N SER A 45 -9.57 4.32 9.88
CA SER A 45 -10.94 3.92 9.68
C SER A 45 -11.61 4.68 8.53
N GLU A 46 -11.03 5.79 8.12
CA GLU A 46 -11.67 6.65 7.10
C GLU A 46 -11.27 6.23 5.69
N ILE A 47 -10.17 5.48 5.59
CA ILE A 47 -9.65 5.08 4.29
C ILE A 47 -10.52 4.01 3.66
N LEU A 48 -11.20 4.39 2.58
CA LEU A 48 -12.02 3.46 1.84
C LEU A 48 -11.25 2.93 0.63
N PRO A 49 -11.48 1.65 0.27
CA PRO A 49 -10.73 0.97 -0.79
C PRO A 49 -10.76 1.70 -2.13
N ALA A 50 -11.86 2.37 -2.43
CA ALA A 50 -12.01 3.09 -3.69
C ALA A 50 -10.93 4.16 -3.85
N ASP A 51 -10.51 4.73 -2.73
CA ASP A 51 -9.53 5.81 -2.76
C ASP A 51 -8.14 5.27 -3.08
N ILE A 52 -7.79 4.18 -2.40
CA ILE A 52 -6.51 3.51 -2.63
C ILE A 52 -6.44 3.00 -4.07
N GLN A 53 -7.56 2.46 -4.55
CA GLN A 53 -7.64 1.95 -5.91
C GLN A 53 -7.48 3.10 -6.91
N SER A 54 -8.00 4.27 -6.55
CA SER A 54 -7.87 5.44 -7.40
C SER A 54 -6.40 5.86 -7.50
N ILE A 55 -5.66 5.74 -6.40
CA ILE A 55 -4.24 6.03 -6.41
C ILE A 55 -3.51 5.06 -7.34
N ILE A 56 -3.98 3.82 -7.35
CA ILE A 56 -3.47 2.80 -8.26
C ILE A 56 -3.71 3.22 -9.72
N ASN A 57 -4.89 3.77 -9.98
CA ASN A 57 -5.23 4.25 -11.33
C ASN A 57 -4.38 5.44 -11.72
N GLU A 58 -4.00 6.24 -10.73
CA GLU A 58 -3.22 7.43 -10.98
C GLU A 58 -1.74 7.10 -11.14
N THR A 59 -1.37 5.91 -10.68
CA THR A 59 0.00 5.45 -10.79
C THR A 59 0.20 4.74 -12.14
N LYS A 60 1.02 5.34 -12.99
CA LYS A 60 1.22 4.83 -14.35
C LYS A 60 2.39 3.84 -14.40
N LEU A 61 2.62 3.16 -13.29
CA LEU A 61 3.69 2.18 -13.22
C LEU A 61 3.16 0.80 -13.59
N ALA A 62 4.06 -0.11 -13.92
CA ALA A 62 3.69 -1.45 -14.36
C ALA A 62 2.99 -2.23 -13.25
N LYS A 63 2.31 -3.30 -13.64
CA LYS A 63 1.54 -4.13 -12.70
C LYS A 63 2.41 -4.62 -11.55
N ASN A 64 3.68 -4.92 -11.84
CA ASN A 64 4.61 -5.39 -10.81
C ASN A 64 4.70 -4.37 -9.67
N THR A 65 4.96 -3.13 -10.04
CA THR A 65 5.09 -2.06 -9.07
C THR A 65 3.75 -1.78 -8.38
N LEU A 66 2.67 -1.88 -9.14
CA LEU A 66 1.33 -1.67 -8.59
C LEU A 66 1.03 -2.68 -7.50
N LYS A 67 1.37 -3.94 -7.75
CA LYS A 67 1.17 -4.99 -6.77
C LYS A 67 2.01 -4.74 -5.53
N ALA A 68 3.26 -4.30 -5.74
CA ALA A 68 4.17 -4.02 -4.65
C ALA A 68 3.61 -2.92 -3.74
N ILE A 69 3.08 -1.87 -4.34
CA ILE A 69 2.48 -0.79 -3.59
C ILE A 69 1.28 -1.29 -2.79
N ARG A 70 0.43 -2.09 -3.45
CA ARG A 70 -0.76 -2.62 -2.81
C ARG A 70 -0.38 -3.58 -1.69
N ASN A 71 0.64 -4.39 -1.93
CA ASN A 71 1.15 -5.32 -0.91
C ASN A 71 1.62 -4.55 0.31
N THR A 72 2.48 -3.56 0.08
CA THR A 72 2.99 -2.72 1.15
C THR A 72 1.85 -2.16 2.00
N ALA A 73 0.85 -1.58 1.33
CA ALA A 73 -0.29 -1.01 2.01
C ALA A 73 -1.09 -2.07 2.77
N SER A 74 -1.33 -3.22 2.13
CA SER A 74 -2.12 -4.27 2.75
C SER A 74 -1.43 -4.86 3.97
N GLN A 75 -0.10 -4.85 3.97
CA GLN A 75 0.66 -5.36 5.12
C GLN A 75 0.57 -4.39 6.28
N ILE A 76 0.47 -3.10 5.97
CA ILE A 76 0.30 -2.07 7.00
C ILE A 76 -1.05 -2.25 7.69
N PHE A 77 -2.10 -2.43 6.90
CA PHE A 77 -3.43 -2.69 7.44
C PHE A 77 -3.44 -4.01 8.21
N ARG A 78 -2.76 -5.01 7.67
CA ARG A 78 -2.62 -6.30 8.35
C ARG A 78 -2.00 -6.14 9.72
N LEU A 79 -0.97 -5.31 9.81
CA LEU A 79 -0.29 -5.04 11.06
C LEU A 79 -1.26 -4.43 12.07
N ALA A 80 -2.18 -3.61 11.57
CA ALA A 80 -3.20 -3.03 12.41
C ALA A 80 -4.24 -4.08 12.80
N ILE A 81 -4.58 -4.96 11.86
CA ILE A 81 -5.55 -6.02 12.11
C ILE A 81 -5.04 -7.01 13.17
N GLU A 82 -3.79 -7.44 13.02
CA GLU A 82 -3.21 -8.44 13.92
C GLU A 82 -3.04 -7.89 15.32
N ASN A 83 -2.93 -6.56 15.43
CA ASN A 83 -2.80 -5.91 16.73
C ASN A 83 -4.15 -5.36 17.19
N ARG A 84 -5.20 -5.73 16.44
CA ARG A 84 -6.58 -5.39 16.79
C ARG A 84 -6.80 -3.88 16.87
N ALA A 85 -6.40 -3.18 15.83
CA ALA A 85 -6.73 -1.77 15.67
C ALA A 85 -7.87 -1.62 14.66
N ILE A 86 -7.84 -2.48 13.65
CA ILE A 86 -8.89 -2.52 12.65
C ILE A 86 -9.11 -3.98 12.24
N ASP A 87 -10.28 -4.29 11.68
CA ASP A 87 -10.60 -5.66 11.29
C ASP A 87 -10.92 -5.74 9.81
N PHE A 88 -10.54 -4.71 9.08
CA PHE A 88 -10.84 -4.61 7.65
C PHE A 88 -9.60 -4.15 6.90
N ASN A 89 -9.35 -4.77 5.75
CA ASN A 89 -8.18 -4.43 4.95
C ASN A 89 -8.61 -3.84 3.61
N PRO A 90 -8.78 -2.51 3.54
CA PRO A 90 -9.21 -1.82 2.30
C PRO A 90 -8.21 -2.02 1.18
N ALA A 91 -6.93 -2.12 1.54
CA ALA A 91 -5.87 -2.25 0.57
C ALA A 91 -5.96 -3.59 -0.15
N ASP A 92 -6.47 -4.61 0.53
CA ASP A 92 -6.59 -5.93 -0.07
C ASP A 92 -7.77 -5.96 -1.01
N TYR A 93 -8.71 -5.05 -0.79
CA TYR A 93 -9.89 -4.95 -1.63
C TYR A 93 -9.59 -4.08 -2.85
N VAL A 94 -8.36 -3.58 -2.91
CA VAL A 94 -7.90 -2.86 -4.10
C VAL A 94 -7.70 -3.84 -5.24
N ARG A 95 -8.44 -3.65 -6.31
CA ARG A 95 -8.39 -4.55 -7.44
C ARG A 95 -7.25 -4.17 -8.37
N ILE A 96 -6.25 -5.04 -8.42
CA ILE A 96 -5.07 -4.80 -9.23
C ILE A 96 -5.29 -5.38 -10.63
N PRO A 97 -5.21 -4.53 -11.66
CA PRO A 97 -5.34 -4.97 -13.03
C PRO A 97 -4.09 -5.72 -13.50
N LYS A 98 -4.29 -6.88 -14.08
CA LYS A 98 -3.19 -7.67 -14.60
C LYS A 98 -3.01 -7.37 -16.08
N ILE A 99 -3.84 -6.46 -16.58
CA ILE A 99 -3.82 -6.05 -17.96
C ILE A 99 -2.72 -5.00 -18.18
N ALA A 100 -1.52 -5.49 -18.44
CA ALA A 100 -0.39 -4.61 -18.73
C ALA A 100 0.20 -4.98 -20.07
N LEU A 101 -0.65 -5.57 -20.90
CA LEU A 101 -0.26 -6.08 -22.21
C LEU A 101 0.40 -5.01 -23.05
N GLU A 102 1.66 -5.23 -23.40
CA GLU A 102 2.38 -4.34 -24.30
C GLU A 102 1.80 -4.46 -25.71
N HIS A 103 1.72 -5.69 -26.19
CA HIS A 103 1.17 -5.96 -27.50
C HIS A 103 -0.27 -6.44 -27.38
N HIS A 104 -1.13 -5.88 -28.21
CA HIS A 104 -2.53 -6.26 -28.22
C HIS A 104 -2.68 -7.65 -28.84
N HIS A 105 -2.90 -8.64 -27.98
CA HIS A 105 -3.14 -10.01 -28.42
C HIS A 105 -4.47 -10.07 -29.17
N HIS A 106 -4.40 -10.35 -30.47
CA HIS A 106 -5.56 -10.28 -31.37
C HIS A 106 -6.83 -10.85 -30.73
N HIS A 107 -6.84 -12.14 -30.47
CA HIS A 107 -7.94 -12.75 -29.74
C HIS A 107 -7.43 -13.29 -28.42
N HIS A 108 -7.72 -12.58 -27.34
CA HIS A 108 -7.30 -13.01 -26.01
C HIS A 108 -8.41 -13.82 -25.35
N ARG A 1 -7.61 8.80 15.99
CA ARG A 1 -6.31 8.20 16.34
C ARG A 1 -5.89 7.20 15.27
N ASP A 2 -4.78 6.51 15.51
CA ASP A 2 -4.24 5.50 14.59
C ASP A 2 -4.15 6.04 13.17
N SER A 3 -3.12 6.85 12.93
CA SER A 3 -2.90 7.42 11.59
C SER A 3 -2.20 6.39 10.71
N PHE A 4 -2.40 6.49 9.40
CA PHE A 4 -1.76 5.58 8.47
C PHE A 4 -0.25 5.76 8.53
N GLY A 5 0.19 7.01 8.58
CA GLY A 5 1.61 7.30 8.71
C GLY A 5 2.17 6.78 10.02
N ASP A 6 1.32 6.71 11.04
CA ASP A 6 1.71 6.18 12.34
C ASP A 6 1.97 4.69 12.23
N TRP A 7 1.04 3.97 11.60
CA TRP A 7 1.17 2.54 11.40
C TRP A 7 2.23 2.22 10.37
N ALA A 8 2.43 3.11 9.40
CA ALA A 8 3.51 2.98 8.44
C ALA A 8 4.84 2.96 9.16
N GLU A 9 5.03 3.94 10.05
CA GLU A 9 6.23 4.01 10.88
C GLU A 9 6.38 2.73 11.71
N LYS A 10 5.27 2.25 12.26
CA LYS A 10 5.27 1.05 13.07
C LYS A 10 5.71 -0.15 12.23
N PHE A 11 5.12 -0.28 11.04
CA PHE A 11 5.48 -1.33 10.10
C PHE A 11 6.95 -1.22 9.72
N LEU A 12 7.38 -0.03 9.33
CA LEU A 12 8.75 0.20 8.92
C LEU A 12 9.73 -0.11 10.05
N LYS A 13 9.33 0.17 11.29
CA LYS A 13 10.18 -0.11 12.43
C LYS A 13 10.23 -1.61 12.72
N SER A 14 9.09 -2.29 12.63
CA SER A 14 9.08 -3.73 12.81
C SER A 14 9.80 -4.44 11.68
N LYS A 15 9.79 -3.82 10.50
CA LYS A 15 10.49 -4.34 9.35
C LYS A 15 11.98 -4.04 9.46
N GLU A 16 12.29 -2.91 10.09
CA GLU A 16 13.67 -2.52 10.37
C GLU A 16 14.31 -3.53 11.30
N ALA A 17 13.55 -3.98 12.29
CA ALA A 17 14.01 -5.01 13.23
C ALA A 17 13.89 -6.40 12.61
N ASP A 18 13.08 -6.50 11.56
CA ASP A 18 12.88 -7.77 10.84
C ASP A 18 14.15 -8.17 10.10
N GLY A 19 15.00 -7.19 9.84
CA GLY A 19 16.27 -7.47 9.20
C GLY A 19 16.26 -7.08 7.73
N VAL A 20 16.25 -5.79 7.47
CA VAL A 20 16.24 -5.30 6.11
C VAL A 20 17.42 -4.36 5.86
N SER A 21 17.91 -4.36 4.63
CA SER A 21 18.99 -3.47 4.25
C SER A 21 18.46 -2.05 4.07
N VAL A 22 19.36 -1.08 4.07
CA VAL A 22 18.99 0.33 3.97
C VAL A 22 18.18 0.60 2.71
N SER A 23 18.64 0.07 1.58
CA SER A 23 17.97 0.31 0.30
C SER A 23 16.57 -0.31 0.29
N GLN A 24 16.41 -1.43 0.99
CA GLN A 24 15.11 -2.09 1.05
C GLN A 24 14.12 -1.26 1.87
N LEU A 25 14.60 -0.73 2.98
CA LEU A 25 13.77 0.11 3.83
C LEU A 25 13.59 1.49 3.19
N ASN A 26 14.57 1.87 2.38
CA ASN A 26 14.53 3.11 1.63
C ASN A 26 13.40 3.09 0.61
N SER A 27 13.29 2.00 -0.14
CA SER A 27 12.25 1.86 -1.13
C SER A 27 10.88 1.81 -0.46
N TYR A 28 10.80 1.18 0.71
CA TYR A 28 9.57 1.18 1.50
C TYR A 28 9.14 2.61 1.81
N LYS A 29 10.10 3.44 2.20
CA LYS A 29 9.83 4.84 2.46
C LYS A 29 9.37 5.55 1.20
N ASN A 30 9.96 5.18 0.07
CA ASN A 30 9.62 5.79 -1.21
C ASN A 30 8.16 5.52 -1.58
N TYR A 31 7.70 4.30 -1.37
CA TYR A 31 6.30 3.96 -1.63
C TYR A 31 5.38 4.84 -0.79
N CYS A 32 5.72 4.96 0.49
CA CYS A 32 4.90 5.68 1.45
C CYS A 32 4.94 7.20 1.21
N ARG A 33 6.13 7.73 0.96
CA ARG A 33 6.32 9.17 0.86
C ARG A 33 6.00 9.70 -0.54
N ASN A 34 5.76 8.81 -1.50
CA ASN A 34 5.43 9.22 -2.86
C ASN A 34 3.98 8.90 -3.21
N HIS A 35 3.63 7.63 -3.18
CA HIS A 35 2.29 7.21 -3.59
C HIS A 35 1.30 7.25 -2.45
N LEU A 36 1.75 6.94 -1.25
CA LEU A 36 0.87 6.88 -0.10
C LEU A 36 0.80 8.22 0.62
N SER A 37 1.32 9.26 -0.03
CA SER A 37 1.32 10.61 0.54
C SER A 37 -0.08 11.04 1.03
N PRO A 38 -1.14 10.89 0.19
CA PRO A 38 -2.51 11.24 0.61
C PRO A 38 -2.96 10.45 1.85
N LEU A 39 -2.62 9.17 1.88
CA LEU A 39 -3.09 8.29 2.95
C LEU A 39 -2.25 8.45 4.22
N TYR A 40 -0.99 8.81 4.05
CA TYR A 40 -0.04 8.94 5.16
C TYR A 40 -0.60 9.86 6.26
N MET A 41 -1.25 10.94 5.85
CA MET A 41 -1.76 11.93 6.80
C MET A 41 -3.19 11.60 7.23
N LYS A 42 -3.75 10.52 6.69
CA LYS A 42 -5.10 10.11 7.03
C LYS A 42 -5.08 9.14 8.21
N SER A 43 -6.23 8.99 8.84
CA SER A 43 -6.38 7.98 9.87
C SER A 43 -6.66 6.64 9.21
N LEU A 44 -6.33 5.56 9.90
CA LEU A 44 -6.52 4.22 9.38
C LEU A 44 -8.01 3.95 9.13
N SER A 45 -8.86 4.67 9.85
CA SER A 45 -10.30 4.55 9.70
C SER A 45 -10.83 5.45 8.57
N GLU A 46 -10.00 6.40 8.14
CA GLU A 46 -10.42 7.37 7.12
C GLU A 46 -10.04 6.88 5.72
N ILE A 47 -9.50 5.68 5.64
CA ILE A 47 -9.05 5.14 4.37
C ILE A 47 -10.12 4.27 3.74
N LEU A 48 -10.58 4.69 2.57
CA LEU A 48 -11.61 3.97 1.84
C LEU A 48 -10.96 3.08 0.78
N PRO A 49 -11.46 1.84 0.61
CA PRO A 49 -10.97 0.92 -0.41
C PRO A 49 -11.04 1.51 -1.82
N ALA A 50 -12.08 2.29 -2.07
CA ALA A 50 -12.26 2.92 -3.37
C ALA A 50 -11.22 4.03 -3.60
N ASP A 51 -10.79 4.66 -2.52
CA ASP A 51 -9.81 5.73 -2.60
C ASP A 51 -8.45 5.16 -3.03
N ILE A 52 -8.10 4.01 -2.48
CA ILE A 52 -6.88 3.32 -2.86
C ILE A 52 -7.00 2.83 -4.30
N GLN A 53 -8.16 2.28 -4.63
CA GLN A 53 -8.45 1.83 -5.99
C GLN A 53 -8.24 2.95 -6.99
N SER A 54 -8.68 4.16 -6.63
CA SER A 54 -8.53 5.32 -7.47
C SER A 54 -7.05 5.58 -7.76
N ILE A 55 -6.24 5.55 -6.71
CA ILE A 55 -4.80 5.79 -6.85
C ILE A 55 -4.18 4.84 -7.87
N ILE A 56 -4.43 3.55 -7.69
CA ILE A 56 -3.88 2.53 -8.58
C ILE A 56 -4.37 2.70 -10.02
N ASN A 57 -5.64 3.06 -10.16
CA ASN A 57 -6.24 3.24 -11.48
C ASN A 57 -5.67 4.48 -12.17
N GLU A 58 -5.46 5.54 -11.39
CA GLU A 58 -4.97 6.82 -11.93
C GLU A 58 -3.46 6.78 -12.13
N THR A 59 -2.81 5.73 -11.64
CA THR A 59 -1.38 5.55 -11.84
C THR A 59 -1.11 4.75 -13.12
N LYS A 60 -0.32 5.33 -14.01
CA LYS A 60 0.03 4.64 -15.25
C LYS A 60 1.42 4.01 -15.14
N LEU A 61 1.46 2.85 -14.51
CA LEU A 61 2.71 2.11 -14.35
C LEU A 61 2.49 0.65 -14.73
N ALA A 62 3.51 -0.17 -14.55
CA ALA A 62 3.41 -1.59 -14.83
C ALA A 62 2.56 -2.28 -13.76
N LYS A 63 1.80 -3.29 -14.17
CA LYS A 63 0.95 -4.04 -13.25
C LYS A 63 1.76 -4.64 -12.10
N ASN A 64 3.02 -4.95 -12.38
CA ASN A 64 3.92 -5.51 -11.37
C ASN A 64 4.23 -4.47 -10.30
N THR A 65 4.45 -3.24 -10.75
CA THR A 65 4.74 -2.13 -9.84
C THR A 65 3.53 -1.82 -8.98
N LEU A 66 2.34 -1.94 -9.57
CA LEU A 66 1.09 -1.71 -8.86
C LEU A 66 0.90 -2.75 -7.75
N LYS A 67 1.33 -3.99 -8.03
CA LYS A 67 1.25 -5.05 -7.04
C LYS A 67 2.22 -4.82 -5.90
N ALA A 68 3.32 -4.12 -6.20
CA ALA A 68 4.30 -3.76 -5.17
C ALA A 68 3.68 -2.79 -4.17
N ILE A 69 2.96 -1.80 -4.70
CA ILE A 69 2.25 -0.83 -3.86
C ILE A 69 1.16 -1.55 -3.07
N ARG A 70 0.38 -2.37 -3.78
CA ARG A 70 -0.63 -3.22 -3.15
C ARG A 70 -0.04 -4.04 -2.01
N ASN A 71 1.13 -4.62 -2.26
CA ASN A 71 1.78 -5.49 -1.29
C ASN A 71 2.13 -4.75 -0.01
N THR A 72 2.88 -3.66 -0.13
CA THR A 72 3.35 -2.94 1.05
C THR A 72 2.18 -2.31 1.81
N ALA A 73 1.14 -1.91 1.09
CA ALA A 73 -0.04 -1.33 1.72
C ALA A 73 -0.81 -2.40 2.48
N SER A 74 -1.01 -3.54 1.83
CA SER A 74 -1.73 -4.65 2.44
C SER A 74 -1.01 -5.13 3.69
N GLN A 75 0.32 -5.13 3.65
CA GLN A 75 1.12 -5.49 4.82
C GLN A 75 0.82 -4.56 6.00
N ILE A 76 0.76 -3.26 5.74
CA ILE A 76 0.46 -2.29 6.78
C ILE A 76 -0.96 -2.50 7.31
N PHE A 77 -1.92 -2.62 6.40
CA PHE A 77 -3.31 -2.81 6.79
C PHE A 77 -3.51 -4.11 7.56
N ARG A 78 -2.95 -5.20 7.08
CA ARG A 78 -3.15 -6.49 7.73
C ARG A 78 -2.36 -6.58 9.02
N LEU A 79 -1.32 -5.75 9.15
CA LEU A 79 -0.57 -5.64 10.39
C LEU A 79 -1.49 -5.12 11.48
N ALA A 80 -2.31 -4.13 11.12
CA ALA A 80 -3.30 -3.58 12.03
C ALA A 80 -4.35 -4.63 12.36
N ILE A 81 -4.62 -5.51 11.41
CA ILE A 81 -5.54 -6.62 11.63
C ILE A 81 -4.97 -7.59 12.66
N GLU A 82 -3.67 -7.88 12.53
CA GLU A 82 -2.98 -8.75 13.48
C GLU A 82 -2.96 -8.13 14.88
N ASN A 83 -2.98 -6.79 14.91
CA ASN A 83 -2.94 -6.06 16.18
C ASN A 83 -4.35 -5.72 16.66
N ARG A 84 -5.34 -6.16 15.88
CA ARG A 84 -6.75 -5.90 16.17
C ARG A 84 -7.07 -4.41 16.28
N ALA A 85 -6.39 -3.61 15.46
CA ALA A 85 -6.70 -2.20 15.37
C ALA A 85 -7.88 -1.99 14.44
N ILE A 86 -7.95 -2.86 13.44
CA ILE A 86 -9.02 -2.83 12.46
C ILE A 86 -9.13 -4.20 11.78
N ASP A 87 -10.30 -4.78 11.80
CA ASP A 87 -10.50 -6.08 11.15
C ASP A 87 -11.15 -5.87 9.79
N PHE A 88 -10.38 -5.27 8.89
CA PHE A 88 -10.85 -4.98 7.55
C PHE A 88 -9.66 -4.55 6.70
N ASN A 89 -9.47 -5.20 5.56
CA ASN A 89 -8.38 -4.85 4.67
C ASN A 89 -8.93 -4.18 3.41
N PRO A 90 -8.94 -2.83 3.39
CA PRO A 90 -9.44 -2.07 2.25
C PRO A 90 -8.59 -2.27 1.00
N ALA A 91 -7.32 -2.61 1.20
CA ALA A 91 -6.39 -2.79 0.10
C ALA A 91 -6.69 -4.08 -0.65
N ASP A 92 -7.40 -4.99 0.01
CA ASP A 92 -7.78 -6.26 -0.61
C ASP A 92 -8.84 -6.02 -1.67
N TYR A 93 -9.58 -4.93 -1.52
CA TYR A 93 -10.62 -4.56 -2.47
C TYR A 93 -10.04 -3.81 -3.65
N VAL A 94 -8.73 -3.60 -3.61
CA VAL A 94 -8.04 -2.90 -4.67
C VAL A 94 -7.59 -3.88 -5.74
N ARG A 95 -8.20 -3.77 -6.91
CA ARG A 95 -7.88 -4.63 -8.03
C ARG A 95 -6.69 -4.08 -8.77
N ILE A 96 -5.82 -4.97 -9.22
CA ILE A 96 -4.64 -4.57 -9.98
C ILE A 96 -4.94 -4.72 -11.47
N PRO A 97 -4.98 -3.60 -12.20
CA PRO A 97 -5.29 -3.59 -13.63
C PRO A 97 -4.27 -4.39 -14.44
N LYS A 98 -4.78 -5.27 -15.27
CA LYS A 98 -3.92 -6.08 -16.13
C LYS A 98 -4.08 -5.63 -17.57
N ILE A 99 -4.15 -4.31 -17.74
CA ILE A 99 -4.40 -3.73 -19.04
C ILE A 99 -3.13 -3.73 -19.89
N ALA A 100 -2.79 -4.91 -20.39
CA ALA A 100 -1.70 -5.08 -21.35
C ALA A 100 -2.25 -5.75 -22.60
N LEU A 101 -3.56 -5.75 -22.67
CA LEU A 101 -4.29 -6.39 -23.75
C LEU A 101 -5.28 -5.40 -24.35
N GLU A 102 -4.90 -4.12 -24.30
CA GLU A 102 -5.73 -3.00 -24.73
C GLU A 102 -6.75 -2.65 -23.64
N HIS A 103 -7.15 -1.37 -23.61
CA HIS A 103 -8.00 -0.86 -22.56
C HIS A 103 -9.45 -0.78 -23.03
N HIS A 104 -10.36 -1.19 -22.17
CA HIS A 104 -11.79 -1.06 -22.43
C HIS A 104 -12.54 -0.75 -21.12
N HIS A 105 -11.81 -0.19 -20.18
CA HIS A 105 -12.40 0.32 -18.94
C HIS A 105 -13.11 1.64 -19.22
N HIS A 106 -14.37 1.55 -19.62
CA HIS A 106 -15.15 2.74 -19.92
C HIS A 106 -16.32 2.87 -18.97
N HIS A 107 -16.37 3.97 -18.26
CA HIS A 107 -17.43 4.23 -17.28
C HIS A 107 -18.63 4.86 -17.97
N HIS A 108 -19.80 4.33 -17.71
CA HIS A 108 -21.03 4.84 -18.29
C HIS A 108 -22.22 4.39 -17.46
N ARG A 1 -5.51 2.41 18.15
CA ARG A 1 -5.55 3.85 17.86
C ARG A 1 -4.62 4.15 16.69
N ASP A 2 -4.06 5.36 16.66
CA ASP A 2 -3.06 5.75 15.66
C ASP A 2 -3.69 5.98 14.29
N SER A 3 -3.00 6.74 13.45
CA SER A 3 -3.46 6.97 12.09
C SER A 3 -2.69 6.06 11.15
N PHE A 4 -2.98 6.14 9.86
CA PHE A 4 -2.34 5.26 8.88
C PHE A 4 -0.85 5.53 8.84
N GLY A 5 -0.47 6.80 9.01
CA GLY A 5 0.93 7.16 9.03
C GLY A 5 1.70 6.47 10.14
N ASP A 6 1.06 6.34 11.29
CA ASP A 6 1.68 5.70 12.45
C ASP A 6 1.92 4.22 12.18
N TRP A 7 0.93 3.57 11.57
CA TRP A 7 1.03 2.16 11.24
C TRP A 7 1.98 1.95 10.07
N ALA A 8 1.99 2.89 9.14
CA ALA A 8 2.92 2.85 8.01
C ALA A 8 4.35 2.88 8.51
N GLU A 9 4.61 3.76 9.47
CA GLU A 9 5.91 3.85 10.13
C GLU A 9 6.24 2.53 10.81
N LYS A 10 5.27 1.98 11.52
CA LYS A 10 5.41 0.71 12.22
C LYS A 10 5.80 -0.40 11.23
N PHE A 11 5.14 -0.40 10.08
CA PHE A 11 5.44 -1.34 9.01
C PHE A 11 6.87 -1.14 8.51
N LEU A 12 7.21 0.10 8.21
CA LEU A 12 8.55 0.43 7.72
C LEU A 12 9.62 -0.03 8.69
N LYS A 13 9.35 0.16 9.98
CA LYS A 13 10.33 -0.16 11.00
C LYS A 13 10.38 -1.66 11.28
N SER A 14 9.27 -2.36 11.07
CA SER A 14 9.26 -3.80 11.27
C SER A 14 10.17 -4.48 10.25
N LYS A 15 10.27 -3.88 9.06
CA LYS A 15 11.22 -4.36 8.05
C LYS A 15 12.63 -3.87 8.37
N GLU A 16 12.73 -2.61 8.77
CA GLU A 16 14.00 -2.02 9.21
C GLU A 16 14.66 -2.90 10.29
N ALA A 17 13.88 -3.25 11.30
CA ALA A 17 14.37 -4.06 12.41
C ALA A 17 14.56 -5.51 12.01
N ASP A 18 13.74 -5.98 11.06
CA ASP A 18 13.82 -7.36 10.59
C ASP A 18 15.17 -7.62 9.95
N GLY A 19 15.67 -6.66 9.20
CA GLY A 19 16.98 -6.77 8.61
C GLY A 19 16.96 -6.69 7.10
N VAL A 20 16.05 -5.90 6.54
CA VAL A 20 16.01 -5.69 5.10
C VAL A 20 17.05 -4.64 4.70
N SER A 21 17.62 -4.80 3.52
CA SER A 21 18.64 -3.88 3.05
C SER A 21 18.05 -2.50 2.78
N VAL A 22 18.91 -1.49 2.84
CA VAL A 22 18.50 -0.11 2.65
C VAL A 22 17.81 0.10 1.30
N SER A 23 18.25 -0.65 0.28
CA SER A 23 17.65 -0.58 -1.04
C SER A 23 16.17 -0.96 -0.98
N GLN A 24 15.86 -1.98 -0.18
CA GLN A 24 14.49 -2.45 -0.04
C GLN A 24 13.71 -1.48 0.84
N LEU A 25 14.35 -0.98 1.88
CA LEU A 25 13.72 -0.02 2.79
C LEU A 25 13.38 1.26 2.03
N ASN A 26 14.28 1.69 1.14
CA ASN A 26 14.04 2.85 0.29
C ASN A 26 12.86 2.61 -0.62
N SER A 27 12.73 1.38 -1.11
CA SER A 27 11.61 1.03 -1.97
C SER A 27 10.29 1.24 -1.24
N TYR A 28 10.27 0.84 0.04
CA TYR A 28 9.09 1.04 0.88
C TYR A 28 8.77 2.52 1.01
N LYS A 29 9.80 3.35 1.03
CA LYS A 29 9.63 4.80 1.07
C LYS A 29 8.93 5.29 -0.20
N ASN A 30 9.30 4.70 -1.34
CA ASN A 30 8.67 5.04 -2.61
C ASN A 30 7.17 4.74 -2.56
N TYR A 31 6.81 3.68 -1.85
CA TYR A 31 5.41 3.32 -1.71
C TYR A 31 4.72 4.17 -0.65
N CYS A 32 5.18 4.06 0.58
CA CYS A 32 4.49 4.67 1.71
C CYS A 32 4.58 6.20 1.68
N ARG A 33 5.77 6.73 1.51
CA ARG A 33 5.97 8.17 1.65
C ARG A 33 5.59 8.91 0.37
N ASN A 34 5.91 8.31 -0.77
CA ASN A 34 5.73 9.01 -2.05
C ASN A 34 4.36 8.74 -2.67
N HIS A 35 3.90 7.49 -2.62
CA HIS A 35 2.60 7.15 -3.16
C HIS A 35 1.48 7.32 -2.13
N LEU A 36 1.69 6.77 -0.95
CA LEU A 36 0.67 6.77 0.11
C LEU A 36 0.72 8.07 0.92
N SER A 37 1.20 9.14 0.28
CA SER A 37 1.34 10.45 0.93
C SER A 37 0.01 10.92 1.56
N PRO A 38 -1.11 10.93 0.80
CA PRO A 38 -2.41 11.33 1.35
C PRO A 38 -2.85 10.45 2.51
N LEU A 39 -2.56 9.16 2.40
CA LEU A 39 -2.99 8.19 3.40
C LEU A 39 -2.24 8.38 4.72
N TYR A 40 -1.05 8.96 4.63
CA TYR A 40 -0.21 9.20 5.81
C TYR A 40 -0.94 10.09 6.82
N MET A 41 -1.75 11.01 6.33
CA MET A 41 -2.48 11.93 7.20
C MET A 41 -3.90 11.44 7.42
N LYS A 42 -4.21 10.28 6.86
CA LYS A 42 -5.53 9.70 6.97
C LYS A 42 -5.53 8.58 8.01
N SER A 43 -6.72 8.13 8.38
CA SER A 43 -6.84 7.04 9.34
C SER A 43 -7.37 5.81 8.63
N LEU A 44 -6.78 4.66 8.92
CA LEU A 44 -7.12 3.42 8.23
C LEU A 44 -8.59 3.03 8.42
N SER A 45 -9.26 3.68 9.36
CA SER A 45 -10.66 3.42 9.61
C SER A 45 -11.54 4.29 8.72
N GLU A 46 -10.95 5.32 8.10
CA GLU A 46 -11.70 6.21 7.21
C GLU A 46 -11.06 6.24 5.82
N ILE A 47 -10.15 5.31 5.57
CA ILE A 47 -9.56 5.14 4.24
C ILE A 47 -10.39 4.14 3.44
N LEU A 48 -10.89 4.60 2.29
CA LEU A 48 -11.72 3.76 1.44
C LEU A 48 -10.84 2.91 0.51
N PRO A 49 -11.30 1.70 0.17
CA PRO A 49 -10.62 0.85 -0.81
C PRO A 49 -10.53 1.53 -2.17
N ALA A 50 -11.52 2.36 -2.47
CA ALA A 50 -11.56 3.11 -3.72
C ALA A 50 -10.59 4.28 -3.69
N ASP A 51 -10.22 4.70 -2.48
CA ASP A 51 -9.27 5.79 -2.30
C ASP A 51 -7.88 5.30 -2.69
N ILE A 52 -7.52 4.13 -2.16
CA ILE A 52 -6.27 3.47 -2.52
C ILE A 52 -6.32 3.09 -4.01
N GLN A 53 -7.50 2.65 -4.45
CA GLN A 53 -7.75 2.31 -5.84
C GLN A 53 -7.36 3.47 -6.76
N SER A 54 -7.75 4.67 -6.36
CA SER A 54 -7.43 5.88 -7.11
C SER A 54 -5.92 6.04 -7.25
N ILE A 55 -5.22 5.88 -6.14
CA ILE A 55 -3.75 5.96 -6.14
C ILE A 55 -3.15 4.96 -7.12
N ILE A 56 -3.60 3.71 -7.03
CA ILE A 56 -3.11 2.66 -7.91
C ILE A 56 -3.33 3.00 -9.39
N ASN A 57 -4.50 3.54 -9.69
CA ASN A 57 -4.86 3.86 -11.06
C ASN A 57 -4.07 5.05 -11.59
N GLU A 58 -3.71 5.97 -10.70
CA GLU A 58 -2.98 7.17 -11.10
C GLU A 58 -1.47 6.93 -11.06
N THR A 59 -1.06 5.77 -10.58
CA THR A 59 0.34 5.41 -10.56
C THR A 59 0.81 4.93 -11.94
N LYS A 60 1.66 5.73 -12.58
CA LYS A 60 2.22 5.34 -13.85
C LYS A 60 3.57 4.66 -13.64
N LEU A 61 3.53 3.37 -13.35
CA LEU A 61 4.72 2.58 -13.11
C LEU A 61 4.51 1.16 -13.63
N ALA A 62 5.49 0.30 -13.40
CA ALA A 62 5.39 -1.09 -13.82
C ALA A 62 4.24 -1.80 -13.10
N LYS A 63 3.64 -2.78 -13.78
CA LYS A 63 2.49 -3.51 -13.24
C LYS A 63 2.84 -4.23 -11.94
N ASN A 64 4.09 -4.66 -11.81
CA ASN A 64 4.55 -5.29 -10.58
C ASN A 64 4.56 -4.28 -9.43
N THR A 65 4.98 -3.05 -9.73
CA THR A 65 5.00 -2.00 -8.73
C THR A 65 3.59 -1.66 -8.25
N LEU A 66 2.64 -1.66 -9.18
CA LEU A 66 1.24 -1.42 -8.85
C LEU A 66 0.76 -2.41 -7.80
N LYS A 67 1.04 -3.69 -8.05
CA LYS A 67 0.70 -4.76 -7.12
C LYS A 67 1.46 -4.59 -5.81
N ALA A 68 2.73 -4.20 -5.92
CA ALA A 68 3.57 -4.01 -4.75
C ALA A 68 3.08 -2.88 -3.85
N ILE A 69 2.51 -1.84 -4.45
CA ILE A 69 1.92 -0.74 -3.68
C ILE A 69 0.76 -1.26 -2.85
N ARG A 70 -0.15 -1.99 -3.50
CA ARG A 70 -1.26 -2.62 -2.80
C ARG A 70 -0.75 -3.61 -1.77
N ASN A 71 0.23 -4.41 -2.15
CA ASN A 71 0.85 -5.39 -1.27
C ASN A 71 1.39 -4.71 -0.01
N THR A 72 2.13 -3.63 -0.21
CA THR A 72 2.66 -2.84 0.90
C THR A 72 1.54 -2.35 1.81
N ALA A 73 0.53 -1.73 1.21
CA ALA A 73 -0.59 -1.19 1.96
C ALA A 73 -1.34 -2.29 2.72
N SER A 74 -1.56 -3.43 2.07
CA SER A 74 -2.32 -4.51 2.67
C SER A 74 -1.62 -5.08 3.90
N GLN A 75 -0.29 -5.03 3.92
CA GLN A 75 0.46 -5.47 5.10
C GLN A 75 0.29 -4.47 6.24
N ILE A 76 0.26 -3.19 5.91
CA ILE A 76 0.05 -2.14 6.90
C ILE A 76 -1.31 -2.31 7.58
N PHE A 77 -2.34 -2.55 6.77
CA PHE A 77 -3.68 -2.78 7.30
C PHE A 77 -3.74 -4.08 8.10
N ARG A 78 -3.03 -5.10 7.62
CA ARG A 78 -2.94 -6.36 8.35
C ARG A 78 -2.34 -6.14 9.73
N LEU A 79 -1.25 -5.37 9.77
CA LEU A 79 -0.58 -5.05 11.01
C LEU A 79 -1.55 -4.41 12.01
N ALA A 80 -2.47 -3.61 11.47
CA ALA A 80 -3.51 -3.01 12.28
C ALA A 80 -4.51 -4.06 12.76
N ILE A 81 -4.93 -4.94 11.84
CA ILE A 81 -5.84 -6.03 12.16
C ILE A 81 -5.28 -6.90 13.30
N GLU A 82 -4.01 -7.25 13.18
CA GLU A 82 -3.35 -8.12 14.15
C GLU A 82 -3.29 -7.47 15.52
N ASN A 83 -3.28 -6.14 15.55
CA ASN A 83 -3.20 -5.40 16.81
C ASN A 83 -4.58 -4.91 17.25
N ARG A 84 -5.62 -5.46 16.64
CA ARG A 84 -7.01 -5.15 17.00
C ARG A 84 -7.38 -3.70 16.71
N ALA A 85 -6.74 -3.10 15.73
CA ALA A 85 -7.05 -1.74 15.34
C ALA A 85 -8.22 -1.71 14.36
N ILE A 86 -8.23 -2.68 13.46
CA ILE A 86 -9.27 -2.78 12.45
C ILE A 86 -9.55 -4.25 12.15
N ASP A 87 -10.75 -4.56 11.68
CA ASP A 87 -11.15 -5.96 11.46
C ASP A 87 -11.13 -6.34 9.99
N PHE A 88 -10.82 -5.40 9.12
CA PHE A 88 -10.85 -5.64 7.69
C PHE A 88 -9.70 -4.95 6.98
N ASN A 89 -9.44 -5.34 5.75
CA ASN A 89 -8.33 -4.81 4.99
C ASN A 89 -8.82 -4.09 3.73
N PRO A 90 -8.86 -2.75 3.76
CA PRO A 90 -9.29 -1.95 2.61
C PRO A 90 -8.42 -2.19 1.36
N ALA A 91 -7.14 -2.46 1.57
CA ALA A 91 -6.22 -2.67 0.47
C ALA A 91 -6.44 -4.03 -0.17
N ASP A 92 -7.09 -4.92 0.56
CA ASP A 92 -7.41 -6.25 0.07
C ASP A 92 -8.50 -6.18 -0.99
N TYR A 93 -9.24 -5.07 -0.98
CA TYR A 93 -10.35 -4.87 -1.91
C TYR A 93 -9.91 -4.07 -3.13
N VAL A 94 -8.64 -3.72 -3.19
CA VAL A 94 -8.13 -2.94 -4.31
C VAL A 94 -8.07 -3.78 -5.57
N ARG A 95 -8.74 -3.34 -6.62
CA ARG A 95 -8.74 -4.05 -7.89
C ARG A 95 -7.53 -3.61 -8.70
N ILE A 96 -6.50 -4.46 -8.71
CA ILE A 96 -5.32 -4.19 -9.53
C ILE A 96 -5.68 -4.38 -11.00
N PRO A 97 -5.32 -3.40 -11.84
CA PRO A 97 -5.67 -3.43 -13.25
C PRO A 97 -4.72 -4.28 -14.09
N LYS A 98 -5.25 -4.87 -15.15
CA LYS A 98 -4.44 -5.62 -16.08
C LYS A 98 -4.18 -4.77 -17.31
N ILE A 99 -5.21 -4.03 -17.72
CA ILE A 99 -5.14 -3.10 -18.83
C ILE A 99 -4.77 -3.79 -20.13
N ALA A 100 -5.80 -4.25 -20.84
CA ALA A 100 -5.60 -4.87 -22.14
C ALA A 100 -5.62 -3.80 -23.21
N LEU A 101 -4.47 -3.55 -23.81
CA LEU A 101 -4.33 -2.53 -24.82
C LEU A 101 -5.18 -2.87 -26.05
N GLU A 102 -6.18 -2.04 -26.29
CA GLU A 102 -7.17 -2.29 -27.31
C GLU A 102 -7.81 -0.99 -27.74
N HIS A 103 -8.19 -0.19 -26.75
CA HIS A 103 -8.95 1.04 -26.96
C HIS A 103 -8.33 1.89 -28.06
N HIS A 104 -9.01 1.95 -29.19
CA HIS A 104 -8.47 2.61 -30.37
C HIS A 104 -8.82 4.08 -30.39
N HIS A 105 -7.89 4.91 -29.91
CA HIS A 105 -8.02 6.37 -29.95
C HIS A 105 -9.25 6.82 -29.15
N HIS A 106 -9.62 6.07 -28.13
CA HIS A 106 -10.77 6.42 -27.32
C HIS A 106 -10.39 7.44 -26.25
N HIS A 107 -9.11 7.81 -26.22
CA HIS A 107 -8.63 8.84 -25.32
C HIS A 107 -7.57 9.68 -26.02
N HIS A 108 -7.22 10.78 -25.40
CA HIS A 108 -6.11 11.59 -25.88
C HIS A 108 -5.17 11.89 -24.72
N ARG A 1 -7.95 6.31 17.65
CA ARG A 1 -7.85 7.01 16.35
C ARG A 1 -6.39 7.15 15.95
N ASP A 2 -5.92 6.22 15.13
CA ASP A 2 -4.53 6.23 14.71
C ASP A 2 -4.42 6.58 13.24
N SER A 3 -3.33 7.23 12.87
CA SER A 3 -3.10 7.61 11.50
C SER A 3 -2.36 6.51 10.75
N PHE A 4 -2.66 6.37 9.46
CA PHE A 4 -2.00 5.39 8.62
C PHE A 4 -0.50 5.66 8.57
N GLY A 5 -0.13 6.93 8.68
CA GLY A 5 1.26 7.33 8.68
C GLY A 5 2.04 6.69 9.81
N ASP A 6 1.37 6.46 10.94
CA ASP A 6 2.03 5.84 12.08
C ASP A 6 2.15 4.34 11.90
N TRP A 7 1.04 3.70 11.52
CA TRP A 7 1.03 2.25 11.30
C TRP A 7 1.97 1.87 10.17
N ALA A 8 2.04 2.70 9.15
CA ALA A 8 2.95 2.47 8.04
C ALA A 8 4.41 2.52 8.51
N GLU A 9 4.74 3.58 9.23
CA GLU A 9 6.09 3.72 9.77
C GLU A 9 6.38 2.60 10.76
N LYS A 10 5.34 2.18 11.49
CA LYS A 10 5.45 1.07 12.43
C LYS A 10 5.89 -0.19 11.71
N PHE A 11 5.28 -0.46 10.55
CA PHE A 11 5.62 -1.63 9.76
C PHE A 11 7.00 -1.48 9.15
N LEU A 12 7.31 -0.28 8.68
CA LEU A 12 8.61 0.00 8.08
C LEU A 12 9.71 -0.15 9.12
N LYS A 13 9.41 0.19 10.36
CA LYS A 13 10.39 0.17 11.42
C LYS A 13 10.52 -1.23 12.02
N SER A 14 9.42 -1.96 12.06
CA SER A 14 9.45 -3.34 12.54
C SER A 14 10.15 -4.23 11.50
N LYS A 15 10.05 -3.86 10.23
CA LYS A 15 10.75 -4.55 9.18
C LYS A 15 12.21 -4.11 9.19
N GLU A 16 12.44 -2.87 9.57
CA GLU A 16 13.78 -2.35 9.78
C GLU A 16 14.51 -3.17 10.84
N ALA A 17 13.83 -3.41 11.95
CA ALA A 17 14.38 -4.21 13.05
C ALA A 17 14.34 -5.70 12.69
N ASP A 18 13.55 -6.05 11.68
CA ASP A 18 13.46 -7.43 11.20
C ASP A 18 14.79 -7.86 10.59
N GLY A 19 15.28 -7.08 9.64
CA GLY A 19 16.55 -7.39 9.02
C GLY A 19 16.56 -7.07 7.54
N VAL A 20 16.40 -5.80 7.22
CA VAL A 20 16.41 -5.37 5.83
C VAL A 20 17.60 -4.47 5.54
N SER A 21 17.96 -4.38 4.28
CA SER A 21 19.01 -3.47 3.85
C SER A 21 18.44 -2.05 3.77
N VAL A 22 19.31 -1.06 3.97
CA VAL A 22 18.90 0.34 3.87
C VAL A 22 18.30 0.62 2.50
N SER A 23 18.83 -0.04 1.48
CA SER A 23 18.33 0.12 0.11
C SER A 23 16.88 -0.36 0.04
N GLN A 24 16.60 -1.48 0.69
CA GLN A 24 15.27 -2.06 0.69
C GLN A 24 14.35 -1.26 1.60
N LEU A 25 14.91 -0.72 2.68
CA LEU A 25 14.14 0.08 3.62
C LEU A 25 13.73 1.41 2.98
N ASN A 26 14.67 2.03 2.26
CA ASN A 26 14.39 3.29 1.58
C ASN A 26 13.27 3.13 0.57
N SER A 27 13.32 2.06 -0.22
CA SER A 27 12.31 1.82 -1.23
C SER A 27 10.93 1.59 -0.59
N TYR A 28 10.89 0.91 0.55
CA TYR A 28 9.64 0.73 1.29
C TYR A 28 9.08 2.08 1.71
N LYS A 29 9.95 2.92 2.28
CA LYS A 29 9.55 4.24 2.72
C LYS A 29 9.12 5.10 1.55
N ASN A 30 9.80 4.94 0.42
CA ASN A 30 9.45 5.66 -0.80
C ASN A 30 8.05 5.28 -1.28
N TYR A 31 7.76 3.98 -1.32
CA TYR A 31 6.43 3.52 -1.67
C TYR A 31 5.39 4.12 -0.73
N CYS A 32 5.70 4.08 0.55
CA CYS A 32 4.79 4.52 1.59
C CYS A 32 4.52 6.03 1.53
N ARG A 33 5.57 6.83 1.55
CA ARG A 33 5.40 8.27 1.68
C ARG A 33 5.07 8.93 0.33
N ASN A 34 5.66 8.42 -0.73
CA ASN A 34 5.48 9.02 -2.06
C ASN A 34 4.20 8.53 -2.73
N HIS A 35 4.00 7.22 -2.79
CA HIS A 35 2.88 6.66 -3.51
C HIS A 35 1.62 6.61 -2.64
N LEU A 36 1.79 6.20 -1.38
CA LEU A 36 0.67 6.11 -0.46
C LEU A 36 0.51 7.41 0.33
N SER A 37 0.95 8.50 -0.29
CA SER A 37 0.90 9.82 0.33
C SER A 37 -0.51 10.23 0.79
N PRO A 38 -1.56 10.06 -0.05
CA PRO A 38 -2.94 10.38 0.36
C PRO A 38 -3.37 9.60 1.59
N LEU A 39 -2.89 8.37 1.69
CA LEU A 39 -3.26 7.48 2.79
C LEU A 39 -2.47 7.84 4.05
N TYR A 40 -1.21 8.21 3.84
CA TYR A 40 -0.28 8.53 4.92
C TYR A 40 -0.80 9.69 5.77
N MET A 41 -1.63 10.53 5.16
CA MET A 41 -2.15 11.72 5.83
C MET A 41 -3.55 11.48 6.41
N LYS A 42 -4.09 10.30 6.18
CA LYS A 42 -5.42 9.96 6.67
C LYS A 42 -5.35 9.08 7.91
N SER A 43 -6.47 8.92 8.58
CA SER A 43 -6.58 8.03 9.71
C SER A 43 -6.83 6.61 9.22
N LEU A 44 -6.49 5.63 10.04
CA LEU A 44 -6.61 4.22 9.67
C LEU A 44 -8.04 3.87 9.25
N SER A 45 -9.01 4.33 10.03
CA SER A 45 -10.40 3.98 9.80
C SER A 45 -11.08 4.92 8.79
N GLU A 46 -10.33 5.89 8.28
CA GLU A 46 -10.90 6.85 7.34
C GLU A 46 -10.48 6.57 5.91
N ILE A 47 -9.64 5.54 5.73
CA ILE A 47 -9.14 5.20 4.41
C ILE A 47 -10.15 4.38 3.63
N LEU A 48 -10.46 4.84 2.43
CA LEU A 48 -11.42 4.17 1.57
C LEU A 48 -10.70 3.28 0.56
N PRO A 49 -11.31 2.14 0.18
CA PRO A 49 -10.77 1.28 -0.87
C PRO A 49 -10.65 2.02 -2.20
N ALA A 50 -11.54 2.98 -2.41
CA ALA A 50 -11.53 3.79 -3.62
C ALA A 50 -10.26 4.64 -3.70
N ASP A 51 -9.73 5.02 -2.54
CA ASP A 51 -8.52 5.83 -2.48
C ASP A 51 -7.35 5.04 -3.05
N ILE A 52 -7.18 3.83 -2.54
CA ILE A 52 -6.10 2.96 -2.98
C ILE A 52 -6.30 2.57 -4.45
N GLN A 53 -7.55 2.30 -4.81
CA GLN A 53 -7.90 2.01 -6.19
C GLN A 53 -7.53 3.18 -7.09
N SER A 54 -7.81 4.39 -6.63
CA SER A 54 -7.48 5.59 -7.38
C SER A 54 -5.98 5.66 -7.60
N ILE A 55 -5.21 5.40 -6.54
CA ILE A 55 -3.75 5.40 -6.64
C ILE A 55 -3.28 4.42 -7.70
N ILE A 56 -3.81 3.21 -7.68
CA ILE A 56 -3.46 2.19 -8.66
C ILE A 56 -3.80 2.65 -10.09
N ASN A 57 -4.97 3.27 -10.22
CA ASN A 57 -5.46 3.72 -11.52
C ASN A 57 -4.65 4.91 -12.05
N GLU A 58 -4.34 5.85 -11.15
CA GLU A 58 -3.67 7.09 -11.55
C GLU A 58 -2.17 6.90 -11.72
N THR A 59 -1.63 5.81 -11.19
CA THR A 59 -0.20 5.55 -11.31
C THR A 59 0.12 4.92 -12.65
N LYS A 60 0.84 5.67 -13.47
CA LYS A 60 1.20 5.23 -14.81
C LYS A 60 2.56 4.56 -14.80
N LEU A 61 2.64 3.46 -14.09
CA LEU A 61 3.87 2.66 -14.00
C LEU A 61 3.56 1.22 -14.35
N ALA A 62 4.58 0.36 -14.23
CA ALA A 62 4.45 -1.05 -14.60
C ALA A 62 3.43 -1.78 -13.73
N LYS A 63 2.90 -2.88 -14.26
CA LYS A 63 1.87 -3.65 -13.56
C LYS A 63 2.40 -4.20 -12.24
N ASN A 64 3.66 -4.64 -12.25
CA ASN A 64 4.29 -5.18 -11.05
C ASN A 64 4.42 -4.10 -9.97
N THR A 65 4.53 -2.85 -10.39
CA THR A 65 4.64 -1.73 -9.48
C THR A 65 3.28 -1.43 -8.85
N LEU A 66 2.23 -1.52 -9.65
CA LEU A 66 0.87 -1.32 -9.18
C LEU A 66 0.52 -2.37 -8.13
N LYS A 67 0.86 -3.61 -8.42
CA LYS A 67 0.64 -4.71 -7.48
C LYS A 67 1.39 -4.45 -6.18
N ALA A 68 2.63 -3.99 -6.31
CA ALA A 68 3.47 -3.71 -5.16
C ALA A 68 2.85 -2.64 -4.26
N ILE A 69 2.25 -1.63 -4.87
CA ILE A 69 1.60 -0.56 -4.13
C ILE A 69 0.50 -1.13 -3.22
N ARG A 70 -0.38 -1.94 -3.80
CA ARG A 70 -1.46 -2.55 -3.02
C ARG A 70 -0.89 -3.52 -1.99
N ASN A 71 0.04 -4.37 -2.41
CA ASN A 71 0.67 -5.35 -1.51
C ASN A 71 1.23 -4.66 -0.27
N THR A 72 2.04 -3.63 -0.48
CA THR A 72 2.64 -2.90 0.62
C THR A 72 1.57 -2.35 1.56
N ALA A 73 0.51 -1.77 0.98
CA ALA A 73 -0.58 -1.20 1.75
C ALA A 73 -1.32 -2.27 2.54
N SER A 74 -1.58 -3.42 1.92
CA SER A 74 -2.31 -4.49 2.59
C SER A 74 -1.51 -5.04 3.77
N GLN A 75 -0.18 -5.03 3.65
CA GLN A 75 0.68 -5.43 4.76
C GLN A 75 0.50 -4.48 5.94
N ILE A 76 0.39 -3.19 5.65
CA ILE A 76 0.18 -2.18 6.68
C ILE A 76 -1.14 -2.43 7.40
N PHE A 77 -2.21 -2.59 6.64
CA PHE A 77 -3.53 -2.83 7.20
C PHE A 77 -3.56 -4.12 8.00
N ARG A 78 -2.87 -5.15 7.52
CA ARG A 78 -2.84 -6.42 8.23
C ARG A 78 -2.15 -6.28 9.57
N LEU A 79 -1.10 -5.47 9.63
CA LEU A 79 -0.42 -5.19 10.89
C LEU A 79 -1.41 -4.62 11.91
N ALA A 80 -2.27 -3.73 11.44
CA ALA A 80 -3.31 -3.14 12.28
C ALA A 80 -4.33 -4.20 12.68
N ILE A 81 -4.65 -5.10 11.76
CA ILE A 81 -5.57 -6.21 12.04
C ILE A 81 -4.98 -7.14 13.10
N GLU A 82 -3.70 -7.45 12.95
CA GLU A 82 -3.01 -8.33 13.89
C GLU A 82 -2.97 -7.71 15.29
N ASN A 83 -2.95 -6.38 15.36
CA ASN A 83 -2.92 -5.67 16.63
C ASN A 83 -4.33 -5.36 17.10
N ARG A 84 -5.31 -5.80 16.34
CA ARG A 84 -6.73 -5.55 16.61
C ARG A 84 -7.05 -4.06 16.71
N ALA A 85 -6.46 -3.29 15.80
CA ALA A 85 -6.79 -1.89 15.67
C ALA A 85 -7.95 -1.73 14.70
N ILE A 86 -8.03 -2.68 13.77
CA ILE A 86 -9.10 -2.70 12.79
C ILE A 86 -9.27 -4.14 12.30
N ASP A 87 -10.51 -4.53 12.00
CA ASP A 87 -10.78 -5.88 11.51
C ASP A 87 -11.18 -5.84 10.05
N PHE A 88 -10.75 -4.79 9.36
CA PHE A 88 -11.08 -4.59 7.96
C PHE A 88 -9.82 -4.29 7.17
N ASN A 89 -9.77 -4.79 5.94
CA ASN A 89 -8.63 -4.55 5.07
C ASN A 89 -9.12 -3.98 3.73
N PRO A 90 -9.19 -2.64 3.63
CA PRO A 90 -9.64 -1.96 2.41
C PRO A 90 -8.74 -2.25 1.22
N ALA A 91 -7.48 -2.56 1.50
CA ALA A 91 -6.50 -2.81 0.46
C ALA A 91 -6.78 -4.11 -0.25
N ASP A 92 -7.41 -5.06 0.44
CA ASP A 92 -7.71 -6.35 -0.16
C ASP A 92 -8.89 -6.22 -1.12
N TYR A 93 -9.65 -5.14 -0.99
CA TYR A 93 -10.79 -4.89 -1.87
C TYR A 93 -10.34 -4.24 -3.17
N VAL A 94 -9.09 -3.82 -3.21
CA VAL A 94 -8.53 -3.16 -4.38
C VAL A 94 -8.30 -4.16 -5.51
N ARG A 95 -8.98 -3.95 -6.62
CA ARG A 95 -8.76 -4.76 -7.81
C ARG A 95 -7.69 -4.12 -8.66
N ILE A 96 -6.75 -4.93 -9.08
CA ILE A 96 -5.73 -4.50 -10.03
C ILE A 96 -6.24 -4.83 -11.43
N PRO A 97 -6.45 -3.80 -12.27
CA PRO A 97 -7.06 -3.95 -13.59
C PRO A 97 -6.42 -5.07 -14.40
N LYS A 98 -7.26 -5.92 -14.95
CA LYS A 98 -6.80 -7.09 -15.69
C LYS A 98 -6.61 -6.76 -17.15
N ILE A 99 -6.05 -5.57 -17.40
CA ILE A 99 -5.78 -5.13 -18.75
C ILE A 99 -4.47 -5.76 -19.23
N ALA A 100 -4.51 -7.06 -19.43
CA ALA A 100 -3.36 -7.80 -19.92
C ALA A 100 -3.65 -8.37 -21.29
N LEU A 101 -3.07 -7.76 -22.31
CA LEU A 101 -3.30 -8.18 -23.68
C LEU A 101 -2.20 -9.14 -24.13
N GLU A 102 -1.32 -9.47 -23.19
CA GLU A 102 -0.24 -10.41 -23.45
C GLU A 102 -0.79 -11.80 -23.72
N HIS A 103 -0.25 -12.45 -24.72
CA HIS A 103 -0.68 -13.80 -25.07
C HIS A 103 0.07 -14.82 -24.23
N HIS A 104 0.00 -14.64 -22.91
CA HIS A 104 0.75 -15.47 -21.98
C HIS A 104 -0.18 -16.49 -21.32
N HIS A 105 -1.39 -16.58 -21.86
CA HIS A 105 -2.38 -17.54 -21.37
C HIS A 105 -2.75 -18.51 -22.50
N HIS A 106 -3.11 -19.73 -22.16
CA HIS A 106 -3.55 -20.68 -23.17
C HIS A 106 -4.94 -21.22 -22.86
N HIS A 107 -5.94 -20.52 -23.36
CA HIS A 107 -7.33 -20.96 -23.22
C HIS A 107 -8.18 -20.36 -24.34
N HIS A 108 -9.15 -21.11 -24.79
CA HIS A 108 -10.03 -20.66 -25.85
C HIS A 108 -11.33 -20.15 -25.26
#